data_6MS8
#
_entry.id   6MS8
#
_cell.length_a   85.090
_cell.length_b   85.090
_cell.length_c   221.508
_cell.angle_alpha   90.00
_cell.angle_beta   90.00
_cell.angle_gamma   120.00
#
_symmetry.space_group_name_H-M   'P 32'
#
loop_
_entity.id
_entity.type
_entity.pdbx_description
1 polymer 'Chalcone-flavonone isomerase family protein'
2 non-polymer NARINGENIN
3 water water
#
_entity_poly.entity_id   1
_entity_poly.type   'polypeptide(L)'
_entity_poly.pdbx_seq_one_letter_code
;MALPSVTALEIENYAFPPTVKPPGSTNNFFLGGAGERGIQIQDKFVKFTAIGVYLQDIAVPYLAEKWKARSAHELTDTVP
FFRDIVTGPFEKFMRVTMILPLTGHQYSEKVSENCVAIWKSLGIYTDEEAKAIDKFVSVFKDETFPPGSSILFTVSPKGL
GSLTISFSKDGSIPEVETAVIENKLLSQAVLESMIGAHGVSPAAKQSLASRLSKLFKEGGNANN
;
_entity_poly.pdbx_strand_id   A,B,C,D,E,F,G,H
#
# COMPACT_ATOMS: atom_id res chain seq x y z
N VAL A 6 -7.22 -3.46 23.66
CA VAL A 6 -7.20 -4.88 23.36
C VAL A 6 -5.94 -5.25 22.60
N THR A 7 -5.80 -6.54 22.34
CA THR A 7 -4.67 -7.06 21.63
C THR A 7 -4.86 -7.11 20.12
N ALA A 8 -3.75 -7.23 19.41
CA ALA A 8 -3.81 -7.33 17.98
C ALA A 8 -4.07 -8.80 17.69
N LEU A 9 -4.45 -9.09 16.47
CA LEU A 9 -4.73 -10.43 15.99
C LEU A 9 -4.09 -10.61 14.63
N GLU A 10 -3.62 -11.82 14.39
CA GLU A 10 -3.01 -12.19 13.12
C GLU A 10 -3.80 -13.35 12.57
N ILE A 11 -4.36 -13.16 11.36
CA ILE A 11 -5.23 -14.12 10.73
C ILE A 11 -4.63 -14.48 9.39
N GLU A 12 -4.25 -15.74 9.23
CA GLU A 12 -3.78 -16.27 7.97
C GLU A 12 -2.64 -15.41 7.41
N ASN A 13 -1.73 -15.01 8.29
CA ASN A 13 -0.53 -14.25 7.94
C ASN A 13 -0.85 -12.79 7.67
N TYR A 14 -2.09 -12.36 7.94
CA TYR A 14 -2.46 -10.95 7.84
C TYR A 14 -2.72 -10.41 9.25
N ALA A 15 -2.16 -9.24 9.53
CA ALA A 15 -2.16 -8.68 10.88
C ALA A 15 -3.25 -7.63 11.01
N PHE A 16 -4.05 -7.74 12.07
CA PHE A 16 -5.05 -6.71 12.34
C PHE A 16 -4.67 -5.99 13.63
N PRO A 17 -4.22 -4.75 13.58
CA PRO A 17 -3.78 -4.07 14.81
C PRO A 17 -4.97 -3.78 15.72
N PRO A 18 -4.70 -3.44 16.99
CA PRO A 18 -5.81 -3.23 17.95
C PRO A 18 -6.66 -2.01 17.68
N THR A 19 -6.12 -0.98 17.01
CA THR A 19 -6.89 0.22 16.70
C THR A 19 -6.71 0.55 15.22
N VAL A 20 -7.69 1.28 14.67
CA VAL A 20 -7.60 1.79 13.31
C VAL A 20 -8.28 3.14 13.25
N LYS A 21 -8.00 3.86 12.19
CA LYS A 21 -8.64 5.12 11.95
C LYS A 21 -9.31 5.01 10.59
N PRO A 22 -10.66 4.73 10.60
CA PRO A 22 -11.28 4.68 9.26
C PRO A 22 -11.17 6.03 8.60
N PRO A 23 -11.10 6.04 7.21
CA PRO A 23 -10.88 7.38 6.64
C PRO A 23 -11.92 8.47 6.86
N GLY A 24 -13.20 8.18 6.64
CA GLY A 24 -14.23 9.18 6.81
C GLY A 24 -14.48 9.70 8.20
N SER A 25 -14.52 8.79 9.17
CA SER A 25 -14.77 9.13 10.56
C SER A 25 -13.54 9.54 11.34
N THR A 26 -13.81 10.10 12.52
CA THR A 26 -12.80 10.57 13.45
C THR A 26 -12.99 9.98 14.84
N ASN A 27 -13.75 8.90 14.95
CA ASN A 27 -13.94 8.23 16.22
C ASN A 27 -12.84 7.20 16.46
N ASN A 28 -12.73 6.76 17.70
CA ASN A 28 -11.77 5.75 18.09
C ASN A 28 -12.37 4.37 17.89
N PHE A 29 -11.56 3.45 17.36
CA PHE A 29 -12.00 2.08 17.14
C PHE A 29 -11.01 1.11 17.76
N PHE A 30 -11.53 -0.04 18.16
CA PHE A 30 -10.71 -1.12 18.70
C PHE A 30 -11.11 -2.42 18.01
N LEU A 31 -10.15 -3.33 17.88
CA LEU A 31 -10.40 -4.61 17.22
C LEU A 31 -11.30 -5.47 18.11
N GLY A 32 -12.56 -5.63 17.70
CA GLY A 32 -13.48 -6.47 18.44
C GLY A 32 -13.20 -7.94 18.20
N GLY A 33 -12.80 -8.27 16.98
CA GLY A 33 -12.52 -9.64 16.64
C GLY A 33 -12.13 -9.75 15.18
N ALA A 34 -11.57 -10.91 14.84
CA ALA A 34 -11.14 -11.19 13.48
C ALA A 34 -11.24 -12.68 13.26
N GLY A 35 -11.45 -13.06 11.99
CA GLY A 35 -11.53 -14.46 11.65
C GLY A 35 -11.47 -14.63 10.15
N GLU A 36 -11.11 -15.83 9.73
CA GLU A 36 -11.07 -16.15 8.32
C GLU A 36 -12.50 -16.31 7.79
N ARG A 37 -12.60 -16.37 6.46
CA ARG A 37 -13.87 -16.65 5.80
C ARG A 37 -13.54 -17.64 4.69
N GLY A 38 -14.14 -18.82 4.74
CA GLY A 38 -13.88 -19.86 3.76
C GLY A 38 -15.18 -20.48 3.25
N ILE A 39 -15.05 -21.18 2.14
CA ILE A 39 -16.16 -21.91 1.54
C ILE A 39 -15.74 -23.37 1.35
N GLN A 40 -16.73 -24.26 1.26
CA GLN A 40 -16.51 -25.69 1.08
C GLN A 40 -16.70 -26.09 -0.37
N ILE A 41 -15.60 -26.47 -1.03
CA ILE A 41 -15.61 -26.92 -2.41
C ILE A 41 -14.94 -28.29 -2.49
N GLN A 42 -15.69 -29.30 -2.91
CA GLN A 42 -15.15 -30.61 -3.23
C GLN A 42 -14.21 -31.11 -2.12
N ASP A 43 -14.79 -31.37 -0.95
CA ASP A 43 -14.09 -31.89 0.22
C ASP A 43 -13.13 -30.90 0.89
N LYS A 44 -12.89 -29.71 0.34
CA LYS A 44 -11.85 -28.85 0.90
C LYS A 44 -12.47 -27.53 1.32
N PHE A 45 -11.94 -26.96 2.41
CA PHE A 45 -12.39 -25.66 2.93
C PHE A 45 -11.44 -24.60 2.39
N VAL A 46 -11.87 -23.92 1.33
CA VAL A 46 -11.03 -22.93 0.66
C VAL A 46 -11.21 -21.60 1.39
N LYS A 47 -10.12 -21.07 1.93
CA LYS A 47 -10.13 -19.81 2.66
C LYS A 47 -9.90 -18.67 1.69
N PHE A 48 -10.86 -17.76 1.60
CA PHE A 48 -10.81 -16.66 0.65
C PHE A 48 -10.41 -15.32 1.27
N THR A 49 -10.82 -15.03 2.50
CA THR A 49 -10.52 -13.72 3.06
C THR A 49 -10.26 -13.83 4.55
N ALA A 50 -9.61 -12.79 5.08
CA ALA A 50 -9.40 -12.60 6.50
C ALA A 50 -10.12 -11.32 6.89
N ILE A 51 -11.03 -11.41 7.86
CA ILE A 51 -11.95 -10.32 8.17
C ILE A 51 -11.64 -9.81 9.57
N GLY A 52 -11.54 -8.48 9.70
CA GLY A 52 -11.35 -7.84 10.97
C GLY A 52 -12.50 -6.90 11.28
N VAL A 53 -13.09 -7.06 12.47
CA VAL A 53 -14.30 -6.33 12.86
C VAL A 53 -13.88 -5.37 13.96
N TYR A 54 -13.88 -4.08 13.64
CA TYR A 54 -13.56 -3.05 14.60
C TYR A 54 -14.84 -2.37 15.08
N LEU A 55 -14.83 -1.96 16.34
CA LEU A 55 -15.99 -1.31 16.93
C LEU A 55 -15.55 0.00 17.56
N GLN A 56 -16.45 0.99 17.51
CA GLN A 56 -16.15 2.25 18.15
C GLN A 56 -16.03 2.03 19.65
N ASP A 57 -15.18 2.84 20.28
CA ASP A 57 -14.96 2.70 21.72
C ASP A 57 -16.27 2.61 22.49
N ILE A 58 -17.21 3.52 22.21
CA ILE A 58 -18.48 3.57 22.92
C ILE A 58 -19.28 2.27 22.86
N ALA A 59 -18.92 1.34 21.97
CA ALA A 59 -19.64 0.07 21.90
C ALA A 59 -19.47 -0.78 23.17
N VAL A 60 -18.41 -0.59 23.94
CA VAL A 60 -18.16 -1.47 25.09
C VAL A 60 -19.15 -1.17 26.19
N PRO A 61 -19.32 0.09 26.61
CA PRO A 61 -20.36 0.37 27.60
C PRO A 61 -21.74 -0.04 27.13
N TYR A 62 -22.09 0.28 25.88
CA TYR A 62 -23.39 -0.10 25.36
C TYR A 62 -23.60 -1.61 25.46
N LEU A 63 -22.64 -2.40 24.96
CA LEU A 63 -22.82 -3.84 24.97
C LEU A 63 -22.65 -4.42 26.37
N ALA A 64 -21.83 -3.78 27.21
CA ALA A 64 -21.60 -4.29 28.55
C ALA A 64 -22.89 -4.27 29.36
N GLU A 65 -23.74 -3.26 29.14
CA GLU A 65 -24.99 -3.19 29.89
C GLU A 65 -25.86 -4.41 29.65
N LYS A 66 -25.91 -4.87 28.40
CA LYS A 66 -26.91 -5.86 28.00
C LYS A 66 -26.38 -7.28 27.91
N TRP A 67 -25.06 -7.49 27.91
CA TRP A 67 -24.52 -8.82 27.64
C TRP A 67 -23.48 -9.22 28.68
N LYS A 68 -23.43 -8.53 29.81
CA LYS A 68 -22.56 -8.89 30.92
C LYS A 68 -23.02 -10.18 31.58
N ALA A 69 -22.04 -10.99 32.02
CA ALA A 69 -22.29 -12.17 32.83
C ALA A 69 -22.68 -13.39 31.99
N ARG A 70 -22.25 -13.41 30.73
CA ARG A 70 -22.47 -14.54 29.84
C ARG A 70 -21.16 -14.97 29.23
N SER A 71 -20.92 -16.28 29.18
CA SER A 71 -19.66 -16.81 28.71
C SER A 71 -19.53 -16.67 27.19
N ALA A 72 -18.29 -16.72 26.72
CA ALA A 72 -18.03 -16.60 25.29
C ALA A 72 -18.84 -17.62 24.53
N HIS A 73 -18.89 -18.86 25.04
CA HIS A 73 -19.70 -19.89 24.41
C HIS A 73 -21.15 -19.46 24.30
N GLU A 74 -21.69 -18.86 25.34
CA GLU A 74 -23.09 -18.41 25.32
C GLU A 74 -23.31 -17.34 24.27
N LEU A 75 -22.48 -16.29 24.28
CA LEU A 75 -22.67 -15.18 23.36
C LEU A 75 -22.60 -15.63 21.91
N THR A 76 -21.71 -16.58 21.59
CA THR A 76 -21.58 -17.07 20.22
C THR A 76 -22.91 -17.53 19.65
N ASP A 77 -23.73 -18.20 20.45
CA ASP A 77 -25.00 -18.72 19.94
C ASP A 77 -26.10 -17.69 19.98
N THR A 78 -26.02 -16.76 20.93
CA THR A 78 -27.06 -15.75 21.07
C THR A 78 -27.10 -14.92 19.80
N VAL A 79 -28.23 -14.96 19.10
CA VAL A 79 -28.36 -14.26 17.82
C VAL A 79 -28.57 -12.78 18.09
N PRO A 80 -29.31 -12.40 19.14
CA PRO A 80 -29.46 -10.97 19.46
C PRO A 80 -28.17 -10.29 19.87
N PHE A 81 -27.16 -11.03 20.34
CA PHE A 81 -25.89 -10.41 20.71
C PHE A 81 -25.21 -9.82 19.50
N PHE A 82 -25.16 -10.57 18.40
CA PHE A 82 -24.52 -10.09 17.19
C PHE A 82 -25.39 -9.06 16.48
N ARG A 83 -26.71 -9.21 16.51
CA ARG A 83 -27.58 -8.17 15.95
C ARG A 83 -27.32 -6.83 16.63
N ASP A 84 -27.03 -6.84 17.93
CA ASP A 84 -26.65 -5.60 18.61
C ASP A 84 -25.30 -5.09 18.11
N ILE A 85 -24.34 -5.98 17.90
CA ILE A 85 -23.08 -5.55 17.31
C ILE A 85 -23.33 -4.92 15.94
N VAL A 86 -24.25 -5.49 15.17
CA VAL A 86 -24.49 -4.99 13.83
C VAL A 86 -25.24 -3.67 13.86
N THR A 87 -26.30 -3.59 14.69
CA THR A 87 -27.23 -2.46 14.64
C THR A 87 -27.06 -1.45 15.77
N GLY A 88 -26.16 -1.68 16.71
CA GLY A 88 -26.01 -0.79 17.83
C GLY A 88 -25.79 0.65 17.39
N PRO A 89 -25.99 1.60 18.31
CA PRO A 89 -25.80 3.03 17.99
C PRO A 89 -24.34 3.46 18.10
N PHE A 90 -23.48 2.82 17.32
CA PHE A 90 -22.07 3.13 17.30
C PHE A 90 -21.53 2.76 15.93
N GLU A 91 -20.35 3.28 15.61
CA GLU A 91 -19.74 2.97 14.32
C GLU A 91 -19.02 1.63 14.34
N LYS A 92 -19.11 0.95 13.20
CA LYS A 92 -18.40 -0.29 12.96
C LYS A 92 -17.51 -0.13 11.74
N PHE A 93 -16.37 -0.81 11.76
CA PHE A 93 -15.41 -0.79 10.67
C PHE A 93 -14.95 -2.20 10.40
N MET A 94 -15.03 -2.62 9.14
CA MET A 94 -14.68 -3.96 8.73
C MET A 94 -13.52 -3.89 7.75
N ARG A 95 -12.47 -4.66 7.99
CA ARG A 95 -11.42 -4.85 7.00
C ARG A 95 -11.55 -6.26 6.45
N VAL A 96 -11.69 -6.36 5.14
CA VAL A 96 -11.68 -7.63 4.42
C VAL A 96 -10.42 -7.66 3.58
N THR A 97 -9.46 -8.50 3.97
CA THR A 97 -8.22 -8.67 3.24
C THR A 97 -8.25 -10.00 2.51
N MET A 98 -7.98 -9.96 1.21
CA MET A 98 -8.10 -11.14 0.37
C MET A 98 -6.93 -12.09 0.61
N ILE A 99 -7.25 -13.34 0.86
CA ILE A 99 -6.24 -14.40 0.88
C ILE A 99 -5.99 -14.92 -0.52
N LEU A 100 -7.07 -15.12 -1.28
CA LEU A 100 -7.03 -15.43 -2.70
C LEU A 100 -7.49 -14.23 -3.50
N PRO A 101 -7.05 -14.13 -4.74
CA PRO A 101 -7.44 -12.96 -5.55
C PRO A 101 -8.91 -13.00 -5.91
N LEU A 102 -9.53 -11.83 -5.87
CA LEU A 102 -10.93 -11.67 -6.25
C LEU A 102 -11.10 -10.41 -7.09
N THR A 103 -11.98 -10.49 -8.08
CA THR A 103 -12.42 -9.30 -8.79
C THR A 103 -13.55 -8.63 -8.00
N GLY A 104 -13.72 -7.33 -8.24
CA GLY A 104 -14.80 -6.62 -7.59
C GLY A 104 -16.17 -7.14 -7.96
N HIS A 105 -16.35 -7.54 -9.22
CA HIS A 105 -17.62 -8.15 -9.60
C HIS A 105 -17.87 -9.44 -8.82
N GLN A 106 -16.87 -10.32 -8.75
CA GLN A 106 -17.04 -11.55 -7.97
C GLN A 106 -17.41 -11.21 -6.52
N TYR A 107 -16.77 -10.19 -5.94
CA TYR A 107 -17.04 -9.86 -4.55
C TYR A 107 -18.42 -9.23 -4.38
N SER A 108 -18.76 -8.26 -5.24
CA SER A 108 -20.00 -7.51 -5.04
C SER A 108 -21.22 -8.36 -5.33
N GLU A 109 -21.14 -9.23 -6.34
CA GLU A 109 -22.25 -10.10 -6.67
C GLU A 109 -22.60 -10.99 -5.49
N LYS A 110 -21.57 -11.61 -4.90
CA LYS A 110 -21.80 -12.47 -3.76
C LYS A 110 -22.33 -11.66 -2.58
N VAL A 111 -21.79 -10.45 -2.37
CA VAL A 111 -22.37 -9.57 -1.36
C VAL A 111 -23.81 -9.23 -1.75
N SER A 112 -24.07 -9.06 -3.05
CA SER A 112 -25.37 -8.55 -3.50
C SER A 112 -26.50 -9.52 -3.19
N GLU A 113 -26.42 -10.76 -3.67
CA GLU A 113 -27.54 -11.69 -3.47
C GLU A 113 -27.80 -11.95 -1.99
N ASN A 114 -26.75 -12.12 -1.20
CA ASN A 114 -26.91 -12.32 0.23
C ASN A 114 -27.75 -11.19 0.81
N CYS A 115 -27.41 -9.95 0.48
CA CYS A 115 -28.11 -8.80 1.04
C CYS A 115 -29.54 -8.70 0.53
N VAL A 116 -29.74 -8.98 -0.77
CA VAL A 116 -31.07 -8.83 -1.36
C VAL A 116 -32.03 -9.93 -0.89
N ALA A 117 -31.55 -11.18 -0.83
CA ALA A 117 -32.43 -12.28 -0.44
C ALA A 117 -32.89 -12.12 1.00
N ILE A 118 -31.95 -11.94 1.92
CA ILE A 118 -32.29 -11.78 3.33
C ILE A 118 -33.15 -10.54 3.56
N TRP A 119 -33.06 -9.52 2.70
CA TRP A 119 -33.98 -8.39 2.84
C TRP A 119 -35.38 -8.80 2.46
N LYS A 120 -35.52 -9.78 1.56
CA LYS A 120 -36.83 -10.30 1.20
C LYS A 120 -37.36 -11.18 2.33
N SER A 121 -36.46 -11.65 3.20
CA SER A 121 -36.87 -12.41 4.39
C SER A 121 -37.74 -11.56 5.31
N LEU A 122 -37.39 -10.30 5.52
CA LEU A 122 -38.11 -9.42 6.43
C LEU A 122 -39.09 -8.49 5.72
N GLY A 123 -39.30 -8.66 4.43
CA GLY A 123 -40.22 -7.79 3.69
C GLY A 123 -39.89 -6.32 3.85
N ILE A 124 -38.60 -5.97 3.87
CA ILE A 124 -38.16 -4.58 3.89
C ILE A 124 -37.56 -4.15 2.55
N TYR A 125 -37.58 -5.02 1.54
CA TYR A 125 -36.91 -4.75 0.27
C TYR A 125 -37.71 -3.74 -0.55
N THR A 126 -37.34 -2.45 -0.43
CA THR A 126 -37.94 -1.41 -1.24
C THR A 126 -37.14 -1.23 -2.53
N ASP A 127 -37.63 -0.36 -3.42
CA ASP A 127 -36.87 0.02 -4.60
C ASP A 127 -35.65 0.86 -4.25
N GLU A 128 -35.65 1.46 -3.05
CA GLU A 128 -34.48 2.20 -2.57
C GLU A 128 -33.28 1.30 -2.33
N GLU A 129 -33.47 0.18 -1.63
CA GLU A 129 -32.36 -0.74 -1.42
C GLU A 129 -31.80 -1.25 -2.73
N ALA A 130 -32.66 -1.43 -3.74
CA ALA A 130 -32.17 -1.84 -5.06
C ALA A 130 -31.24 -0.78 -5.63
N LYS A 131 -31.56 0.50 -5.43
CA LYS A 131 -30.68 1.58 -5.86
C LYS A 131 -29.39 1.57 -5.05
N ALA A 132 -29.49 1.32 -3.75
CA ALA A 132 -28.30 1.19 -2.92
C ALA A 132 -27.41 0.06 -3.45
N ILE A 133 -28.03 -1.06 -3.78
CA ILE A 133 -27.30 -2.19 -4.31
C ILE A 133 -26.65 -1.82 -5.64
N ASP A 134 -27.37 -1.09 -6.47
CA ASP A 134 -26.85 -0.69 -7.77
C ASP A 134 -25.62 0.16 -7.59
N LYS A 135 -25.65 1.09 -6.65
CA LYS A 135 -24.48 1.93 -6.39
C LYS A 135 -23.34 1.09 -5.83
N PHE A 136 -23.64 0.24 -4.84
CA PHE A 136 -22.64 -0.69 -4.32
C PHE A 136 -21.93 -1.45 -5.43
N VAL A 137 -22.69 -2.03 -6.35
CA VAL A 137 -22.10 -2.75 -7.47
C VAL A 137 -21.28 -1.80 -8.34
N SER A 138 -21.76 -0.57 -8.51
CA SER A 138 -21.02 0.40 -9.33
C SER A 138 -19.66 0.71 -8.72
N VAL A 139 -19.59 0.76 -7.39
CA VAL A 139 -18.32 1.04 -6.71
C VAL A 139 -17.29 -0.03 -7.01
N PHE A 140 -17.71 -1.29 -7.05
CA PHE A 140 -16.79 -2.43 -7.17
C PHE A 140 -16.49 -2.83 -8.61
N LYS A 141 -17.17 -2.24 -9.59
CA LYS A 141 -17.21 -2.79 -10.94
C LYS A 141 -15.82 -3.08 -11.50
N ASP A 142 -14.93 -2.09 -11.46
CA ASP A 142 -13.62 -2.21 -12.10
C ASP A 142 -12.50 -2.54 -11.11
N GLU A 143 -12.83 -2.84 -9.87
CA GLU A 143 -11.79 -3.11 -8.88
C GLU A 143 -11.32 -4.55 -8.98
N THR A 144 -10.04 -4.74 -8.68
CA THR A 144 -9.45 -6.06 -8.54
C THR A 144 -8.69 -6.10 -7.24
N PHE A 145 -8.65 -7.28 -6.63
CA PHE A 145 -8.17 -7.42 -5.25
C PHE A 145 -7.18 -8.58 -5.18
N PRO A 146 -5.91 -8.33 -5.46
CA PRO A 146 -4.90 -9.39 -5.32
C PRO A 146 -4.76 -9.78 -3.87
N PRO A 147 -4.12 -10.92 -3.60
CA PRO A 147 -3.81 -11.28 -2.20
C PRO A 147 -3.20 -10.10 -1.48
N GLY A 148 -3.64 -9.89 -0.24
CA GLY A 148 -3.14 -8.81 0.59
C GLY A 148 -3.89 -7.50 0.46
N SER A 149 -4.62 -7.28 -0.63
CA SER A 149 -5.41 -6.07 -0.76
C SER A 149 -6.59 -6.13 0.20
N SER A 150 -7.24 -4.98 0.41
CA SER A 150 -8.27 -4.88 1.42
C SER A 150 -9.46 -4.08 0.94
N ILE A 151 -10.64 -4.52 1.38
CA ILE A 151 -11.90 -3.80 1.22
C ILE A 151 -12.31 -3.30 2.59
N LEU A 152 -12.54 -2.00 2.71
CA LEU A 152 -12.80 -1.38 4.00
C LEU A 152 -14.20 -0.80 4.04
N PHE A 153 -14.97 -1.21 5.04
CA PHE A 153 -16.34 -0.76 5.23
C PHE A 153 -16.44 -0.01 6.55
N THR A 154 -17.00 1.20 6.52
CA THR A 154 -17.41 1.90 7.73
C THR A 154 -18.93 1.93 7.76
N VAL A 155 -19.50 1.40 8.84
CA VAL A 155 -20.94 1.38 9.06
C VAL A 155 -21.25 2.43 10.11
N SER A 156 -22.01 3.46 9.72
CA SER A 156 -22.24 4.59 10.60
C SER A 156 -23.73 4.85 10.81
N PRO A 157 -24.14 5.27 12.02
CA PRO A 157 -25.52 5.71 12.24
C PRO A 157 -25.74 7.19 11.90
N SER A 162 -25.20 5.19 7.13
CA SER A 162 -24.35 5.31 5.95
C SER A 162 -23.31 4.20 5.89
N LEU A 163 -22.94 3.81 4.67
CA LEU A 163 -21.86 2.86 4.43
C LEU A 163 -20.76 3.54 3.62
N THR A 164 -19.57 3.61 4.19
CA THR A 164 -18.41 4.15 3.50
C THR A 164 -17.56 3.00 2.99
N ILE A 165 -17.14 3.11 1.73
CA ILE A 165 -16.35 2.08 1.06
C ILE A 165 -14.99 2.65 0.72
N SER A 166 -13.93 1.96 1.13
CA SER A 166 -12.57 2.34 0.78
C SER A 166 -11.82 1.10 0.32
N PHE A 167 -10.79 1.32 -0.49
CA PHE A 167 -10.00 0.23 -1.04
C PHE A 167 -8.53 0.50 -0.81
N SER A 168 -7.78 -0.58 -0.58
CA SER A 168 -6.34 -0.52 -0.40
C SER A 168 -5.71 -1.73 -1.08
N LYS A 169 -4.52 -1.52 -1.63
CA LYS A 169 -3.78 -2.60 -2.26
C LYS A 169 -3.04 -3.45 -1.23
N ASP A 170 -3.02 -3.04 0.03
CA ASP A 170 -2.50 -3.86 1.12
C ASP A 170 -3.45 -3.81 2.31
N GLY A 171 -2.93 -3.88 3.54
CA GLY A 171 -3.75 -3.83 4.73
C GLY A 171 -3.85 -2.47 5.38
N SER A 172 -3.19 -1.45 4.83
CA SER A 172 -3.24 -0.11 5.39
C SER A 172 -4.53 0.59 5.01
N ILE A 173 -4.94 1.53 5.86
CA ILE A 173 -6.20 2.25 5.68
C ILE A 173 -5.89 3.53 4.90
N PRO A 174 -6.55 3.81 3.78
CA PRO A 174 -6.29 5.07 3.08
C PRO A 174 -6.83 6.24 3.89
N GLU A 175 -6.37 7.44 3.53
CA GLU A 175 -6.84 8.63 4.22
C GLU A 175 -8.16 9.14 3.67
N VAL A 176 -8.56 8.70 2.48
CA VAL A 176 -9.79 9.13 1.83
C VAL A 176 -10.54 7.91 1.32
N GLU A 177 -11.84 7.86 1.56
CA GLU A 177 -12.66 6.76 1.10
C GLU A 177 -12.81 6.81 -0.42
N THR A 178 -13.48 5.81 -0.96
CA THR A 178 -13.83 5.77 -2.38
C THR A 178 -15.27 6.22 -2.63
N ALA A 179 -16.20 5.83 -1.76
CA ALA A 179 -17.60 6.15 -1.97
C ALA A 179 -18.34 6.04 -0.66
N VAL A 180 -19.48 6.72 -0.59
CA VAL A 180 -20.38 6.64 0.54
C VAL A 180 -21.77 6.39 0.00
N ILE A 181 -22.46 5.41 0.59
CA ILE A 181 -23.80 5.04 0.19
C ILE A 181 -24.68 5.32 1.40
N GLU A 182 -25.55 6.32 1.27
CA GLU A 182 -26.45 6.71 2.36
C GLU A 182 -27.66 5.77 2.33
N ASN A 183 -27.47 4.61 2.94
CA ASN A 183 -28.54 3.65 3.16
C ASN A 183 -28.21 2.89 4.43
N LYS A 184 -29.18 2.81 5.35
CA LYS A 184 -28.91 2.20 6.65
C LYS A 184 -28.96 0.69 6.58
N LEU A 185 -29.82 0.14 5.72
CA LEU A 185 -29.95 -1.31 5.63
C LEU A 185 -28.76 -1.92 4.89
N LEU A 186 -28.28 -1.27 3.83
CA LEU A 186 -27.09 -1.78 3.15
C LEU A 186 -25.90 -1.78 4.10
N SER A 187 -25.67 -0.66 4.79
CA SER A 187 -24.54 -0.59 5.70
C SER A 187 -24.59 -1.72 6.72
N GLN A 188 -25.79 -2.06 7.20
CA GLN A 188 -25.93 -3.12 8.19
C GLN A 188 -25.83 -4.51 7.55
N ALA A 189 -26.44 -4.69 6.37
CA ALA A 189 -26.42 -6.00 5.73
C ALA A 189 -24.99 -6.49 5.48
N VAL A 190 -24.11 -5.59 5.07
CA VAL A 190 -22.73 -5.99 4.77
C VAL A 190 -22.10 -6.63 6.01
N LEU A 191 -22.29 -6.02 7.17
CA LEU A 191 -21.75 -6.56 8.40
C LEU A 191 -22.50 -7.81 8.85
N GLU A 192 -23.84 -7.79 8.73
CA GLU A 192 -24.63 -8.99 9.04
C GLU A 192 -24.16 -10.19 8.23
N SER A 193 -23.85 -9.99 6.94
CA SER A 193 -23.45 -11.10 6.11
C SER A 193 -22.18 -11.77 6.62
N MET A 194 -21.43 -11.11 7.51
CA MET A 194 -20.19 -11.67 8.03
C MET A 194 -20.33 -12.24 9.44
N ILE A 195 -21.02 -11.54 10.34
CA ILE A 195 -21.11 -11.95 11.73
C ILE A 195 -22.56 -12.16 12.18
N GLY A 196 -23.50 -12.22 11.23
CA GLY A 196 -24.90 -12.42 11.56
C GLY A 196 -25.25 -13.88 11.82
N ALA A 197 -26.56 -14.15 11.84
CA ALA A 197 -27.02 -15.50 12.14
C ALA A 197 -26.57 -16.48 11.06
N HIS A 198 -26.60 -16.06 9.81
CA HIS A 198 -26.06 -16.83 8.70
C HIS A 198 -24.70 -16.29 8.27
N GLY A 199 -23.92 -15.81 9.23
CA GLY A 199 -22.69 -15.09 8.91
C GLY A 199 -21.65 -16.01 8.31
N VAL A 200 -20.95 -15.49 7.29
CA VAL A 200 -19.97 -16.27 6.54
C VAL A 200 -18.65 -16.43 7.26
N SER A 201 -18.47 -15.83 8.44
CA SER A 201 -17.26 -15.98 9.23
C SER A 201 -17.64 -16.38 10.65
N PRO A 202 -17.96 -17.66 10.88
CA PRO A 202 -18.13 -18.13 12.26
C PRO A 202 -16.92 -17.83 13.12
N ALA A 203 -15.73 -17.77 12.50
CA ALA A 203 -14.51 -17.53 13.26
C ALA A 203 -14.43 -16.10 13.75
N ALA A 204 -14.95 -15.15 12.97
CA ALA A 204 -15.00 -13.77 13.43
C ALA A 204 -16.00 -13.62 14.57
N LYS A 205 -17.12 -14.34 14.49
CA LYS A 205 -18.10 -14.34 15.58
C LYS A 205 -17.47 -14.82 16.88
N GLN A 206 -16.82 -15.99 16.85
CA GLN A 206 -16.17 -16.51 18.05
C GLN A 206 -15.11 -15.55 18.58
N SER A 207 -14.38 -14.88 17.69
CA SER A 207 -13.40 -13.93 18.16
C SER A 207 -14.10 -12.76 18.82
N LEU A 208 -15.21 -12.32 18.22
CA LEU A 208 -15.95 -11.25 18.83
C LEU A 208 -16.51 -11.67 20.17
N ALA A 209 -17.09 -12.87 20.27
CA ALA A 209 -17.63 -13.36 21.53
C ALA A 209 -16.54 -13.41 22.60
N SER A 210 -15.40 -14.02 22.26
CA SER A 210 -14.33 -14.20 23.23
C SER A 210 -13.80 -12.86 23.75
N ARG A 211 -13.58 -11.90 22.86
CA ARG A 211 -12.89 -10.67 23.23
C ARG A 211 -13.80 -9.67 23.91
N LEU A 212 -15.07 -9.60 23.51
CA LEU A 212 -16.00 -8.63 24.13
C LEU A 212 -16.47 -9.09 25.50
N SER A 213 -16.73 -10.39 25.66
CA SER A 213 -17.14 -10.89 26.97
C SER A 213 -16.06 -10.60 27.99
N LYS A 214 -14.81 -10.90 27.64
CA LYS A 214 -13.69 -10.59 28.52
C LYS A 214 -13.59 -9.10 28.81
N LEU A 215 -13.78 -8.27 27.78
CA LEU A 215 -13.77 -6.82 28.00
C LEU A 215 -14.84 -6.41 29.01
N PHE A 216 -16.02 -7.03 28.94
CA PHE A 216 -17.07 -6.73 29.89
C PHE A 216 -16.60 -6.91 31.33
N LYS A 217 -15.56 -7.70 31.55
CA LYS A 217 -14.94 -7.82 32.87
C LYS A 217 -13.93 -6.70 33.08
N VAL B 6 -27.73 30.14 -20.70
CA VAL B 6 -26.34 29.83 -20.98
C VAL B 6 -26.27 28.30 -21.03
N THR B 7 -25.14 27.72 -21.43
CA THR B 7 -25.06 26.29 -21.68
C THR B 7 -24.39 25.56 -20.51
N ALA B 8 -24.65 24.25 -20.46
CA ALA B 8 -23.95 23.38 -19.54
C ALA B 8 -22.52 23.15 -20.00
N LEU B 9 -21.71 22.65 -19.08
CA LEU B 9 -20.31 22.34 -19.37
C LEU B 9 -19.96 21.02 -18.71
N GLU B 10 -19.08 20.27 -19.36
CA GLU B 10 -18.58 19.01 -18.83
C GLU B 10 -17.07 19.16 -18.73
N ILE B 11 -16.54 19.00 -17.52
CA ILE B 11 -15.12 19.21 -17.25
C ILE B 11 -14.58 17.90 -16.70
N GLU B 12 -13.71 17.25 -17.46
CA GLU B 12 -13.04 16.03 -17.00
C GLU B 12 -14.06 15.02 -16.51
N ASN B 13 -15.15 14.85 -17.26
CA ASN B 13 -16.19 13.87 -17.00
C ASN B 13 -17.10 14.30 -15.86
N TYR B 14 -16.99 15.54 -15.38
CA TYR B 14 -17.90 16.08 -14.39
C TYR B 14 -18.76 17.16 -15.02
N ALA B 15 -20.06 17.12 -14.76
CA ALA B 15 -21.05 17.94 -15.45
C ALA B 15 -21.42 19.14 -14.58
N PHE B 16 -21.39 20.33 -15.18
CA PHE B 16 -21.83 21.54 -14.51
C PHE B 16 -23.06 22.10 -15.21
N PRO B 17 -24.25 22.04 -14.60
CA PRO B 17 -25.45 22.53 -15.30
C PRO B 17 -25.44 24.03 -15.46
N PRO B 18 -26.30 24.58 -16.32
CA PRO B 18 -26.29 26.03 -16.56
C PRO B 18 -26.80 26.85 -15.39
N THR B 19 -27.62 26.27 -14.51
CA THR B 19 -28.15 26.97 -13.36
C THR B 19 -27.93 26.11 -12.12
N VAL B 20 -27.87 26.77 -10.96
CA VAL B 20 -27.82 26.09 -9.68
C VAL B 20 -28.57 26.93 -8.66
N LYS B 21 -28.95 26.28 -7.57
CA LYS B 21 -29.61 26.95 -6.47
C LYS B 21 -28.73 26.69 -5.26
N PRO B 22 -27.83 27.70 -4.94
CA PRO B 22 -27.01 27.44 -3.75
C PRO B 22 -27.85 27.43 -2.48
N PRO B 23 -27.33 26.70 -1.42
CA PRO B 23 -28.21 26.67 -0.22
C PRO B 23 -28.48 27.97 0.53
N GLY B 24 -27.45 28.77 0.80
CA GLY B 24 -27.58 30.01 1.56
C GLY B 24 -28.34 31.24 1.11
N SER B 25 -28.16 31.66 -0.14
CA SER B 25 -28.81 32.89 -0.63
C SER B 25 -30.08 32.71 -1.43
N THR B 26 -30.06 31.69 -2.29
CA THR B 26 -31.18 31.39 -3.17
C THR B 26 -31.66 32.47 -4.16
N ASN B 27 -30.71 33.12 -4.83
CA ASN B 27 -31.00 34.01 -5.94
C ASN B 27 -31.00 33.19 -7.23
N ASN B 28 -31.01 33.86 -8.37
CA ASN B 28 -30.86 33.19 -9.65
C ASN B 28 -29.36 33.10 -9.95
N PHE B 29 -28.91 31.93 -10.41
CA PHE B 29 -27.50 31.78 -10.81
C PHE B 29 -27.38 31.12 -12.17
N PHE B 30 -26.33 31.47 -12.88
CA PHE B 30 -25.99 30.87 -14.17
C PHE B 30 -24.52 30.50 -14.18
N LEU B 31 -24.19 29.45 -14.93
CA LEU B 31 -22.80 29.01 -15.05
C LEU B 31 -22.02 30.04 -15.87
N GLY B 32 -21.14 30.79 -15.21
CA GLY B 32 -20.33 31.76 -15.92
C GLY B 32 -19.21 31.07 -16.67
N GLY B 33 -18.69 30.00 -16.09
CA GLY B 33 -17.59 29.28 -16.71
C GLY B 33 -17.17 28.14 -15.82
N ALA B 34 -16.36 27.26 -16.41
CA ALA B 34 -15.85 26.10 -15.70
C ALA B 34 -14.49 25.76 -16.29
N GLY B 35 -13.65 25.14 -15.48
CA GLY B 35 -12.35 24.74 -15.96
C GLY B 35 -11.68 23.78 -15.00
N GLU B 36 -10.71 23.07 -15.53
CA GLU B 36 -9.92 22.16 -14.73
C GLU B 36 -8.97 22.95 -13.85
N ARG B 37 -8.43 22.29 -12.84
CA ARG B 37 -7.42 22.87 -11.98
C ARG B 37 -6.40 21.80 -11.66
N GLY B 38 -5.15 22.04 -12.09
CA GLY B 38 -4.09 21.08 -11.90
C GLY B 38 -2.84 21.78 -11.39
N ILE B 39 -1.90 20.96 -10.92
CA ILE B 39 -0.59 21.43 -10.51
C ILE B 39 0.44 20.70 -11.37
N GLN B 40 1.52 21.40 -11.70
CA GLN B 40 2.60 20.83 -12.49
C GLN B 40 3.78 20.55 -11.58
N ILE B 41 4.01 19.26 -11.31
CA ILE B 41 5.10 18.76 -10.49
C ILE B 41 5.88 17.80 -11.37
N GLN B 42 7.15 18.11 -11.59
CA GLN B 42 8.05 17.32 -12.44
C GLN B 42 7.40 17.15 -13.83
N ASP B 43 7.39 15.95 -14.40
CA ASP B 43 7.14 15.80 -15.84
C ASP B 43 5.77 16.30 -16.27
N LYS B 44 4.70 16.00 -15.51
CA LYS B 44 3.34 16.20 -16.00
C LYS B 44 2.47 17.07 -15.12
N PHE B 45 1.40 17.54 -15.77
CA PHE B 45 0.37 18.42 -15.20
C PHE B 45 -0.71 17.56 -14.56
N VAL B 46 -0.67 17.46 -13.24
CA VAL B 46 -1.59 16.61 -12.49
C VAL B 46 -2.87 17.39 -12.25
N LYS B 47 -4.00 16.88 -12.76
CA LYS B 47 -5.28 17.55 -12.62
C LYS B 47 -5.94 17.10 -11.33
N PHE B 48 -6.21 18.07 -10.44
CA PHE B 48 -6.78 17.76 -9.13
C PHE B 48 -8.26 18.06 -9.00
N THR B 49 -8.78 19.11 -9.64
CA THR B 49 -10.19 19.44 -9.43
C THR B 49 -10.80 19.99 -10.71
N ALA B 50 -12.13 19.96 -10.75
CA ALA B 50 -12.93 20.54 -11.83
C ALA B 50 -13.77 21.66 -11.21
N ILE B 51 -13.64 22.86 -11.74
CA ILE B 51 -14.15 24.06 -11.09
C ILE B 51 -15.22 24.70 -11.96
N GLY B 52 -16.37 24.99 -11.36
CA GLY B 52 -17.44 25.70 -12.03
C GLY B 52 -17.79 26.97 -11.28
N VAL B 53 -17.82 28.10 -11.98
CA VAL B 53 -18.01 29.41 -11.37
C VAL B 53 -19.36 29.92 -11.82
N TYR B 54 -20.32 30.00 -10.89
CA TYR B 54 -21.65 30.51 -11.17
C TYR B 54 -21.75 31.95 -10.68
N LEU B 55 -22.55 32.74 -11.39
CA LEU B 55 -22.74 34.14 -11.05
C LEU B 55 -24.23 34.44 -10.95
N GLN B 56 -24.57 35.35 -10.04
CA GLN B 56 -25.97 35.74 -9.92
C GLN B 56 -26.41 36.41 -11.22
N ASP B 57 -27.70 36.27 -11.54
CA ASP B 57 -28.22 36.83 -12.79
C ASP B 57 -27.80 38.29 -12.96
N ILE B 58 -27.98 39.11 -11.93
CA ILE B 58 -27.66 40.53 -12.01
C ILE B 58 -26.20 40.82 -12.36
N ALA B 59 -25.32 39.81 -12.35
CA ALA B 59 -23.93 40.06 -12.70
C ALA B 59 -23.75 40.50 -14.15
N VAL B 60 -24.65 40.12 -15.05
CA VAL B 60 -24.39 40.41 -16.47
C VAL B 60 -24.63 41.89 -16.77
N PRO B 61 -25.73 42.52 -16.34
CA PRO B 61 -25.82 43.98 -16.59
C PRO B 61 -24.65 44.73 -15.99
N TYR B 62 -24.29 44.43 -14.74
CA TYR B 62 -23.17 45.10 -14.10
C TYR B 62 -21.89 44.94 -14.93
N LEU B 63 -21.58 43.71 -15.34
CA LEU B 63 -20.33 43.50 -16.07
C LEU B 63 -20.41 44.02 -17.50
N ALA B 64 -21.57 43.95 -18.13
CA ALA B 64 -21.71 44.46 -19.49
C ALA B 64 -21.52 45.97 -19.51
N GLU B 65 -21.96 46.63 -18.44
CA GLU B 65 -21.88 48.08 -18.35
C GLU B 65 -20.45 48.58 -18.54
N LYS B 66 -19.46 47.80 -18.09
CA LYS B 66 -18.07 48.26 -18.08
C LYS B 66 -17.10 47.38 -18.85
N TRP B 67 -17.51 46.19 -19.35
CA TRP B 67 -16.60 45.30 -20.04
C TRP B 67 -17.12 44.90 -21.41
N LYS B 68 -18.10 45.61 -21.93
CA LYS B 68 -18.61 45.36 -23.28
C LYS B 68 -17.59 45.79 -24.32
N ALA B 69 -17.64 45.16 -25.49
CA ALA B 69 -16.84 45.56 -26.65
C ALA B 69 -15.39 45.16 -26.54
N ARG B 70 -15.11 44.10 -25.78
CA ARG B 70 -13.77 43.57 -25.60
C ARG B 70 -13.77 42.09 -25.90
N SER B 71 -12.75 41.64 -26.64
CA SER B 71 -12.71 40.24 -27.04
C SER B 71 -12.37 39.33 -25.88
N ALA B 72 -12.75 38.06 -26.02
CA ALA B 72 -12.47 37.10 -24.95
C ALA B 72 -10.99 37.08 -24.64
N HIS B 73 -10.14 37.10 -25.68
CA HIS B 73 -8.71 37.14 -25.47
C HIS B 73 -8.32 38.34 -24.63
N GLU B 74 -8.92 39.51 -24.90
CA GLU B 74 -8.62 40.68 -24.08
C GLU B 74 -9.04 40.45 -22.64
N LEU B 75 -10.28 40.00 -22.44
CA LEU B 75 -10.80 39.83 -21.08
C LEU B 75 -9.92 38.87 -20.28
N THR B 76 -9.45 37.79 -20.89
CA THR B 76 -8.57 36.87 -20.19
C THR B 76 -7.38 37.59 -19.58
N ASP B 77 -6.85 38.58 -20.28
CA ASP B 77 -5.64 39.28 -19.87
C ASP B 77 -5.92 40.48 -18.96
N THR B 78 -7.17 40.75 -18.63
CA THR B 78 -7.51 41.94 -17.87
C THR B 78 -7.72 41.53 -16.42
N VAL B 79 -6.90 42.07 -15.53
CA VAL B 79 -6.92 41.66 -14.14
C VAL B 79 -8.11 42.35 -13.47
N PRO B 80 -8.42 43.60 -13.79
CA PRO B 80 -9.64 44.21 -13.21
C PRO B 80 -10.92 43.56 -13.68
N PHE B 81 -10.91 42.86 -14.82
CA PHE B 81 -12.12 42.17 -15.28
C PHE B 81 -12.48 41.05 -14.31
N PHE B 82 -11.48 40.26 -13.93
CA PHE B 82 -11.70 39.19 -12.97
C PHE B 82 -11.86 39.74 -11.56
N ARG B 83 -11.17 40.84 -11.24
CA ARG B 83 -11.37 41.49 -9.94
C ARG B 83 -12.84 41.89 -9.75
N ASP B 84 -13.49 42.36 -10.81
CA ASP B 84 -14.91 42.70 -10.70
C ASP B 84 -15.76 41.45 -10.54
N ILE B 85 -15.42 40.37 -11.28
CA ILE B 85 -16.10 39.11 -11.07
C ILE B 85 -15.99 38.68 -9.61
N VAL B 86 -14.81 38.88 -9.02
CA VAL B 86 -14.58 38.42 -7.66
C VAL B 86 -15.29 39.34 -6.66
N THR B 87 -15.17 40.65 -6.83
CA THR B 87 -15.59 41.60 -5.81
C THR B 87 -16.89 42.33 -6.10
N GLY B 88 -17.50 42.10 -7.28
CA GLY B 88 -18.71 42.81 -7.65
C GLY B 88 -19.86 42.69 -6.66
N PRO B 89 -20.89 43.56 -6.79
CA PRO B 89 -22.08 43.49 -5.91
C PRO B 89 -23.10 42.46 -6.35
N PHE B 90 -22.66 41.21 -6.40
CA PHE B 90 -23.54 40.13 -6.75
C PHE B 90 -22.99 38.87 -6.09
N GLU B 91 -23.83 37.86 -5.99
CA GLU B 91 -23.42 36.62 -5.38
C GLU B 91 -22.67 35.76 -6.38
N LYS B 92 -21.65 35.07 -5.90
CA LYS B 92 -20.91 34.11 -6.68
C LYS B 92 -20.99 32.75 -6.00
N PHE B 93 -21.00 31.71 -6.81
CA PHE B 93 -21.05 30.34 -6.31
C PHE B 93 -20.06 29.50 -7.10
N MET B 94 -19.18 28.82 -6.38
CA MET B 94 -18.14 27.99 -6.99
C MET B 94 -18.34 26.56 -6.55
N ARG B 95 -18.32 25.64 -7.51
CA ARG B 95 -18.27 24.21 -7.22
C ARG B 95 -16.87 23.70 -7.50
N VAL B 96 -16.27 23.08 -6.51
CA VAL B 96 -14.98 22.42 -6.65
C VAL B 96 -15.25 20.94 -6.51
N THR B 97 -15.17 20.22 -7.62
CA THR B 97 -15.38 18.77 -7.63
C THR B 97 -14.04 18.08 -7.78
N MET B 98 -13.77 17.15 -6.87
CA MET B 98 -12.48 16.49 -6.80
C MET B 98 -12.33 15.46 -7.92
N ILE B 99 -11.23 15.58 -8.66
CA ILE B 99 -10.83 14.56 -9.62
C ILE B 99 -9.99 13.49 -8.94
N LEU B 100 -9.06 13.92 -8.08
CA LEU B 100 -8.28 13.07 -7.21
C LEU B 100 -8.74 13.22 -5.77
N PRO B 101 -8.52 12.21 -4.94
CA PRO B 101 -8.98 12.31 -3.55
C PRO B 101 -8.15 13.32 -2.77
N LEU B 102 -8.83 14.10 -1.96
CA LEU B 102 -8.20 15.07 -1.09
C LEU B 102 -8.83 15.04 0.28
N THR B 103 -8.00 15.24 1.30
CA THR B 103 -8.50 15.51 2.64
C THR B 103 -8.85 16.99 2.78
N GLY B 104 -9.76 17.26 3.71
CA GLY B 104 -10.05 18.64 4.04
C GLY B 104 -8.85 19.36 4.59
N HIS B 105 -7.97 18.63 5.30
CA HIS B 105 -6.71 19.20 5.77
C HIS B 105 -5.90 19.73 4.60
N GLN B 106 -5.69 18.89 3.57
CA GLN B 106 -4.92 19.32 2.40
C GLN B 106 -5.57 20.52 1.72
N TYR B 107 -6.89 20.53 1.59
CA TYR B 107 -7.53 21.60 0.84
C TYR B 107 -7.45 22.93 1.59
N SER B 108 -7.74 22.91 2.90
CA SER B 108 -7.81 24.16 3.65
C SER B 108 -6.43 24.76 3.88
N GLU B 109 -5.42 23.92 4.15
CA GLU B 109 -4.09 24.47 4.37
C GLU B 109 -3.62 25.20 3.12
N LYS B 110 -3.79 24.58 1.95
CA LYS B 110 -3.35 25.20 0.71
C LYS B 110 -4.13 26.47 0.42
N VAL B 111 -5.45 26.42 0.57
CA VAL B 111 -6.25 27.63 0.39
C VAL B 111 -5.87 28.66 1.43
N SER B 112 -5.67 28.23 2.67
CA SER B 112 -5.40 29.17 3.74
C SER B 112 -4.04 29.84 3.55
N GLU B 113 -2.99 29.04 3.35
CA GLU B 113 -1.65 29.63 3.23
C GLU B 113 -1.56 30.63 2.11
N ASN B 114 -2.11 30.30 0.94
CA ASN B 114 -2.06 31.24 -0.18
C ASN B 114 -2.74 32.55 0.17
N CYS B 115 -3.97 32.49 0.70
CA CYS B 115 -4.71 33.74 0.90
C CYS B 115 -4.08 34.62 1.97
N VAL B 116 -3.31 34.06 2.91
CA VAL B 116 -2.62 34.95 3.84
C VAL B 116 -1.61 35.79 3.08
N ALA B 117 -0.96 35.18 2.07
CA ALA B 117 -0.09 35.92 1.17
C ALA B 117 -0.91 36.93 0.37
N ILE B 118 -2.05 36.49 -0.15
CA ILE B 118 -2.98 37.42 -0.80
C ILE B 118 -3.19 38.60 0.10
N TRP B 119 -3.21 38.35 1.41
CA TRP B 119 -3.45 39.36 2.43
C TRP B 119 -2.19 40.05 2.94
N LYS B 120 -1.05 39.34 3.02
CA LYS B 120 0.16 39.98 3.50
C LYS B 120 0.82 40.82 2.43
N SER B 121 0.55 40.52 1.15
CA SER B 121 1.08 41.32 0.06
C SER B 121 0.56 42.75 0.12
N LEU B 122 -0.73 42.91 0.39
CA LEU B 122 -1.38 44.20 0.42
C LEU B 122 -1.52 44.76 1.83
N GLY B 123 -0.97 44.09 2.84
CA GLY B 123 -1.08 44.53 4.22
C GLY B 123 -2.49 44.69 4.76
N ILE B 124 -3.40 43.78 4.43
CA ILE B 124 -4.75 43.75 5.00
C ILE B 124 -4.91 42.65 6.04
N TYR B 125 -3.86 41.94 6.39
CA TYR B 125 -4.00 40.82 7.30
C TYR B 125 -4.27 41.32 8.70
N THR B 126 -5.44 40.97 9.23
CA THR B 126 -5.82 41.28 10.61
C THR B 126 -5.97 39.95 11.34
N ASP B 127 -6.13 40.01 12.65
CA ASP B 127 -6.36 38.80 13.40
C ASP B 127 -7.79 38.37 13.11
N GLU B 128 -8.64 39.31 12.69
CA GLU B 128 -10.01 38.96 12.36
C GLU B 128 -9.94 38.02 11.16
N GLU B 129 -9.07 38.33 10.22
CA GLU B 129 -8.87 37.48 9.06
C GLU B 129 -8.29 36.18 9.58
N ALA B 130 -7.40 36.29 10.56
CA ALA B 130 -6.78 35.12 11.16
C ALA B 130 -7.83 34.24 11.83
N LYS B 131 -8.80 34.85 12.51
CA LYS B 131 -9.90 34.07 13.07
C LYS B 131 -10.76 33.47 11.96
N ALA B 132 -10.98 34.22 10.88
CA ALA B 132 -11.72 33.67 9.74
C ALA B 132 -11.03 32.43 9.22
N ILE B 133 -9.70 32.49 9.05
CA ILE B 133 -8.95 31.32 8.60
C ILE B 133 -9.11 30.18 9.59
N ASP B 134 -9.02 30.48 10.89
CA ASP B 134 -9.17 29.45 11.91
C ASP B 134 -10.48 28.70 11.73
N LYS B 135 -11.58 29.42 11.56
CA LYS B 135 -12.87 28.76 11.41
C LYS B 135 -12.90 27.98 10.10
N PHE B 136 -12.45 28.61 9.01
CA PHE B 136 -12.34 27.93 7.72
C PHE B 136 -11.64 26.58 7.88
N VAL B 137 -10.48 26.56 8.53
CA VAL B 137 -9.77 25.31 8.74
C VAL B 137 -10.61 24.38 9.61
N SER B 138 -11.32 24.92 10.59
CA SER B 138 -12.13 24.08 11.47
C SER B 138 -13.23 23.39 10.68
N VAL B 139 -13.83 24.09 9.71
CA VAL B 139 -14.88 23.49 8.90
C VAL B 139 -14.34 22.28 8.13
N PHE B 140 -13.12 22.37 7.63
CA PHE B 140 -12.58 21.35 6.74
C PHE B 140 -11.80 20.22 7.42
N LYS B 141 -11.43 20.35 8.70
CA LYS B 141 -10.41 19.46 9.25
C LYS B 141 -10.76 18.00 9.06
N ASP B 142 -12.01 17.63 9.37
CA ASP B 142 -12.42 16.23 9.44
C ASP B 142 -13.04 15.76 8.15
N GLU B 143 -13.03 16.59 7.12
CA GLU B 143 -13.67 16.25 5.86
C GLU B 143 -12.70 15.47 4.98
N THR B 144 -13.27 14.57 4.20
CA THR B 144 -12.55 13.86 3.16
C THR B 144 -13.36 13.94 1.87
N PHE B 145 -12.64 14.00 0.75
CA PHE B 145 -13.25 14.33 -0.54
C PHE B 145 -12.80 13.34 -1.61
N PRO B 146 -13.49 12.22 -1.75
CA PRO B 146 -13.15 11.27 -2.81
C PRO B 146 -13.43 11.88 -4.17
N PRO B 147 -12.91 11.28 -5.24
CA PRO B 147 -13.32 11.71 -6.59
C PRO B 147 -14.83 11.82 -6.69
N GLY B 148 -15.28 12.91 -7.32
CA GLY B 148 -16.68 13.17 -7.52
C GLY B 148 -17.36 13.98 -6.43
N SER B 149 -16.81 14.01 -5.22
CA SER B 149 -17.38 14.84 -4.17
C SER B 149 -17.11 16.31 -4.48
N SER B 150 -17.81 17.20 -3.77
CA SER B 150 -17.79 18.61 -4.10
C SER B 150 -17.66 19.48 -2.87
N ILE B 151 -16.92 20.57 -3.03
CA ILE B 151 -16.86 21.68 -2.08
C ILE B 151 -17.57 22.85 -2.72
N LEU B 152 -18.56 23.39 -2.01
CA LEU B 152 -19.43 24.42 -2.56
C LEU B 152 -19.25 25.72 -1.78
N PHE B 153 -18.95 26.80 -2.48
CA PHE B 153 -18.74 28.10 -1.88
C PHE B 153 -19.77 29.07 -2.43
N THR B 154 -20.46 29.77 -1.53
CA THR B 154 -21.28 30.93 -1.89
C THR B 154 -20.59 32.18 -1.37
N VAL B 155 -20.32 33.11 -2.28
CA VAL B 155 -19.69 34.38 -1.97
C VAL B 155 -20.79 35.44 -2.06
N SER B 156 -21.11 36.08 -0.94
CA SER B 156 -22.23 37.00 -0.90
C SER B 156 -21.80 38.38 -0.42
N PRO B 157 -22.48 39.45 -0.88
CA PRO B 157 -22.30 40.82 -0.35
C PRO B 157 -22.28 40.81 1.18
N LEU B 163 -19.08 34.19 3.31
CA LEU B 163 -18.76 32.94 2.64
C LEU B 163 -19.53 31.77 3.22
N THR B 164 -20.34 31.13 2.39
CA THR B 164 -21.07 29.93 2.78
C THR B 164 -20.34 28.71 2.26
N ILE B 165 -20.18 27.71 3.11
CA ILE B 165 -19.46 26.48 2.77
C ILE B 165 -20.45 25.33 2.83
N SER B 166 -20.51 24.55 1.76
CA SER B 166 -21.33 23.35 1.73
C SER B 166 -20.52 22.21 1.13
N PHE B 167 -20.92 20.99 1.49
CA PHE B 167 -20.23 19.78 1.07
C PHE B 167 -21.23 18.82 0.47
N SER B 168 -20.77 18.08 -0.54
CA SER B 168 -21.59 17.08 -1.22
C SER B 168 -20.72 15.89 -1.60
N LYS B 169 -21.31 14.70 -1.57
CA LYS B 169 -20.57 13.52 -1.98
C LYS B 169 -20.57 13.35 -3.50
N ASP B 170 -21.37 14.13 -4.23
CA ASP B 170 -21.30 14.17 -5.68
C ASP B 170 -21.31 15.62 -6.15
N GLY B 171 -21.92 15.90 -7.30
CA GLY B 171 -22.03 17.25 -7.81
C GLY B 171 -23.33 17.92 -7.48
N SER B 172 -24.24 17.26 -6.79
CA SER B 172 -25.50 17.86 -6.42
C SER B 172 -25.30 18.79 -5.24
N ILE B 173 -26.15 19.81 -5.16
CA ILE B 173 -26.05 20.82 -4.10
C ILE B 173 -26.95 20.41 -2.94
N PRO B 174 -26.43 20.35 -1.72
CA PRO B 174 -27.31 20.05 -0.59
C PRO B 174 -28.28 21.21 -0.36
N GLU B 175 -29.32 20.91 0.38
CA GLU B 175 -30.34 21.90 0.69
C GLU B 175 -29.94 22.79 1.85
N VAL B 176 -28.94 22.38 2.64
CA VAL B 176 -28.49 23.11 3.81
C VAL B 176 -26.97 23.19 3.77
N GLU B 177 -26.43 24.37 4.03
CA GLU B 177 -24.99 24.55 4.05
C GLU B 177 -24.41 23.83 5.26
N THR B 178 -23.08 23.85 5.35
CA THR B 178 -22.37 23.31 6.51
C THR B 178 -21.96 24.41 7.48
N ALA B 179 -21.54 25.57 6.96
CA ALA B 179 -21.07 26.65 7.81
C ALA B 179 -21.11 27.94 7.01
N VAL B 180 -21.17 29.05 7.74
CA VAL B 180 -21.10 30.38 7.15
C VAL B 180 -20.05 31.14 7.91
N ILE B 181 -19.13 31.77 7.18
CA ILE B 181 -18.06 32.55 7.78
C ILE B 181 -18.30 33.97 7.33
N GLU B 182 -18.71 34.83 8.26
CA GLU B 182 -19.01 36.22 7.96
C GLU B 182 -17.69 36.98 8.03
N ASN B 183 -16.98 36.92 6.90
CA ASN B 183 -15.77 37.69 6.69
C ASN B 183 -15.73 37.94 5.19
N LYS B 184 -15.60 39.20 4.77
CA LYS B 184 -15.74 39.52 3.36
C LYS B 184 -14.45 39.26 2.61
N LEU B 185 -13.29 39.43 3.24
CA LEU B 185 -12.04 39.17 2.54
C LEU B 185 -11.83 37.68 2.35
N LEU B 186 -12.21 36.86 3.32
CA LEU B 186 -12.12 35.42 3.14
C LEU B 186 -13.01 34.97 1.99
N SER B 187 -14.26 35.44 1.97
CA SER B 187 -15.18 35.04 0.92
C SER B 187 -14.61 35.35 -0.46
N GLN B 188 -13.93 36.48 -0.59
CA GLN B 188 -13.36 36.87 -1.87
C GLN B 188 -12.08 36.11 -2.17
N ALA B 189 -11.24 35.87 -1.17
CA ALA B 189 -9.96 35.20 -1.40
C ALA B 189 -10.14 33.83 -2.02
N VAL B 190 -11.10 33.05 -1.55
CA VAL B 190 -11.29 31.70 -2.11
C VAL B 190 -11.54 31.78 -3.59
N LEU B 191 -12.40 32.71 -4.01
CA LEU B 191 -12.69 32.89 -5.43
C LEU B 191 -11.50 33.53 -6.14
N GLU B 192 -10.87 34.52 -5.50
CA GLU B 192 -9.65 35.10 -6.04
C GLU B 192 -8.59 34.04 -6.31
N SER B 193 -8.48 33.06 -5.40
CA SER B 193 -7.47 32.01 -5.56
C SER B 193 -7.67 31.20 -6.83
N MET B 194 -8.82 31.28 -7.48
CA MET B 194 -9.13 30.48 -8.66
C MET B 194 -9.08 31.25 -9.97
N ILE B 195 -9.71 32.43 -10.02
CA ILE B 195 -9.86 33.20 -11.24
C ILE B 195 -9.22 34.57 -11.12
N GLY B 196 -8.45 34.79 -10.06
CA GLY B 196 -7.79 36.06 -9.85
C GLY B 196 -6.52 36.16 -10.67
N ALA B 197 -5.68 37.12 -10.29
CA ALA B 197 -4.46 37.36 -11.04
C ALA B 197 -3.51 36.17 -10.99
N HIS B 198 -3.42 35.51 -9.84
CA HIS B 198 -2.61 34.32 -9.67
C HIS B 198 -3.45 33.04 -9.65
N GLY B 199 -4.55 33.00 -10.40
CA GLY B 199 -5.50 31.92 -10.26
C GLY B 199 -4.96 30.58 -10.77
N VAL B 200 -5.21 29.53 -9.98
CA VAL B 200 -4.73 28.19 -10.31
C VAL B 200 -5.61 27.46 -11.31
N SER B 201 -6.68 28.10 -11.81
CA SER B 201 -7.49 27.53 -12.87
C SER B 201 -7.53 28.54 -14.01
N PRO B 202 -6.44 28.65 -14.77
CA PRO B 202 -6.47 29.45 -16.01
C PRO B 202 -7.58 29.05 -16.95
N ALA B 203 -7.95 27.77 -16.96
CA ALA B 203 -8.98 27.31 -17.88
C ALA B 203 -10.34 27.83 -17.47
N ALA B 204 -10.57 28.00 -16.16
CA ALA B 204 -11.82 28.60 -15.70
C ALA B 204 -11.90 30.07 -16.09
N LYS B 205 -10.78 30.80 -16.02
CA LYS B 205 -10.77 32.18 -16.50
C LYS B 205 -11.12 32.25 -17.97
N GLN B 206 -10.43 31.49 -18.81
CA GLN B 206 -10.70 31.55 -20.24
C GLN B 206 -12.16 31.21 -20.53
N SER B 207 -12.76 30.31 -19.75
CA SER B 207 -14.16 29.99 -19.93
C SER B 207 -15.04 31.16 -19.52
N LEU B 208 -14.73 31.82 -18.41
CA LEU B 208 -15.49 32.99 -18.00
C LEU B 208 -15.37 34.11 -19.03
N ALA B 209 -14.15 34.34 -19.51
CA ALA B 209 -13.93 35.37 -20.52
C ALA B 209 -14.78 35.12 -21.75
N SER B 210 -14.72 33.90 -22.30
CA SER B 210 -15.46 33.59 -23.51
C SER B 210 -16.97 33.73 -23.33
N ARG B 211 -17.49 33.22 -22.22
CA ARG B 211 -18.94 33.10 -22.06
C ARG B 211 -19.58 34.42 -21.64
N LEU B 212 -18.87 35.24 -20.87
CA LEU B 212 -19.39 36.53 -20.45
C LEU B 212 -19.33 37.55 -21.58
N SER B 213 -18.27 37.49 -22.39
CA SER B 213 -18.18 38.37 -23.55
C SER B 213 -19.36 38.16 -24.48
N LYS B 214 -19.71 36.90 -24.75
CA LYS B 214 -20.88 36.63 -25.58
C LYS B 214 -22.15 37.19 -24.94
N LEU B 215 -22.39 36.87 -23.66
CA LEU B 215 -23.59 37.36 -22.99
C LEU B 215 -23.73 38.87 -23.13
N PHE B 216 -22.63 39.60 -22.93
CA PHE B 216 -22.61 41.05 -23.07
C PHE B 216 -23.35 41.48 -24.32
N LYS B 217 -23.27 40.67 -25.38
CA LYS B 217 -24.02 40.92 -26.60
C LYS B 217 -25.34 40.15 -26.58
N VAL C 6 -3.87 -2.20 -36.87
CA VAL C 6 -3.08 -2.93 -35.88
C VAL C 6 -3.26 -4.43 -36.04
N THR C 7 -2.17 -5.13 -36.35
CA THR C 7 -2.21 -6.56 -36.59
C THR C 7 -1.56 -7.30 -35.43
N ALA C 8 -1.90 -8.58 -35.30
CA ALA C 8 -1.23 -9.43 -34.33
C ALA C 8 0.18 -9.75 -34.81
N LEU C 9 0.99 -10.23 -33.86
CA LEU C 9 2.36 -10.63 -34.16
C LEU C 9 2.67 -11.93 -33.43
N GLU C 10 3.50 -12.75 -34.07
CA GLU C 10 3.92 -14.02 -33.51
C GLU C 10 5.44 -13.98 -33.44
N ILE C 11 5.99 -14.13 -32.24
CA ILE C 11 7.42 -14.03 -31.99
C ILE C 11 7.90 -15.32 -31.35
N GLU C 12 8.81 -16.01 -32.06
CA GLU C 12 9.42 -17.22 -31.51
C GLU C 12 8.34 -18.21 -31.07
N ASN C 13 7.31 -18.34 -31.89
CA ASN C 13 6.20 -19.26 -31.69
C ASN C 13 5.25 -18.76 -30.60
N TYR C 14 5.40 -17.52 -30.14
CA TYR C 14 4.46 -16.93 -29.19
C TYR C 14 3.67 -15.83 -29.85
N ALA C 15 2.36 -15.85 -29.64
CA ALA C 15 1.44 -14.99 -30.35
C ALA C 15 1.07 -13.80 -29.47
N PHE C 16 1.15 -12.60 -30.03
CA PHE C 16 0.71 -11.40 -29.33
C PHE C 16 -0.54 -10.87 -30.03
N PRO C 17 -1.72 -10.94 -29.42
CA PRO C 17 -2.94 -10.51 -30.10
C PRO C 17 -2.97 -9.00 -30.31
N PRO C 18 -3.88 -8.48 -31.12
CA PRO C 18 -3.88 -7.04 -31.42
C PRO C 18 -4.24 -6.16 -30.24
N THR C 19 -5.04 -6.66 -29.30
CA THR C 19 -5.40 -5.91 -28.11
C THR C 19 -5.23 -6.80 -26.90
N VAL C 20 -5.09 -6.15 -25.74
CA VAL C 20 -5.04 -6.85 -24.47
C VAL C 20 -5.88 -6.06 -23.48
N LYS C 21 -6.26 -6.77 -22.43
CA LYS C 21 -6.99 -6.19 -21.30
C LYS C 21 -6.14 -6.42 -20.07
N PRO C 22 -5.37 -5.42 -19.61
CA PRO C 22 -4.63 -5.63 -18.37
C PRO C 22 -5.59 -5.78 -17.23
N PRO C 23 -5.18 -6.48 -16.16
CA PRO C 23 -6.14 -6.79 -15.09
C PRO C 23 -6.77 -5.57 -14.45
N GLY C 24 -5.98 -4.60 -14.04
CA GLY C 24 -6.50 -3.43 -13.35
C GLY C 24 -7.05 -2.32 -14.20
N SER C 25 -6.94 -2.41 -15.53
CA SER C 25 -7.28 -1.30 -16.41
C SER C 25 -8.63 -1.51 -17.11
N THR C 26 -9.35 -0.41 -17.28
CA THR C 26 -10.54 -0.37 -18.11
C THR C 26 -10.27 0.41 -19.39
N ASN C 27 -9.00 0.63 -19.70
CA ASN C 27 -8.60 1.31 -20.92
C ASN C 27 -8.42 0.33 -22.07
N ASN C 28 -8.43 0.88 -23.26
CA ASN C 28 -8.13 0.13 -24.47
C ASN C 28 -6.63 0.21 -24.74
N PHE C 29 -6.05 -0.91 -25.15
CA PHE C 29 -4.64 -0.99 -25.50
C PHE C 29 -4.55 -1.62 -26.88
N PHE C 30 -3.49 -1.27 -27.62
CA PHE C 30 -3.26 -1.86 -28.93
C PHE C 30 -1.83 -2.39 -28.98
N LEU C 31 -1.64 -3.45 -29.75
CA LEU C 31 -0.30 -4.02 -29.88
C LEU C 31 0.55 -3.03 -30.68
N GLY C 32 1.42 -2.32 -29.96
CA GLY C 32 2.30 -1.36 -30.58
C GLY C 32 3.47 -2.00 -31.29
N GLY C 33 3.96 -3.09 -30.72
CA GLY C 33 5.09 -3.80 -31.28
C GLY C 33 5.45 -4.97 -30.41
N ALA C 34 6.30 -5.83 -30.96
CA ALA C 34 6.75 -7.02 -30.26
C ALA C 34 8.13 -7.36 -30.78
N GLY C 35 8.93 -8.00 -29.94
CA GLY C 35 10.25 -8.40 -30.35
C GLY C 35 10.87 -9.38 -29.38
N GLU C 36 11.85 -10.12 -29.89
CA GLU C 36 12.60 -11.06 -29.10
C GLU C 36 13.64 -10.32 -28.24
N ARG C 37 14.13 -11.01 -27.23
CA ARG C 37 15.20 -10.49 -26.38
C ARG C 37 16.14 -11.64 -26.05
N GLY C 38 17.38 -11.54 -26.50
CA GLY C 38 18.36 -12.57 -26.22
C GLY C 38 19.69 -11.97 -25.83
N ILE C 39 20.52 -12.81 -25.25
CA ILE C 39 21.90 -12.45 -24.98
C ILE C 39 22.69 -12.95 -26.19
N GLN C 40 23.81 -12.33 -26.49
CA GLN C 40 24.65 -12.76 -27.60
C GLN C 40 25.73 -13.56 -26.87
N ILE C 41 25.64 -14.88 -26.93
CA ILE C 41 26.53 -15.75 -26.16
C ILE C 41 27.25 -16.72 -27.09
N GLN C 42 28.57 -16.61 -27.11
CA GLN C 42 29.45 -17.56 -27.77
C GLN C 42 29.01 -17.88 -29.20
N ASP C 43 29.29 -16.93 -30.09
CA ASP C 43 29.05 -16.94 -31.54
C ASP C 43 27.58 -17.02 -31.97
N LYS C 44 26.65 -17.36 -31.08
CA LYS C 44 25.25 -17.48 -31.47
C LYS C 44 24.36 -16.67 -30.54
N PHE C 45 23.21 -16.27 -31.09
CA PHE C 45 22.23 -15.41 -30.42
C PHE C 45 21.19 -16.25 -29.68
N VAL C 46 21.34 -16.37 -28.37
CA VAL C 46 20.45 -17.17 -27.54
C VAL C 46 19.25 -16.32 -27.15
N LYS C 47 18.06 -16.74 -27.58
CA LYS C 47 16.82 -16.00 -27.33
C LYS C 47 16.17 -16.48 -26.04
N PHE C 48 15.96 -15.54 -25.10
CA PHE C 48 15.40 -15.88 -23.80
C PHE C 48 13.93 -15.53 -23.64
N THR C 49 13.48 -14.41 -24.20
CA THR C 49 12.12 -13.97 -23.97
C THR C 49 11.55 -13.34 -25.23
N ALA C 50 10.23 -13.29 -25.29
CA ALA C 50 9.51 -12.59 -26.35
C ALA C 50 8.69 -11.50 -25.69
N ILE C 51 8.90 -10.26 -26.11
CA ILE C 51 8.36 -9.10 -25.42
C ILE C 51 7.37 -8.40 -26.34
N GLY C 52 6.18 -8.14 -25.82
CA GLY C 52 5.18 -7.39 -26.54
C GLY C 52 4.80 -6.14 -25.79
N VAL C 53 4.87 -5.00 -26.47
CA VAL C 53 4.66 -3.70 -25.84
C VAL C 53 3.36 -3.14 -26.37
N TYR C 54 2.37 -3.07 -25.49
CA TYR C 54 1.05 -2.51 -25.79
C TYR C 54 0.98 -1.09 -25.25
N LEU C 55 0.23 -0.25 -25.95
CA LEU C 55 0.09 1.15 -25.59
C LEU C 55 -1.39 1.50 -25.53
N GLN C 56 -1.75 2.41 -24.62
CA GLN C 56 -3.14 2.83 -24.55
C GLN C 56 -3.51 3.55 -25.84
N ASP C 57 -4.78 3.43 -26.22
CA ASP C 57 -5.26 4.05 -27.46
C ASP C 57 -4.89 5.52 -27.55
N ILE C 58 -5.20 6.30 -26.51
CA ILE C 58 -4.95 7.74 -26.57
C ILE C 58 -3.48 8.06 -26.81
N ALA C 59 -2.59 7.07 -26.70
CA ALA C 59 -1.19 7.29 -27.03
C ALA C 59 -1.02 7.66 -28.50
N VAL C 60 -2.03 7.41 -29.33
CA VAL C 60 -1.91 7.62 -30.77
C VAL C 60 -1.85 9.12 -31.05
N PRO C 61 -2.78 9.93 -30.55
CA PRO C 61 -2.66 11.38 -30.76
C PRO C 61 -1.42 12.01 -30.13
N TYR C 62 -1.13 11.71 -28.86
CA TYR C 62 0.01 12.34 -28.20
C TYR C 62 1.32 12.13 -28.96
N LEU C 63 1.64 10.89 -29.30
CA LEU C 63 2.91 10.64 -29.98
C LEU C 63 2.88 11.12 -31.43
N ALA C 64 1.72 11.12 -32.07
CA ALA C 64 1.68 11.62 -33.45
C ALA C 64 1.98 13.11 -33.49
N GLU C 65 1.45 13.88 -32.53
CA GLU C 65 1.67 15.31 -32.54
C GLU C 65 3.15 15.63 -32.45
N LYS C 66 3.90 14.84 -31.69
CA LYS C 66 5.30 15.16 -31.41
C LYS C 66 6.26 14.42 -32.33
N TRP C 67 5.80 13.37 -33.04
CA TRP C 67 6.68 12.59 -33.89
C TRP C 67 6.06 12.24 -35.25
N LYS C 68 4.89 12.78 -35.57
CA LYS C 68 4.25 12.46 -36.84
C LYS C 68 5.01 13.07 -38.00
N ALA C 69 4.86 12.45 -39.17
CA ALA C 69 5.50 12.91 -40.39
C ALA C 69 6.93 12.41 -40.49
N ARG C 70 7.33 11.58 -39.53
CA ARG C 70 8.67 11.01 -39.53
C ARG C 70 8.47 9.52 -39.79
N SER C 71 9.11 9.04 -40.84
CA SER C 71 8.99 7.66 -41.28
C SER C 71 9.49 6.65 -40.27
N ALA C 72 8.87 5.47 -40.26
CA ALA C 72 9.30 4.42 -39.35
C ALA C 72 10.82 4.27 -39.27
N HIS C 73 11.52 4.24 -40.40
CA HIS C 73 12.96 4.02 -40.34
C HIS C 73 13.61 5.11 -39.49
N GLU C 74 13.15 6.35 -39.63
CA GLU C 74 13.67 7.47 -38.85
C GLU C 74 13.45 7.24 -37.35
N LEU C 75 12.22 6.88 -36.97
CA LEU C 75 11.88 6.79 -35.54
C LEU C 75 12.80 5.83 -34.80
N THR C 76 13.04 4.65 -35.37
CA THR C 76 13.97 3.71 -34.75
C THR C 76 15.33 4.37 -34.57
N ASP C 77 15.71 5.25 -35.50
CA ASP C 77 17.02 5.86 -35.50
C ASP C 77 17.13 6.97 -34.46
N THR C 78 16.04 7.25 -33.76
CA THR C 78 15.99 8.31 -32.77
C THR C 78 16.03 7.72 -31.37
N VAL C 79 16.56 8.51 -30.44
CA VAL C 79 16.67 8.13 -29.04
C VAL C 79 15.60 8.80 -28.20
N PRO C 80 15.24 10.08 -28.43
CA PRO C 80 14.16 10.68 -27.64
C PRO C 80 12.76 10.13 -27.95
N PHE C 81 12.59 9.48 -29.11
CA PHE C 81 11.28 8.92 -29.46
C PHE C 81 10.85 7.85 -28.47
N PHE C 82 11.77 6.97 -28.09
CA PHE C 82 11.43 5.90 -27.15
C PHE C 82 11.27 6.42 -25.72
N ARG C 83 12.02 7.43 -25.31
CA ARG C 83 11.78 8.06 -24.01
C ARG C 83 10.34 8.57 -23.90
N ASP C 84 9.75 9.05 -24.99
CA ASP C 84 8.35 9.47 -24.93
C ASP C 84 7.42 8.30 -24.68
N ILE C 85 7.65 7.19 -25.39
CA ILE C 85 6.83 6.00 -25.18
C ILE C 85 6.95 5.52 -23.74
N VAL C 86 8.14 5.66 -23.14
CA VAL C 86 8.32 5.17 -21.77
C VAL C 86 7.65 6.10 -20.77
N THR C 87 7.85 7.41 -20.91
CA THR C 87 7.44 8.38 -19.90
C THR C 87 6.18 9.16 -20.28
N GLY C 88 5.61 8.90 -21.45
CA GLY C 88 4.44 9.62 -21.92
C GLY C 88 3.26 9.58 -20.98
N PRO C 89 2.26 10.47 -21.22
CA PRO C 89 1.04 10.52 -20.39
C PRO C 89 -0.01 9.51 -20.83
N PHE C 90 0.36 8.23 -20.81
CA PHE C 90 -0.54 7.16 -21.19
C PHE C 90 -0.12 5.87 -20.51
N GLU C 91 -1.00 4.89 -20.50
CA GLU C 91 -0.65 3.62 -19.90
C GLU C 91 0.03 2.73 -20.92
N LYS C 92 0.98 1.96 -20.46
CA LYS C 92 1.71 0.99 -21.27
C LYS C 92 1.57 -0.37 -20.61
N PHE C 93 1.52 -1.43 -21.42
CA PHE C 93 1.41 -2.78 -20.90
C PHE C 93 2.40 -3.65 -21.65
N MET C 94 3.23 -4.37 -20.90
CA MET C 94 4.29 -5.20 -21.46
C MET C 94 4.02 -6.64 -21.08
N ARG C 95 4.06 -7.54 -22.06
CA ARG C 95 4.00 -8.96 -21.80
C ARG C 95 5.39 -9.53 -22.06
N VAL C 96 5.95 -10.19 -21.05
CA VAL C 96 7.22 -10.88 -21.18
C VAL C 96 6.95 -12.37 -21.06
N THR C 97 7.09 -13.08 -22.19
CA THR C 97 6.90 -14.53 -22.26
C THR C 97 8.24 -15.23 -22.37
N MET C 98 8.47 -16.20 -21.49
CA MET C 98 9.74 -16.88 -21.41
C MET C 98 9.88 -17.88 -22.56
N ILE C 99 10.99 -17.79 -23.28
CA ILE C 99 11.38 -18.81 -24.25
C ILE C 99 12.16 -19.92 -23.57
N LEU C 100 13.11 -19.54 -22.73
CA LEU C 100 13.86 -20.44 -21.89
C LEU C 100 13.40 -20.26 -20.45
N PRO C 101 13.55 -21.27 -19.60
CA PRO C 101 13.07 -21.15 -18.22
C PRO C 101 13.90 -20.15 -17.43
N LEU C 102 13.22 -19.36 -16.61
CA LEU C 102 13.87 -18.39 -15.74
C LEU C 102 13.21 -18.43 -14.37
N THR C 103 14.01 -18.27 -13.33
CA THR C 103 13.44 -18.01 -12.00
C THR C 103 13.17 -16.51 -11.86
N GLY C 104 12.23 -16.19 -10.99
CA GLY C 104 11.97 -14.79 -10.70
C GLY C 104 13.18 -14.10 -10.11
N HIS C 105 13.95 -14.82 -9.30
CA HIS C 105 15.20 -14.30 -8.77
C HIS C 105 16.16 -13.91 -9.90
N GLN C 106 16.36 -14.82 -10.86
CA GLN C 106 17.20 -14.49 -12.01
C GLN C 106 16.67 -13.28 -12.76
N TYR C 107 15.35 -13.20 -12.93
CA TYR C 107 14.76 -12.12 -13.71
C TYR C 107 14.86 -10.78 -12.98
N SER C 108 14.50 -10.75 -11.70
CA SER C 108 14.43 -9.47 -10.98
C SER C 108 15.83 -8.92 -10.69
N GLU C 109 16.80 -9.78 -10.41
CA GLU C 109 18.16 -9.28 -10.21
C GLU C 109 18.63 -8.53 -11.43
N LYS C 110 18.42 -9.10 -12.63
CA LYS C 110 18.82 -8.44 -13.86
C LYS C 110 18.07 -7.14 -14.09
N VAL C 111 16.74 -7.15 -13.89
CA VAL C 111 15.99 -5.92 -14.09
C VAL C 111 16.43 -4.88 -13.06
N SER C 112 16.64 -5.31 -11.81
CA SER C 112 16.99 -4.37 -10.76
C SER C 112 18.38 -3.78 -11.04
N GLU C 113 19.36 -4.65 -11.33
CA GLU C 113 20.72 -4.16 -11.59
C GLU C 113 20.72 -3.15 -12.73
N ASN C 114 20.00 -3.47 -13.81
CA ASN C 114 19.97 -2.62 -14.98
C ASN C 114 19.43 -1.23 -14.65
N CYS C 115 18.29 -1.16 -13.98
CA CYS C 115 17.65 0.14 -13.74
C CYS C 115 18.42 0.96 -12.71
N VAL C 116 18.98 0.31 -11.69
CA VAL C 116 19.73 1.07 -10.69
C VAL C 116 20.92 1.73 -11.37
N ALA C 117 21.46 1.10 -12.41
CA ALA C 117 22.51 1.73 -13.21
C ALA C 117 21.99 3.01 -13.87
N ILE C 118 20.81 2.92 -14.51
CA ILE C 118 20.24 4.06 -15.23
C ILE C 118 19.99 5.25 -14.30
N TRP C 119 19.56 4.98 -13.07
CA TRP C 119 19.12 6.04 -12.16
C TRP C 119 20.28 6.81 -11.53
N LYS C 120 21.41 6.16 -11.28
CA LYS C 120 22.49 6.83 -10.57
C LYS C 120 23.21 7.83 -11.47
N SER C 121 23.31 7.51 -12.76
CA SER C 121 23.87 8.44 -13.73
C SER C 121 23.00 9.68 -13.89
N LEU C 122 21.68 9.50 -13.86
CA LEU C 122 20.74 10.57 -14.09
C LEU C 122 20.36 11.30 -12.81
N GLY C 123 21.04 10.98 -11.72
CA GLY C 123 20.87 11.68 -10.44
C GLY C 123 19.45 11.79 -9.91
N ILE C 124 18.62 10.77 -10.11
CA ILE C 124 17.34 10.68 -9.41
C ILE C 124 17.32 9.53 -8.42
N TYR C 125 18.44 8.85 -8.21
CA TYR C 125 18.44 7.66 -7.36
C TYR C 125 18.24 7.99 -5.89
N THR C 126 17.00 7.93 -5.44
CA THR C 126 16.66 8.08 -4.03
C THR C 126 16.70 6.72 -3.36
N ASP C 127 16.60 6.71 -2.03
CA ASP C 127 16.38 5.45 -1.33
C ASP C 127 14.95 4.96 -1.53
N GLU C 128 14.03 5.85 -1.92
CA GLU C 128 12.68 5.41 -2.29
C GLU C 128 12.74 4.49 -3.50
N GLU C 129 13.54 4.86 -4.50
CA GLU C 129 13.76 3.94 -5.62
C GLU C 129 14.38 2.65 -5.11
N ALA C 130 15.26 2.74 -4.11
CA ALA C 130 15.79 1.53 -3.50
C ALA C 130 14.70 0.75 -2.80
N LYS C 131 13.77 1.45 -2.15
CA LYS C 131 12.62 0.79 -1.53
C LYS C 131 11.72 0.16 -2.58
N ALA C 132 11.52 0.84 -3.71
CA ALA C 132 10.75 0.26 -4.80
C ALA C 132 11.40 -1.04 -5.29
N ILE C 133 12.72 -1.02 -5.48
CA ILE C 133 13.43 -2.22 -5.90
C ILE C 133 13.24 -3.34 -4.86
N ASP C 134 13.19 -2.97 -3.59
CA ASP C 134 13.00 -3.98 -2.54
C ASP C 134 11.69 -4.74 -2.77
N LYS C 135 10.60 -4.02 -2.96
CA LYS C 135 9.31 -4.66 -3.14
C LYS C 135 9.28 -5.46 -4.44
N PHE C 136 9.75 -4.85 -5.54
CA PHE C 136 9.86 -5.53 -6.82
C PHE C 136 10.51 -6.90 -6.67
N VAL C 137 11.65 -6.96 -5.99
CA VAL C 137 12.34 -8.24 -5.80
C VAL C 137 11.50 -9.21 -4.98
N SER C 138 10.80 -8.72 -3.95
CA SER C 138 9.98 -9.61 -3.13
C SER C 138 8.84 -10.22 -3.94
N VAL C 139 8.27 -9.46 -4.89
CA VAL C 139 7.17 -9.99 -5.70
C VAL C 139 7.64 -11.23 -6.44
N PHE C 140 8.87 -11.20 -6.95
CA PHE C 140 9.42 -12.24 -7.81
C PHE C 140 10.08 -13.36 -7.04
N LYS C 141 10.23 -13.21 -5.73
CA LYS C 141 11.11 -14.07 -4.95
C LYS C 141 10.83 -15.56 -5.16
N ASP C 142 9.56 -15.95 -5.03
CA ASP C 142 9.20 -17.36 -5.05
C ASP C 142 8.73 -17.82 -6.42
N GLU C 143 8.80 -16.96 -7.43
CA GLU C 143 8.26 -17.25 -8.74
C GLU C 143 9.23 -18.04 -9.60
N THR C 144 8.67 -18.91 -10.45
CA THR C 144 9.41 -19.58 -11.50
C THR C 144 8.62 -19.47 -12.79
N PHE C 145 9.34 -19.42 -13.90
CA PHE C 145 8.76 -19.06 -15.19
C PHE C 145 9.19 -20.05 -16.26
N PRO C 146 8.45 -21.15 -16.42
CA PRO C 146 8.76 -22.11 -17.48
C PRO C 146 8.53 -21.49 -18.85
N PRO C 147 9.02 -22.15 -19.91
CA PRO C 147 8.70 -21.70 -21.27
C PRO C 147 7.21 -21.46 -21.43
N GLY C 148 6.86 -20.35 -22.09
CA GLY C 148 5.49 -20.00 -22.35
C GLY C 148 4.83 -19.20 -21.26
N SER C 149 5.35 -19.24 -20.03
CA SER C 149 4.77 -18.43 -18.97
C SER C 149 5.06 -16.96 -19.24
N SER C 150 4.36 -16.09 -18.53
CA SER C 150 4.43 -14.66 -18.84
C SER C 150 4.53 -13.81 -17.59
N ILE C 151 5.30 -12.73 -17.72
CA ILE C 151 5.37 -11.67 -16.72
C ILE C 151 4.69 -10.45 -17.32
N LEU C 152 3.70 -9.92 -16.63
CA LEU C 152 2.88 -8.84 -17.16
C LEU C 152 3.07 -7.58 -16.32
N PHE C 153 3.44 -6.50 -16.99
CA PHE C 153 3.66 -5.20 -16.35
C PHE C 153 2.65 -4.20 -16.89
N THR C 154 1.95 -3.50 -16.01
CA THR C 154 1.16 -2.33 -16.38
C THR C 154 1.85 -1.10 -15.83
N VAL C 155 2.18 -0.17 -16.71
CA VAL C 155 2.83 1.09 -16.37
C VAL C 155 1.79 2.18 -16.53
N SER C 156 1.42 2.86 -15.44
CA SER C 156 0.37 3.86 -15.49
C SER C 156 0.84 5.18 -14.91
N PRO C 157 0.26 6.32 -15.33
CA PRO C 157 0.67 7.60 -14.75
C PRO C 157 0.02 7.89 -13.40
N LYS C 158 -1.09 7.24 -13.08
CA LYS C 158 -1.74 7.37 -11.79
C LYS C 158 -0.77 7.10 -10.64
N SER C 162 1.96 4.17 -11.52
CA SER C 162 2.28 2.96 -10.79
C SER C 162 2.74 1.86 -11.73
N LEU C 163 3.28 0.78 -11.14
CA LEU C 163 3.65 -0.43 -11.86
C LEU C 163 2.81 -1.57 -11.30
N THR C 164 1.97 -2.17 -12.14
CA THR C 164 1.20 -3.34 -11.74
C THR C 164 1.88 -4.58 -12.30
N ILE C 165 2.06 -5.59 -11.46
CA ILE C 165 2.76 -6.82 -11.81
C ILE C 165 1.78 -7.98 -11.75
N SER C 166 1.69 -8.73 -12.84
CA SER C 166 0.84 -9.91 -12.91
C SER C 166 1.62 -11.05 -13.56
N PHE C 167 1.19 -12.28 -13.25
CA PHE C 167 1.85 -13.48 -13.73
C PHE C 167 0.83 -14.40 -14.37
N SER C 168 1.26 -15.12 -15.39
CA SER C 168 0.43 -16.08 -16.09
C SER C 168 1.27 -17.29 -16.47
N LYS C 169 0.63 -18.46 -16.47
CA LYS C 169 1.30 -19.68 -16.89
C LYS C 169 1.39 -19.82 -18.41
N ASP C 170 0.66 -18.99 -19.15
CA ASP C 170 0.80 -18.92 -20.59
C ASP C 170 0.82 -17.46 -21.04
N GLY C 171 0.23 -17.17 -22.20
CA GLY C 171 0.13 -15.82 -22.70
C GLY C 171 -1.17 -15.14 -22.35
N SER C 172 -2.04 -15.83 -21.62
CA SER C 172 -3.32 -15.26 -21.23
C SER C 172 -3.12 -14.29 -20.08
N ILE C 173 -3.99 -13.29 -20.01
CA ILE C 173 -3.89 -12.25 -18.99
C ILE C 173 -4.79 -12.67 -17.83
N PRO C 174 -4.31 -12.72 -16.60
CA PRO C 174 -5.21 -13.02 -15.50
C PRO C 174 -6.20 -11.89 -15.28
N GLU C 175 -7.25 -12.21 -14.54
CA GLU C 175 -8.30 -11.26 -14.24
C GLU C 175 -7.93 -10.33 -13.10
N VAL C 176 -6.91 -10.69 -12.31
CA VAL C 176 -6.46 -9.93 -11.15
C VAL C 176 -4.94 -9.95 -11.13
N GLU C 177 -4.33 -8.79 -10.87
CA GLU C 177 -2.88 -8.71 -10.80
C GLU C 177 -2.35 -9.43 -9.57
N THR C 178 -1.02 -9.46 -9.45
CA THR C 178 -0.36 -9.98 -8.26
C THR C 178 0.07 -8.88 -7.29
N ALA C 179 0.56 -7.76 -7.80
CA ALA C 179 1.06 -6.70 -6.93
C ALA C 179 1.10 -5.38 -7.68
N VAL C 180 1.07 -4.30 -6.91
CA VAL C 180 1.16 -2.94 -7.43
C VAL C 180 2.23 -2.20 -6.65
N ILE C 181 3.12 -1.51 -7.36
CA ILE C 181 4.22 -0.78 -6.74
C ILE C 181 3.98 0.69 -7.03
N GLU C 182 3.73 1.46 -5.96
CA GLU C 182 3.52 2.90 -6.07
C GLU C 182 4.90 3.55 -6.16
N ASN C 183 5.42 3.59 -7.38
CA ASN C 183 6.65 4.28 -7.70
C ASN C 183 6.54 4.71 -9.15
N LYS C 184 7.33 5.69 -9.54
CA LYS C 184 7.27 6.21 -10.90
C LYS C 184 8.53 5.94 -11.70
N LEU C 185 9.69 5.91 -11.04
CA LEU C 185 10.92 5.57 -11.74
C LEU C 185 11.04 4.06 -11.94
N LEU C 186 10.60 3.28 -10.96
CA LEU C 186 10.60 1.82 -11.12
C LEU C 186 9.71 1.43 -12.28
N SER C 187 8.48 1.95 -12.31
CA SER C 187 7.56 1.63 -13.39
C SER C 187 8.17 2.01 -14.74
N GLN C 188 8.86 3.14 -14.78
CA GLN C 188 9.49 3.59 -16.02
C GLN C 188 10.76 2.80 -16.33
N ALA C 189 11.55 2.52 -15.30
CA ALA C 189 12.79 1.79 -15.51
C ALA C 189 12.53 0.44 -16.16
N VAL C 190 11.48 -0.26 -15.72
CA VAL C 190 11.18 -1.59 -16.26
C VAL C 190 10.94 -1.51 -17.76
N LEU C 191 10.15 -0.52 -18.20
CA LEU C 191 9.85 -0.40 -19.63
C LEU C 191 11.03 0.15 -20.42
N GLU C 192 11.65 1.24 -19.95
CA GLU C 192 12.83 1.74 -20.64
C GLU C 192 13.90 0.67 -20.74
N SER C 193 14.03 -0.14 -19.68
CA SER C 193 15.00 -1.23 -19.71
C SER C 193 14.71 -2.18 -20.86
N MET C 194 13.53 -2.10 -21.48
CA MET C 194 13.17 -2.92 -22.63
C MET C 194 13.29 -2.16 -23.94
N ILE C 195 12.80 -0.93 -24.01
CA ILE C 195 12.70 -0.19 -25.26
C ILE C 195 13.48 1.11 -25.25
N GLY C 196 14.33 1.34 -24.25
CA GLY C 196 15.09 2.56 -24.17
C GLY C 196 16.31 2.54 -25.09
N ALA C 197 17.18 3.52 -24.87
CA ALA C 197 18.39 3.61 -25.68
C ALA C 197 19.31 2.43 -25.43
N HIS C 198 19.37 1.96 -24.18
CA HIS C 198 20.09 0.75 -23.83
C HIS C 198 19.14 -0.43 -23.70
N GLY C 199 18.05 -0.41 -24.47
CA GLY C 199 17.03 -1.44 -24.33
C GLY C 199 17.52 -2.76 -24.88
N VAL C 200 17.22 -3.83 -24.14
CA VAL C 200 17.71 -5.16 -24.51
C VAL C 200 16.91 -5.84 -25.61
N SER C 201 15.88 -5.20 -26.15
CA SER C 201 15.15 -5.73 -27.30
C SER C 201 15.06 -4.67 -28.39
N PRO C 202 16.14 -4.49 -29.15
CA PRO C 202 16.05 -3.66 -30.36
C PRO C 202 14.93 -4.10 -31.29
N ALA C 203 14.54 -5.37 -31.25
CA ALA C 203 13.51 -5.87 -32.17
C ALA C 203 12.14 -5.31 -31.80
N ALA C 204 11.87 -5.13 -30.50
CA ALA C 204 10.61 -4.51 -30.10
C ALA C 204 10.60 -3.04 -30.48
N LYS C 205 11.74 -2.37 -30.33
CA LYS C 205 11.87 -0.99 -30.79
C LYS C 205 11.58 -0.89 -32.28
N GLN C 206 12.24 -1.73 -33.08
CA GLN C 206 12.02 -1.73 -34.52
C GLN C 206 10.56 -1.97 -34.87
N SER C 207 9.90 -2.88 -34.14
CA SER C 207 8.48 -3.13 -34.39
C SER C 207 7.63 -1.95 -33.98
N LEU C 208 7.96 -1.34 -32.85
CA LEU C 208 7.22 -0.16 -32.39
C LEU C 208 7.33 1.00 -33.38
N ALA C 209 8.56 1.29 -33.84
CA ALA C 209 8.75 2.36 -34.80
C ALA C 209 7.95 2.10 -36.07
N SER C 210 8.14 0.92 -36.66
CA SER C 210 7.44 0.60 -37.89
C SER C 210 5.94 0.60 -37.68
N ARG C 211 5.49 0.04 -36.56
CA ARG C 211 4.06 -0.11 -36.39
C ARG C 211 3.39 1.17 -35.96
N LEU C 212 4.09 2.05 -35.26
CA LEU C 212 3.53 3.34 -34.86
C LEU C 212 3.32 4.28 -36.06
N SER C 213 4.28 4.27 -36.97
CA SER C 213 4.24 5.14 -38.13
C SER C 213 3.06 4.92 -39.05
N LYS C 214 2.70 3.68 -39.30
CA LYS C 214 1.56 3.42 -40.17
C LYS C 214 0.31 4.04 -39.57
N LEU C 215 0.20 4.03 -38.25
CA LEU C 215 -0.93 4.63 -37.56
C LEU C 215 -0.95 6.14 -37.82
N PHE C 216 0.21 6.78 -37.87
CA PHE C 216 0.27 8.22 -38.15
C PHE C 216 -0.44 8.54 -39.46
N LYS C 217 -0.05 7.86 -40.54
CA LYS C 217 -0.65 8.08 -41.84
C LYS C 217 -1.76 7.06 -42.11
N VAL D 6 18.32 21.97 -8.60
CA VAL D 6 19.10 21.32 -7.55
C VAL D 6 19.07 19.81 -7.77
N THR D 7 20.25 19.22 -7.88
CA THR D 7 20.36 17.82 -8.27
C THR D 7 20.53 16.94 -7.04
N ALA D 8 20.16 15.67 -7.18
CA ALA D 8 20.57 14.70 -6.18
C ALA D 8 22.05 14.41 -6.40
N LEU D 9 22.68 13.83 -5.39
CA LEU D 9 24.10 13.56 -5.51
C LEU D 9 24.39 12.20 -4.89
N GLU D 10 25.39 11.53 -5.44
CA GLU D 10 25.80 10.21 -4.97
C GLU D 10 27.26 10.33 -4.57
N ILE D 11 27.57 10.00 -3.31
CA ILE D 11 28.95 10.06 -2.84
C ILE D 11 29.29 8.66 -2.36
N GLU D 12 30.20 8.01 -3.09
CA GLU D 12 30.68 6.68 -2.75
C GLU D 12 29.54 5.70 -2.54
N ASN D 13 28.57 5.74 -3.45
CA ASN D 13 27.43 4.83 -3.51
C ASN D 13 26.37 5.15 -2.48
N TYR D 14 26.46 6.29 -1.81
CA TYR D 14 25.42 6.76 -0.90
C TYR D 14 24.73 7.96 -1.53
N ALA D 15 23.40 7.95 -1.51
CA ALA D 15 22.60 8.90 -2.26
C ALA D 15 22.15 10.01 -1.33
N PHE D 16 22.32 11.25 -1.79
CA PHE D 16 21.81 12.38 -1.02
C PHE D 16 20.65 13.00 -1.78
N PRO D 17 19.43 12.89 -1.28
CA PRO D 17 18.30 13.44 -2.03
C PRO D 17 18.39 14.95 -2.08
N PRO D 18 17.67 15.59 -3.01
CA PRO D 18 17.81 17.05 -3.16
C PRO D 18 17.25 17.83 -2.00
N THR D 19 16.32 17.27 -1.25
CA THR D 19 15.72 17.91 -0.08
C THR D 19 15.68 16.91 1.06
N VAL D 20 15.60 17.46 2.27
CA VAL D 20 15.40 16.66 3.48
C VAL D 20 14.49 17.45 4.40
N LYS D 21 13.93 16.75 5.37
CA LYS D 21 13.16 17.37 6.45
C LYS D 21 13.87 17.02 7.75
N PRO D 22 14.64 17.94 8.33
CA PRO D 22 15.34 17.65 9.57
C PRO D 22 14.33 17.33 10.67
N PRO D 23 14.76 16.68 11.75
CA PRO D 23 13.77 16.16 12.71
C PRO D 23 12.78 17.18 13.23
N GLY D 24 13.20 18.40 13.60
CA GLY D 24 12.24 19.35 14.13
C GLY D 24 12.33 20.79 13.67
N SER D 25 12.21 21.05 12.36
CA SER D 25 12.42 22.40 11.85
C SER D 25 11.18 22.98 11.18
N THR D 26 10.58 22.26 10.24
CA THR D 26 9.46 22.73 9.42
C THR D 26 9.92 23.74 8.36
N ASN D 27 11.22 23.94 8.20
CA ASN D 27 11.76 24.75 7.12
C ASN D 27 12.07 23.87 5.92
N ASN D 28 12.21 24.53 4.77
CA ASN D 28 12.59 23.83 3.54
C ASN D 28 14.10 23.80 3.44
N PHE D 29 14.64 22.67 3.00
CA PHE D 29 16.08 22.54 2.82
C PHE D 29 16.38 22.00 1.43
N PHE D 30 17.53 22.41 0.89
CA PHE D 30 17.99 21.95 -0.41
C PHE D 30 19.43 21.49 -0.30
N LEU D 31 19.76 20.50 -1.12
CA LEU D 31 21.11 19.96 -1.10
C LEU D 31 22.04 21.02 -1.69
N GLY D 32 22.81 21.67 -0.82
CA GLY D 32 23.74 22.68 -1.30
C GLY D 32 24.95 22.06 -1.96
N GLY D 33 25.38 20.91 -1.47
CA GLY D 33 26.51 20.21 -2.01
C GLY D 33 26.78 18.98 -1.18
N ALA D 34 27.61 18.10 -1.73
CA ALA D 34 27.97 16.87 -1.05
C ALA D 34 29.36 16.47 -1.52
N GLY D 35 30.07 15.75 -0.67
CA GLY D 35 31.39 15.29 -1.03
C GLY D 35 31.89 14.25 -0.07
N GLU D 36 32.87 13.49 -0.54
CA GLU D 36 33.48 12.48 0.29
C GLU D 36 34.39 13.14 1.33
N ARG D 37 34.77 12.37 2.33
CA ARG D 37 35.71 12.83 3.35
C ARG D 37 36.66 11.69 3.64
N GLY D 38 37.93 11.89 3.29
CA GLY D 38 38.93 10.86 3.46
C GLY D 38 40.21 11.43 4.05
N ILE D 39 41.04 10.53 4.54
CA ILE D 39 42.36 10.86 5.06
C ILE D 39 43.38 9.94 4.38
N GLN D 40 44.65 10.37 4.43
CA GLN D 40 45.72 9.66 3.74
C GLN D 40 46.35 8.67 4.72
N ILE D 41 46.23 7.37 4.44
CA ILE D 41 46.77 6.33 5.32
C ILE D 41 47.78 5.51 4.53
N GLN D 42 49.04 5.59 4.94
CA GLN D 42 50.13 4.79 4.40
C GLN D 42 50.04 4.71 2.88
N ASP D 43 50.34 5.80 2.19
CA ASP D 43 50.34 5.92 0.73
C ASP D 43 48.96 5.95 0.07
N LYS D 44 47.84 5.76 0.79
CA LYS D 44 46.53 5.69 0.16
C LYS D 44 45.55 6.67 0.78
N PHE D 45 44.59 7.13 -0.02
CA PHE D 45 43.52 8.05 0.41
C PHE D 45 42.30 7.22 0.79
N VAL D 46 42.13 6.98 2.09
CA VAL D 46 41.02 6.16 2.59
C VAL D 46 39.82 7.05 2.84
N LYS D 47 38.70 6.74 2.18
CA LYS D 47 37.47 7.50 2.33
C LYS D 47 36.67 6.94 3.50
N PHE D 48 36.39 7.76 4.50
CA PHE D 48 35.68 7.31 5.69
C PHE D 48 34.22 7.72 5.71
N THR D 49 33.85 8.88 5.18
CA THR D 49 32.46 9.32 5.27
C THR D 49 32.04 10.03 4.00
N ALA D 50 30.73 10.14 3.83
CA ALA D 50 30.11 10.92 2.77
C ALA D 50 29.29 12.01 3.43
N ILE D 51 29.58 13.26 3.10
CA ILE D 51 29.00 14.41 3.77
C ILE D 51 28.14 15.16 2.77
N GLY D 52 26.89 15.41 3.16
CA GLY D 52 25.98 16.21 2.36
C GLY D 52 25.51 17.39 3.18
N VAL D 53 25.63 18.59 2.61
CA VAL D 53 25.37 19.83 3.31
C VAL D 53 24.11 20.43 2.72
N TYR D 54 23.04 20.45 3.50
CA TYR D 54 21.78 21.04 3.10
C TYR D 54 21.68 22.45 3.68
N LEU D 55 21.03 23.33 2.94
CA LEU D 55 20.86 24.71 3.35
C LEU D 55 19.38 25.07 3.29
N GLN D 56 18.96 25.92 4.22
CA GLN D 56 17.59 26.39 4.19
C GLN D 56 17.36 27.23 2.93
N ASP D 57 16.12 27.18 2.42
CA ASP D 57 15.81 27.91 1.20
C ASP D 57 16.21 29.38 1.28
N ILE D 58 15.78 30.08 2.33
CA ILE D 58 16.06 31.51 2.46
C ILE D 58 17.54 31.82 2.42
N ALA D 59 18.40 30.82 2.57
CA ALA D 59 19.84 31.05 2.42
C ALA D 59 20.21 31.44 1.01
N VAL D 60 19.37 31.09 0.03
CA VAL D 60 19.72 31.29 -1.37
C VAL D 60 19.58 32.77 -1.71
N PRO D 61 18.49 33.48 -1.37
CA PRO D 61 18.50 34.94 -1.61
C PRO D 61 19.60 35.65 -0.83
N TYR D 62 19.72 35.33 0.46
CA TYR D 62 20.72 35.96 1.31
C TYR D 62 22.12 35.83 0.72
N LEU D 63 22.49 34.61 0.32
CA LEU D 63 23.80 34.40 -0.27
C LEU D 63 23.89 34.94 -1.68
N ALA D 64 22.76 35.01 -2.40
CA ALA D 64 22.80 35.38 -3.81
C ALA D 64 23.32 36.80 -4.02
N GLU D 65 22.92 37.74 -3.17
CA GLU D 65 23.38 39.13 -3.34
C GLU D 65 24.90 39.24 -3.15
N LYS D 66 25.45 38.50 -2.20
CA LYS D 66 26.84 38.72 -1.80
C LYS D 66 27.82 37.99 -2.69
N TRP D 67 27.37 37.01 -3.45
CA TRP D 67 28.32 36.20 -4.21
C TRP D 67 27.89 35.92 -5.64
N LYS D 68 26.86 36.59 -6.15
CA LYS D 68 26.52 36.37 -7.54
C LYS D 68 27.62 36.96 -8.41
N ALA D 69 27.73 36.46 -9.65
CA ALA D 69 28.64 36.97 -10.66
C ALA D 69 30.08 36.51 -10.42
N ARG D 70 30.25 35.40 -9.71
CA ARG D 70 31.56 34.81 -9.45
C ARG D 70 31.55 33.32 -9.80
N SER D 71 32.60 32.87 -10.46
CA SER D 71 32.67 31.50 -10.93
C SER D 71 32.93 30.53 -9.77
N ALA D 72 32.61 29.25 -10.00
CA ALA D 72 32.79 28.24 -8.97
C ALA D 72 34.22 28.25 -8.45
N HIS D 73 35.20 28.34 -9.35
CA HIS D 73 36.59 28.39 -8.94
C HIS D 73 36.86 29.55 -8.01
N GLU D 74 36.30 30.73 -8.32
CA GLU D 74 36.47 31.87 -7.44
C GLU D 74 35.88 31.59 -6.06
N LEU D 75 34.63 31.14 -6.04
CA LEU D 75 33.96 30.84 -4.77
C LEU D 75 34.71 29.77 -4.00
N THR D 76 35.19 28.74 -4.69
CA THR D 76 35.91 27.65 -4.02
C THR D 76 37.08 28.20 -3.20
N ASP D 77 37.81 29.16 -3.76
CA ASP D 77 38.96 29.74 -3.08
C ASP D 77 38.60 30.96 -2.23
N THR D 78 37.33 31.30 -2.11
CA THR D 78 36.91 32.48 -1.37
C THR D 78 36.47 32.02 0.02
N VAL D 79 37.22 32.44 1.04
CA VAL D 79 36.95 31.96 2.40
C VAL D 79 35.75 32.73 2.96
N PRO D 80 35.53 34.00 2.62
CA PRO D 80 34.29 34.65 3.12
C PRO D 80 33.03 34.05 2.53
N PHE D 81 33.11 33.37 1.38
CA PHE D 81 31.92 32.72 0.82
C PHE D 81 31.49 31.57 1.72
N PHE D 82 32.44 30.75 2.16
CA PHE D 82 32.14 29.63 3.04
C PHE D 82 31.88 30.11 4.46
N ARG D 83 32.61 31.13 4.93
CA ARG D 83 32.28 31.72 6.22
C ARG D 83 30.85 32.22 6.24
N ASP D 84 30.38 32.74 5.11
CA ASP D 84 29.00 33.17 5.03
C ASP D 84 28.05 31.98 5.12
N ILE D 85 28.39 30.88 4.42
CA ILE D 85 27.59 29.67 4.52
C ILE D 85 27.51 29.19 5.96
N VAL D 86 28.63 29.29 6.70
CA VAL D 86 28.68 28.73 8.05
C VAL D 86 27.87 29.58 9.01
N THR D 87 28.03 30.90 8.94
CA THR D 87 27.47 31.80 9.95
C THR D 87 26.21 32.52 9.49
N GLY D 88 25.75 32.28 8.27
CA GLY D 88 24.61 32.99 7.74
C GLY D 88 23.38 32.89 8.64
N PRO D 89 22.42 33.78 8.42
CA PRO D 89 21.17 33.78 9.22
C PRO D 89 20.14 32.79 8.65
N PHE D 90 20.53 31.53 8.57
CA PHE D 90 19.65 30.50 8.06
C PHE D 90 20.06 29.17 8.66
N GLU D 91 19.16 28.20 8.59
CA GLU D 91 19.45 26.89 9.12
C GLU D 91 20.24 26.07 8.11
N LYS D 92 21.17 25.28 8.64
CA LYS D 92 21.96 24.35 7.85
C LYS D 92 21.75 22.95 8.40
N PHE D 93 21.80 21.95 7.52
CA PHE D 93 21.63 20.57 7.93
C PHE D 93 22.69 19.74 7.22
N MET D 94 23.45 18.97 7.99
CA MET D 94 24.54 18.18 7.47
C MET D 94 24.22 16.72 7.72
N ARG D 95 24.34 15.90 6.68
CA ARG D 95 24.22 14.46 6.84
C ARG D 95 25.62 13.87 6.66
N VAL D 96 26.09 13.14 7.66
CA VAL D 96 27.36 12.43 7.58
C VAL D 96 27.04 10.96 7.57
N THR D 97 27.25 10.31 6.43
CA THR D 97 27.01 8.89 6.24
C THR D 97 28.34 8.16 6.24
N MET D 98 28.43 7.14 7.08
CA MET D 98 29.68 6.40 7.25
C MET D 98 29.91 5.46 6.08
N ILE D 99 31.08 5.58 5.47
CA ILE D 99 31.54 4.63 4.46
C ILE D 99 32.23 3.45 5.11
N LEU D 100 33.08 3.73 6.07
CA LEU D 100 33.70 2.74 6.93
C LEU D 100 33.08 2.82 8.30
N PRO D 101 33.12 1.74 9.07
CA PRO D 101 32.51 1.78 10.41
C PRO D 101 33.30 2.71 11.32
N LEU D 102 32.57 3.49 12.11
CA LEU D 102 33.19 4.38 13.09
C LEU D 102 32.44 4.25 14.41
N THR D 103 33.19 4.31 15.50
CA THR D 103 32.59 4.48 16.81
C THR D 103 32.29 5.96 17.06
N GLY D 104 31.33 6.22 17.94
CA GLY D 104 31.03 7.59 18.31
C GLY D 104 32.22 8.26 18.97
N HIS D 105 32.99 7.49 19.75
CA HIS D 105 34.22 8.04 20.33
C HIS D 105 35.19 8.48 19.24
N GLN D 106 35.45 7.62 18.26
CA GLN D 106 36.34 8.00 17.16
C GLN D 106 35.84 9.25 16.46
N TYR D 107 34.53 9.33 16.20
CA TYR D 107 34.01 10.48 15.46
C TYR D 107 34.09 11.75 16.30
N SER D 108 33.64 11.68 17.53
CA SER D 108 33.59 12.85 18.39
C SER D 108 34.97 13.42 18.70
N GLU D 109 35.95 12.55 18.78
CA GLU D 109 37.32 12.96 19.05
C GLU D 109 37.83 13.90 17.97
N LYS D 110 37.74 13.47 16.72
CA LYS D 110 38.27 14.22 15.59
C LYS D 110 37.51 15.53 15.40
N VAL D 111 36.19 15.50 15.48
CA VAL D 111 35.43 16.73 15.38
C VAL D 111 35.80 17.67 16.52
N SER D 112 35.91 17.14 17.74
CA SER D 112 36.06 18.00 18.90
C SER D 112 37.44 18.65 18.95
N GLU D 113 38.50 17.85 18.93
CA GLU D 113 39.85 18.40 19.00
C GLU D 113 40.10 19.33 17.83
N ASN D 114 39.58 19.00 16.65
CA ASN D 114 39.64 19.91 15.52
C ASN D 114 39.03 21.27 15.91
N CYS D 115 37.85 21.23 16.52
CA CYS D 115 37.15 22.47 16.89
C CYS D 115 37.90 23.21 17.99
N VAL D 116 38.49 22.48 18.93
CA VAL D 116 39.21 23.11 20.02
C VAL D 116 40.44 23.83 19.50
N ALA D 117 41.11 23.26 18.51
CA ALA D 117 42.27 23.90 17.92
C ALA D 117 41.88 25.22 17.24
N ILE D 118 40.84 25.18 16.39
CA ILE D 118 40.38 26.39 15.72
C ILE D 118 39.93 27.42 16.74
N TRP D 119 39.38 26.99 17.87
CA TRP D 119 38.95 27.92 18.89
C TRP D 119 40.13 28.57 19.58
N LYS D 120 41.27 27.92 19.56
CA LYS D 120 42.47 28.51 20.11
C LYS D 120 43.07 29.53 19.15
N SER D 121 42.37 29.83 18.04
CA SER D 121 42.78 30.88 17.12
C SER D 121 42.82 32.23 17.82
N LEU D 122 41.72 32.61 18.47
CA LEU D 122 41.62 33.85 19.23
C LEU D 122 41.60 33.59 20.73
N GLY D 123 41.99 32.38 21.15
CA GLY D 123 41.92 32.06 22.57
C GLY D 123 40.52 32.20 23.09
N ILE D 124 39.54 31.67 22.34
CA ILE D 124 38.13 31.71 22.73
C ILE D 124 37.70 30.41 23.40
N TYR D 125 38.62 29.50 23.66
CA TYR D 125 38.23 28.25 24.30
C TYR D 125 37.93 28.60 25.76
N THR D 126 36.69 29.06 25.99
CA THR D 126 36.25 29.35 27.33
C THR D 126 35.66 28.08 27.93
N ASP D 127 35.30 28.16 29.21
CA ASP D 127 34.67 27.01 29.84
C ASP D 127 33.27 26.76 29.28
N GLU D 128 32.66 27.77 28.66
CA GLU D 128 31.39 27.54 27.98
C GLU D 128 31.57 26.60 26.79
N GLU D 129 32.58 26.87 25.96
CA GLU D 129 32.90 25.97 24.86
C GLU D 129 33.37 24.61 25.36
N ALA D 130 34.12 24.59 26.46
CA ALA D 130 34.55 23.31 27.03
C ALA D 130 33.35 22.48 27.48
N LYS D 131 32.36 23.14 28.08
CA LYS D 131 31.14 22.43 28.45
C LYS D 131 30.37 21.96 27.23
N ALA D 132 30.31 22.79 26.18
CA ALA D 132 29.64 22.39 24.95
C ALA D 132 30.32 21.17 24.33
N ILE D 133 31.64 21.20 24.22
CA ILE D 133 32.39 20.07 23.68
C ILE D 133 32.17 18.82 24.53
N ASP D 134 32.25 18.97 25.85
CA ASP D 134 32.12 17.80 26.71
C ASP D 134 30.74 17.15 26.57
N LYS D 135 29.70 17.95 26.37
CA LYS D 135 28.38 17.37 26.12
C LYS D 135 28.34 16.72 24.75
N PHE D 136 28.87 17.40 23.74
CA PHE D 136 29.01 16.83 22.40
C PHE D 136 29.62 15.44 22.47
N VAL D 137 30.75 15.31 23.16
CA VAL D 137 31.39 14.01 23.32
C VAL D 137 30.46 13.05 24.04
N SER D 138 29.73 13.55 25.04
CA SER D 138 28.81 12.69 25.78
C SER D 138 27.68 12.17 24.90
N VAL D 139 27.19 13.00 23.97
CA VAL D 139 26.12 12.54 23.09
C VAL D 139 26.58 11.33 22.30
N PHE D 140 27.85 11.33 21.88
CA PHE D 140 28.41 10.30 21.02
C PHE D 140 29.00 9.13 21.78
N LYS D 141 29.06 9.22 23.11
CA LYS D 141 29.85 8.28 23.91
C LYS D 141 29.54 6.83 23.58
N ASP D 142 28.26 6.47 23.56
CA ASP D 142 27.86 5.08 23.41
C ASP D 142 27.44 4.73 21.99
N GLU D 143 27.58 5.65 21.04
CA GLU D 143 27.10 5.41 19.69
C GLU D 143 28.15 4.65 18.88
N THR D 144 27.66 3.81 17.97
CA THR D 144 28.49 3.17 16.95
C THR D 144 27.82 3.36 15.59
N PHE D 145 28.64 3.44 14.56
CA PHE D 145 28.18 3.86 13.23
C PHE D 145 28.63 2.89 12.15
N PRO D 146 27.85 1.85 11.89
CA PRO D 146 28.17 0.95 10.79
C PRO D 146 28.09 1.67 9.46
N PRO D 147 28.68 1.11 8.41
CA PRO D 147 28.51 1.68 7.07
C PRO D 147 27.04 1.94 6.76
N GLY D 148 26.77 3.11 6.17
CA GLY D 148 25.43 3.49 5.80
C GLY D 148 24.67 4.25 6.87
N SER D 149 25.07 4.14 8.13
CA SER D 149 24.42 4.90 9.18
C SER D 149 24.76 6.38 9.01
N SER D 150 24.04 7.23 9.72
CA SER D 150 24.14 8.67 9.49
C SER D 150 24.22 9.44 10.79
N ILE D 151 25.02 10.50 10.78
CA ILE D 151 25.05 11.52 11.82
C ILE D 151 24.45 12.77 11.21
N LEU D 152 23.41 13.29 11.84
CA LEU D 152 22.63 14.40 11.32
C LEU D 152 22.75 15.60 12.25
N PHE D 153 23.18 16.72 11.68
CA PHE D 153 23.37 17.96 12.42
C PHE D 153 22.44 19.01 11.84
N THR D 154 21.69 19.68 12.70
CA THR D 154 20.96 20.89 12.32
C THR D 154 21.63 22.06 13.03
N VAL D 155 22.07 23.04 12.24
CA VAL D 155 22.72 24.24 12.76
C VAL D 155 21.73 25.38 12.58
N SER D 156 21.18 25.88 13.68
CA SER D 156 20.15 26.93 13.61
C SER D 156 20.52 28.11 14.51
N SER D 162 21.98 27.05 17.97
CA SER D 162 21.80 25.69 18.46
C SER D 162 22.40 24.68 17.51
N LEU D 163 22.90 23.58 18.07
CA LEU D 163 23.27 22.41 17.28
C LEU D 163 22.38 21.26 17.71
N THR D 164 21.59 20.75 16.78
CA THR D 164 20.76 19.58 17.03
C THR D 164 21.45 18.36 16.43
N ILE D 165 21.55 17.30 17.22
CA ILE D 165 22.25 16.08 16.84
C ILE D 165 21.22 14.96 16.74
N SER D 166 21.21 14.27 15.61
CA SER D 166 20.32 13.14 15.39
C SER D 166 21.12 12.01 14.74
N PHE D 167 20.65 10.78 14.93
CA PHE D 167 21.33 9.60 14.43
C PHE D 167 20.36 8.71 13.68
N SER D 168 20.85 8.07 12.63
CA SER D 168 20.05 7.13 11.86
C SER D 168 20.92 5.96 11.46
N LYS D 169 20.33 4.77 11.42
CA LYS D 169 21.09 3.61 10.98
C LYS D 169 21.18 3.51 9.46
N ASP D 170 20.45 4.36 8.73
CA ASP D 170 20.64 4.47 7.28
C ASP D 170 20.69 5.94 6.89
N GLY D 171 20.20 6.29 5.71
CA GLY D 171 20.18 7.66 5.26
C GLY D 171 18.87 8.37 5.52
N SER D 172 17.89 7.69 6.11
CA SER D 172 16.61 8.30 6.41
C SER D 172 16.71 9.17 7.65
N ILE D 173 15.84 10.17 7.72
CA ILE D 173 15.86 11.14 8.80
C ILE D 173 14.87 10.70 9.87
N PRO D 174 15.27 10.59 11.14
CA PRO D 174 14.29 10.26 12.17
C PRO D 174 13.31 11.40 12.38
N GLU D 175 12.21 11.08 13.04
CA GLU D 175 11.21 12.09 13.34
C GLU D 175 11.54 12.89 14.60
N VAL D 176 12.44 12.39 15.44
CA VAL D 176 12.81 13.05 16.69
C VAL D 176 14.33 13.08 16.78
N GLU D 177 14.89 14.22 17.16
CA GLU D 177 16.32 14.34 17.31
C GLU D 177 16.80 13.51 18.50
N THR D 178 18.12 13.47 18.70
CA THR D 178 18.70 12.81 19.87
C THR D 178 19.07 13.79 20.98
N ALA D 179 19.60 14.96 20.62
CA ALA D 179 20.05 15.92 21.63
C ALA D 179 20.15 17.27 20.97
N VAL D 180 20.06 18.31 21.81
CA VAL D 180 20.20 19.69 21.36
C VAL D 180 21.18 20.38 22.29
N ILE D 181 22.15 21.06 21.69
CA ILE D 181 23.17 21.75 22.42
C ILE D 181 23.13 23.23 22.11
N GLU D 182 22.75 24.00 23.11
CA GLU D 182 22.63 25.43 22.96
C GLU D 182 23.98 26.14 23.09
N ASN D 183 24.70 26.11 21.99
CA ASN D 183 25.95 26.82 21.87
C ASN D 183 26.09 27.23 20.42
N LYS D 184 26.09 28.51 20.11
CA LYS D 184 26.23 28.93 18.73
C LYS D 184 27.59 28.59 18.14
N LEU D 185 28.65 28.78 18.90
CA LEU D 185 29.99 28.51 18.41
C LEU D 185 30.24 27.05 18.10
N LEU D 186 29.77 26.16 18.95
CA LEU D 186 29.86 24.74 18.64
C LEU D 186 29.07 24.43 17.38
N SER D 187 27.86 24.98 17.29
CA SER D 187 27.01 24.73 16.13
C SER D 187 27.71 25.13 14.84
N GLN D 188 28.39 26.28 14.85
CA GLN D 188 29.09 26.73 13.65
C GLN D 188 30.39 25.98 13.46
N ALA D 189 31.10 25.69 14.55
CA ALA D 189 32.37 24.96 14.45
C ALA D 189 32.17 23.60 13.79
N VAL D 190 31.07 22.91 14.11
CA VAL D 190 30.85 21.59 13.52
C VAL D 190 30.81 21.69 12.00
N LEU D 191 30.08 22.69 11.49
CA LEU D 191 29.99 22.86 10.05
C LEU D 191 31.31 23.40 9.49
N GLU D 192 31.95 24.31 10.22
CA GLU D 192 33.27 24.80 9.83
C GLU D 192 34.23 23.64 9.60
N SER D 193 34.20 22.64 10.48
CA SER D 193 35.11 21.51 10.36
C SER D 193 34.96 20.76 9.05
N MET D 194 33.89 20.98 8.30
CA MET D 194 33.67 20.28 7.04
C MET D 194 34.00 21.14 5.83
N ILE D 195 33.55 22.39 5.83
CA ILE D 195 33.63 23.25 4.65
C ILE D 195 34.38 24.55 4.91
N GLY D 196 35.07 24.66 6.04
CA GLY D 196 35.82 25.87 6.32
C GLY D 196 37.14 25.86 5.56
N ALA D 197 38.01 26.79 5.95
CA ALA D 197 39.31 26.87 5.31
C ALA D 197 40.11 25.61 5.58
N HIS D 198 39.95 25.04 6.77
CA HIS D 198 40.56 23.77 7.15
C HIS D 198 39.56 22.63 7.08
N GLY D 199 38.60 22.72 6.16
CA GLY D 199 37.51 21.76 6.10
C GLY D 199 37.97 20.39 5.62
N VAL D 200 37.42 19.34 6.24
CA VAL D 200 37.85 17.98 5.94
C VAL D 200 37.25 17.41 4.66
N SER D 201 36.38 18.15 3.97
CA SER D 201 35.79 17.70 2.71
C SER D 201 35.97 18.77 1.63
N PRO D 202 37.15 18.84 1.02
CA PRO D 202 37.32 19.73 -0.14
C PRO D 202 36.28 19.52 -1.23
N ALA D 203 35.77 18.29 -1.38
CA ALA D 203 34.84 18.01 -2.48
C ALA D 203 33.48 18.64 -2.22
N ALA D 204 33.05 18.67 -0.96
CA ALA D 204 31.79 19.33 -0.65
C ALA D 204 31.89 20.83 -0.83
N LYS D 205 33.03 21.42 -0.48
CA LYS D 205 33.25 22.83 -0.75
C LYS D 205 33.10 23.13 -2.23
N GLN D 206 33.84 22.40 -3.08
CA GLN D 206 33.72 22.57 -4.51
C GLN D 206 32.30 22.31 -4.98
N SER D 207 31.62 21.34 -4.36
CA SER D 207 30.25 21.04 -4.75
C SER D 207 29.32 22.18 -4.39
N LEU D 208 29.48 22.75 -3.19
CA LEU D 208 28.70 23.92 -2.80
C LEU D 208 28.97 25.09 -3.74
N ALA D 209 30.24 25.32 -4.07
CA ALA D 209 30.59 26.41 -4.97
C ALA D 209 29.90 26.26 -6.31
N SER D 210 30.07 25.11 -6.97
CA SER D 210 29.48 24.92 -8.30
C SER D 210 27.97 25.01 -8.25
N ARG D 211 27.36 24.40 -7.23
CA ARG D 211 25.91 24.28 -7.22
C ARG D 211 25.23 25.57 -6.77
N LEU D 212 25.85 26.31 -5.85
CA LEU D 212 25.31 27.60 -5.46
C LEU D 212 25.60 28.65 -6.52
N SER D 213 26.76 28.58 -7.18
CA SER D 213 27.07 29.52 -8.25
C SER D 213 26.04 29.42 -9.37
N LYS D 214 25.78 28.20 -9.85
CA LYS D 214 24.77 28.01 -10.88
C LYS D 214 23.40 28.44 -10.41
N LEU D 215 23.12 28.30 -9.11
CA LEU D 215 21.80 28.64 -8.58
C LEU D 215 21.56 30.14 -8.59
N PHE D 216 22.57 30.93 -8.22
CA PHE D 216 22.36 32.36 -8.02
C PHE D 216 21.74 33.01 -9.24
N LYS D 217 22.33 32.77 -10.41
CA LYS D 217 21.76 33.17 -11.69
C LYS D 217 20.23 33.07 -11.70
N SER E 5 -38.80 3.77 -55.40
CA SER E 5 -37.65 4.14 -54.58
C SER E 5 -37.78 3.56 -53.18
N VAL E 6 -38.98 3.64 -52.61
CA VAL E 6 -39.22 3.20 -51.24
C VAL E 6 -39.31 1.68 -51.25
N THR E 7 -38.20 1.03 -51.55
CA THR E 7 -38.15 -0.41 -51.75
C THR E 7 -37.47 -1.12 -50.58
N ALA E 8 -37.69 -2.43 -50.51
CA ALA E 8 -36.96 -3.27 -49.59
C ALA E 8 -35.53 -3.49 -50.06
N LEU E 9 -34.70 -3.96 -49.13
CA LEU E 9 -33.32 -4.32 -49.40
C LEU E 9 -32.97 -5.61 -48.68
N GLU E 10 -32.03 -6.35 -49.27
CA GLU E 10 -31.58 -7.63 -48.74
C GLU E 10 -30.09 -7.53 -48.48
N ILE E 11 -29.66 -7.81 -47.24
CA ILE E 11 -28.25 -7.73 -46.87
C ILE E 11 -27.83 -9.09 -46.34
N GLU E 12 -26.89 -9.73 -47.04
CA GLU E 12 -26.35 -11.02 -46.60
C GLU E 12 -27.48 -12.03 -46.38
N ASN E 13 -28.43 -12.05 -47.33
CA ASN E 13 -29.53 -13.00 -47.37
C ASN E 13 -30.60 -12.71 -46.31
N TYR E 14 -30.53 -11.55 -45.66
CA TYR E 14 -31.56 -11.10 -44.73
C TYR E 14 -32.33 -9.93 -45.31
N ALA E 15 -33.65 -9.98 -45.22
CA ALA E 15 -34.54 -9.05 -45.90
C ALA E 15 -35.03 -7.98 -44.94
N PHE E 16 -34.93 -6.73 -45.36
CA PHE E 16 -35.45 -5.58 -44.62
C PHE E 16 -36.60 -4.96 -45.40
N PRO E 17 -37.84 -5.02 -44.92
CA PRO E 17 -38.98 -4.51 -45.72
C PRO E 17 -38.94 -3.01 -45.86
N PRO E 18 -39.74 -2.45 -46.78
CA PRO E 18 -39.77 -0.98 -46.94
C PRO E 18 -40.40 -0.27 -45.76
N THR E 19 -41.26 -0.96 -45.00
CA THR E 19 -41.94 -0.37 -43.87
C THR E 19 -41.80 -1.27 -42.65
N VAL E 20 -41.84 -0.63 -41.48
CA VAL E 20 -41.90 -1.30 -40.18
C VAL E 20 -42.71 -0.45 -39.23
N LYS E 21 -43.14 -1.08 -38.15
CA LYS E 21 -43.80 -0.40 -37.03
C LYS E 21 -43.04 -0.72 -35.75
N PRO E 22 -42.21 0.18 -35.23
CA PRO E 22 -41.52 -0.10 -33.97
C PRO E 22 -42.50 -0.23 -32.83
N PRO E 23 -42.15 -0.95 -31.77
CA PRO E 23 -43.12 -1.25 -30.70
C PRO E 23 -43.69 -0.01 -30.04
N GLY E 24 -45.01 0.18 -30.14
CA GLY E 24 -45.70 1.20 -29.39
C GLY E 24 -45.96 2.54 -30.06
N SER E 25 -45.52 2.75 -31.30
CA SER E 25 -45.56 4.10 -31.85
C SER E 25 -46.83 4.38 -32.65
N THR E 26 -47.08 3.60 -33.69
CA THR E 26 -48.15 3.82 -34.66
C THR E 26 -47.84 5.04 -35.51
N ASN E 27 -46.61 5.55 -35.44
CA ASN E 27 -46.09 6.54 -36.38
C ASN E 27 -45.44 5.75 -37.50
N ASN E 28 -45.99 5.83 -38.71
CA ASN E 28 -45.39 5.12 -39.84
C ASN E 28 -43.90 5.43 -40.00
N PHE E 29 -43.16 4.39 -40.35
CA PHE E 29 -41.73 4.44 -40.63
C PHE E 29 -41.48 3.83 -42.00
N PHE E 30 -40.40 4.28 -42.63
CA PHE E 30 -39.97 3.76 -43.92
C PHE E 30 -38.50 3.38 -43.84
N LEU E 31 -38.12 2.38 -44.63
CA LEU E 31 -36.74 1.93 -44.68
C LEU E 31 -35.88 2.99 -45.35
N GLY E 32 -35.02 3.64 -44.58
CA GLY E 32 -34.14 4.63 -45.15
C GLY E 32 -32.98 4.01 -45.90
N GLY E 33 -32.44 2.92 -45.36
CA GLY E 33 -31.32 2.26 -45.99
C GLY E 33 -30.85 1.11 -45.11
N ALA E 34 -30.01 0.27 -45.70
CA ALA E 34 -29.46 -0.86 -44.99
C ALA E 34 -28.11 -1.23 -45.58
N GLY E 35 -27.27 -1.84 -44.76
CA GLY E 35 -25.96 -2.29 -45.20
C GLY E 35 -25.36 -3.23 -44.18
N GLU E 36 -24.39 -4.01 -44.63
CA GLU E 36 -23.72 -4.92 -43.71
C GLU E 36 -22.81 -4.15 -42.76
N ARG E 37 -22.33 -4.87 -41.77
CA ARG E 37 -21.36 -4.38 -40.81
C ARG E 37 -20.36 -5.51 -40.61
N GLY E 38 -19.10 -5.28 -40.93
CA GLY E 38 -18.10 -6.33 -40.91
C GLY E 38 -16.86 -5.93 -40.13
N ILE E 39 -16.06 -6.93 -39.80
CA ILE E 39 -14.84 -6.77 -39.05
C ILE E 39 -13.67 -7.46 -39.75
N GLN E 40 -12.56 -6.76 -39.94
CA GLN E 40 -11.41 -7.40 -40.58
C GLN E 40 -10.31 -7.77 -39.60
N ILE E 41 -10.13 -9.07 -39.38
CA ILE E 41 -9.08 -9.59 -38.51
C ILE E 41 -8.71 -11.03 -38.88
N GLN E 42 -7.48 -11.41 -38.58
CA GLN E 42 -6.94 -12.73 -38.84
C GLN E 42 -6.92 -13.11 -40.33
N ASP E 43 -6.73 -12.11 -41.19
CA ASP E 43 -6.62 -12.27 -42.66
C ASP E 43 -7.92 -12.23 -43.46
N LYS E 44 -9.06 -12.21 -42.80
CA LYS E 44 -10.32 -12.18 -43.53
C LYS E 44 -11.31 -11.16 -43.01
N PHE E 45 -12.15 -10.69 -43.91
CA PHE E 45 -13.20 -9.72 -43.60
C PHE E 45 -14.46 -10.49 -43.20
N VAL E 46 -14.68 -10.64 -41.89
CA VAL E 46 -15.83 -11.38 -41.42
C VAL E 46 -17.04 -10.47 -41.23
N LYS E 47 -18.14 -10.81 -41.89
CA LYS E 47 -19.37 -10.03 -41.79
C LYS E 47 -20.21 -10.62 -40.67
N PHE E 48 -20.34 -9.86 -39.59
CA PHE E 48 -21.08 -10.31 -38.43
C PHE E 48 -22.55 -9.89 -38.35
N THR E 49 -22.92 -8.76 -38.93
CA THR E 49 -24.28 -8.28 -38.76
C THR E 49 -24.78 -7.57 -40.02
N ALA E 50 -26.10 -7.51 -40.12
CA ALA E 50 -26.81 -6.78 -41.17
C ALA E 50 -27.67 -5.71 -40.51
N ILE E 51 -27.48 -4.47 -40.95
CA ILE E 51 -28.07 -3.31 -40.31
C ILE E 51 -29.06 -2.63 -41.24
N GLY E 52 -30.27 -2.39 -40.74
CA GLY E 52 -31.30 -1.66 -41.46
C GLY E 52 -31.73 -0.43 -40.68
N VAL E 53 -31.71 0.73 -41.32
CA VAL E 53 -31.94 2.00 -40.65
C VAL E 53 -33.27 2.57 -41.15
N TYR E 54 -34.28 2.58 -40.29
CA TYR E 54 -35.58 3.11 -40.61
C TYR E 54 -35.78 4.50 -40.01
N LEU E 55 -36.58 5.31 -40.70
CA LEU E 55 -36.91 6.67 -40.28
C LEU E 55 -38.42 6.86 -40.28
N GLN E 56 -38.90 7.70 -39.37
CA GLN E 56 -40.30 8.07 -39.35
C GLN E 56 -40.66 8.79 -40.65
N ASP E 57 -41.93 8.68 -41.05
CA ASP E 57 -42.40 9.29 -42.28
C ASP E 57 -42.01 10.76 -42.38
N ILE E 58 -42.34 11.56 -41.36
CA ILE E 58 -42.09 12.99 -41.40
C ILE E 58 -40.63 13.34 -41.61
N ALA E 59 -39.72 12.38 -41.47
CA ALA E 59 -38.31 12.69 -41.62
C ALA E 59 -37.96 13.18 -43.03
N VAL E 60 -38.71 12.78 -44.05
CA VAL E 60 -38.33 13.17 -45.40
C VAL E 60 -38.73 14.61 -45.68
N PRO E 61 -39.94 15.09 -45.36
CA PRO E 61 -40.20 16.52 -45.60
C PRO E 61 -39.24 17.41 -44.84
N TYR E 62 -39.05 17.16 -43.54
CA TYR E 62 -38.07 17.91 -42.77
C TYR E 62 -36.69 17.83 -43.43
N LEU E 63 -36.26 16.63 -43.80
CA LEU E 63 -34.96 16.50 -44.45
C LEU E 63 -35.00 17.08 -45.84
N ALA E 64 -36.16 17.02 -46.51
CA ALA E 64 -36.28 17.57 -47.86
C ALA E 64 -36.16 19.08 -47.84
N GLU E 65 -36.79 19.74 -46.86
CA GLU E 65 -36.74 21.20 -46.81
C GLU E 65 -35.30 21.66 -46.71
N LYS E 66 -34.46 20.84 -46.08
CA LYS E 66 -33.08 21.20 -45.78
C LYS E 66 -32.09 20.62 -46.79
N TRP E 67 -32.49 19.61 -47.58
CA TRP E 67 -31.56 18.90 -48.46
C TRP E 67 -32.11 18.53 -49.85
N LYS E 68 -33.22 19.12 -50.31
CA LYS E 68 -34.00 18.53 -51.41
C LYS E 68 -33.31 18.54 -52.79
N ALA E 69 -32.11 19.10 -53.00
CA ALA E 69 -31.57 19.19 -54.35
C ALA E 69 -30.13 18.73 -54.48
N ARG E 70 -29.71 17.67 -53.78
CA ARG E 70 -28.32 17.24 -53.84
C ARG E 70 -28.12 15.76 -54.17
N SER E 71 -27.02 15.48 -54.88
CA SER E 71 -26.67 14.16 -55.38
C SER E 71 -26.20 13.23 -54.26
N ALA E 72 -26.30 11.91 -54.55
CA ALA E 72 -26.01 10.89 -53.55
C ALA E 72 -24.55 10.91 -53.08
N HIS E 73 -23.60 10.94 -54.02
CA HIS E 73 -22.20 10.91 -53.60
C HIS E 73 -21.88 12.07 -52.68
N GLU E 74 -22.44 13.25 -52.98
CA GLU E 74 -22.22 14.39 -52.10
C GLU E 74 -22.77 14.10 -50.72
N LEU E 75 -24.03 13.65 -50.63
CA LEU E 75 -24.62 13.37 -49.32
C LEU E 75 -23.80 12.34 -48.56
N THR E 76 -23.30 11.31 -49.27
CA THR E 76 -22.44 10.33 -48.60
C THR E 76 -21.24 11.00 -47.97
N ASP E 77 -20.65 12.00 -48.64
CA ASP E 77 -19.48 12.71 -48.14
C ASP E 77 -19.83 13.92 -47.28
N THR E 78 -21.11 14.17 -47.05
CA THR E 78 -21.56 15.35 -46.32
C THR E 78 -21.89 14.90 -44.89
N VAL E 79 -21.17 15.45 -43.92
CA VAL E 79 -21.30 15.01 -42.52
C VAL E 79 -22.57 15.62 -41.94
N PRO E 80 -22.93 16.85 -42.31
CA PRO E 80 -24.18 17.42 -41.79
C PRO E 80 -25.42 16.64 -42.20
N PHE E 81 -25.36 15.84 -43.27
CA PHE E 81 -26.53 15.05 -43.67
C PHE E 81 -26.80 13.93 -42.67
N PHE E 82 -25.75 13.19 -42.28
CA PHE E 82 -25.94 12.08 -41.34
C PHE E 82 -26.13 12.58 -39.93
N ARG E 83 -25.42 13.65 -39.56
CA ARG E 83 -25.64 14.27 -38.25
C ARG E 83 -27.09 14.66 -38.07
N ASP E 84 -27.74 15.12 -39.14
CA ASP E 84 -29.15 15.43 -39.06
C ASP E 84 -29.98 14.16 -38.92
N ILE E 85 -29.62 13.09 -39.64
CA ILE E 85 -30.32 11.82 -39.52
C ILE E 85 -30.25 11.30 -38.09
N VAL E 86 -29.09 11.39 -37.46
CA VAL E 86 -28.93 10.84 -36.12
C VAL E 86 -29.63 11.71 -35.09
N THR E 87 -29.41 13.01 -35.16
CA THR E 87 -29.86 13.93 -34.13
C THR E 87 -31.10 14.70 -34.53
N GLY E 88 -31.61 14.49 -35.74
CA GLY E 88 -32.76 15.21 -36.22
C GLY E 88 -33.93 15.09 -35.28
N PRO E 89 -34.91 15.98 -35.43
CA PRO E 89 -36.11 15.96 -34.58
C PRO E 89 -37.18 15.00 -35.10
N PHE E 90 -36.80 13.73 -35.18
CA PHE E 90 -37.70 12.69 -35.65
C PHE E 90 -37.31 11.38 -34.99
N GLU E 91 -38.22 10.43 -35.05
CA GLU E 91 -37.94 9.11 -34.50
C GLU E 91 -37.09 8.33 -35.49
N LYS E 92 -36.13 7.58 -34.96
CA LYS E 92 -35.33 6.69 -35.78
C LYS E 92 -35.50 5.29 -35.23
N PHE E 93 -35.50 4.31 -36.12
CA PHE E 93 -35.65 2.91 -35.74
C PHE E 93 -34.67 2.06 -36.49
N MET E 94 -33.97 1.23 -35.72
CA MET E 94 -32.89 0.42 -36.22
C MET E 94 -33.10 -1.08 -35.96
N ARG E 95 -32.90 -1.88 -37.00
CA ARG E 95 -32.84 -3.33 -36.87
C ARG E 95 -31.39 -3.78 -37.03
N VAL E 96 -30.89 -4.51 -36.04
CA VAL E 96 -29.59 -5.15 -36.12
C VAL E 96 -29.85 -6.66 -36.12
N THR E 97 -29.67 -7.30 -37.27
CA THR E 97 -29.86 -8.74 -37.41
C THR E 97 -28.52 -9.45 -37.50
N MET E 98 -28.35 -10.44 -36.66
CA MET E 98 -27.09 -11.15 -36.55
C MET E 98 -26.89 -12.07 -37.75
N ILE E 99 -25.75 -11.94 -38.40
CA ILE E 99 -25.37 -12.87 -39.46
C ILE E 99 -24.72 -14.10 -38.85
N LEU E 100 -23.83 -13.85 -37.92
CA LEU E 100 -23.14 -14.83 -37.13
C LEU E 100 -23.68 -14.78 -35.70
N PRO E 101 -23.59 -15.86 -34.94
CA PRO E 101 -24.16 -15.83 -33.58
C PRO E 101 -23.37 -14.90 -32.67
N LEU E 102 -24.10 -14.15 -31.84
CA LEU E 102 -23.52 -13.27 -30.84
C LEU E 102 -24.25 -13.41 -29.53
N THR E 103 -23.50 -13.36 -28.43
CA THR E 103 -24.12 -13.19 -27.13
C THR E 103 -24.41 -11.72 -26.87
N GLY E 104 -25.36 -11.46 -25.99
CA GLY E 104 -25.65 -10.09 -25.61
C GLY E 104 -24.46 -9.41 -24.96
N HIS E 105 -23.68 -10.17 -24.19
CA HIS E 105 -22.45 -9.63 -23.61
C HIS E 105 -21.50 -9.14 -24.70
N GLN E 106 -21.26 -9.98 -25.70
CA GLN E 106 -20.38 -9.58 -26.81
C GLN E 106 -20.90 -8.33 -27.50
N TYR E 107 -22.22 -8.24 -27.71
CA TYR E 107 -22.76 -7.11 -28.44
C TYR E 107 -22.64 -5.83 -27.63
N SER E 108 -22.99 -5.88 -26.35
CA SER E 108 -23.00 -4.68 -25.53
C SER E 108 -21.60 -4.15 -25.27
N GLU E 109 -20.61 -5.05 -25.15
CA GLU E 109 -19.24 -4.61 -24.95
C GLU E 109 -18.77 -3.73 -26.11
N LYS E 110 -18.97 -4.18 -27.35
CA LYS E 110 -18.52 -3.42 -28.51
C LYS E 110 -19.22 -2.08 -28.60
N VAL E 111 -20.54 -2.05 -28.37
CA VAL E 111 -21.24 -0.77 -28.36
C VAL E 111 -20.69 0.10 -27.23
N SER E 112 -20.47 -0.49 -26.06
CA SER E 112 -20.07 0.29 -24.88
C SER E 112 -18.66 0.85 -25.02
N GLU E 113 -17.70 -0.02 -25.35
CA GLU E 113 -16.31 0.44 -25.43
C GLU E 113 -16.17 1.58 -26.44
N ASN E 114 -16.86 1.46 -27.58
CA ASN E 114 -16.83 2.52 -28.59
C ASN E 114 -17.27 3.86 -28.03
N CYS E 115 -18.52 3.96 -27.55
CA CYS E 115 -19.05 5.27 -27.16
C CYS E 115 -18.43 5.75 -25.85
N VAL E 116 -18.17 4.85 -24.90
CA VAL E 116 -17.56 5.29 -23.65
C VAL E 116 -16.19 5.85 -23.95
N ALA E 117 -15.50 5.29 -24.93
CA ALA E 117 -14.25 5.87 -25.38
C ALA E 117 -14.49 7.26 -25.95
N ILE E 118 -15.48 7.40 -26.85
CA ILE E 118 -15.78 8.70 -27.45
C ILE E 118 -16.23 9.72 -26.41
N TRP E 119 -17.07 9.31 -25.45
CA TRP E 119 -17.58 10.29 -24.50
C TRP E 119 -16.44 10.89 -23.71
N LYS E 120 -15.33 10.19 -23.63
CA LYS E 120 -14.12 10.70 -23.02
C LYS E 120 -13.39 11.68 -23.93
N SER E 121 -13.79 11.77 -25.21
CA SER E 121 -13.20 12.77 -26.10
C SER E 121 -13.43 14.17 -25.55
N LEU E 122 -14.66 14.49 -25.17
CA LEU E 122 -14.98 15.77 -24.55
C LEU E 122 -15.11 15.65 -23.04
N GLY E 123 -14.69 14.53 -22.46
CA GLY E 123 -14.87 14.37 -21.04
C GLY E 123 -16.34 14.51 -20.68
N ILE E 124 -17.22 13.91 -21.48
CA ILE E 124 -18.64 13.91 -21.20
C ILE E 124 -19.09 12.62 -20.53
N TYR E 125 -18.17 11.70 -20.23
CA TYR E 125 -18.58 10.47 -19.56
C TYR E 125 -18.79 10.83 -18.09
N THR E 126 -20.01 11.31 -17.81
CA THR E 126 -20.45 11.68 -16.47
C THR E 126 -21.02 10.45 -15.81
N ASP E 127 -21.40 10.56 -14.54
CA ASP E 127 -22.05 9.42 -13.88
C ASP E 127 -23.43 9.13 -14.45
N GLU E 128 -24.07 10.11 -15.10
CA GLU E 128 -25.34 9.85 -15.76
C GLU E 128 -25.18 8.93 -16.97
N GLU E 129 -24.20 9.20 -17.84
CA GLU E 129 -23.94 8.29 -18.96
C GLU E 129 -23.43 6.93 -18.47
N ALA E 130 -22.64 6.92 -17.41
CA ALA E 130 -22.14 5.65 -16.88
C ALA E 130 -23.29 4.77 -16.41
N LYS E 131 -24.30 5.37 -15.80
CA LYS E 131 -25.51 4.64 -15.42
C LYS E 131 -26.25 4.14 -16.65
N ALA E 132 -26.36 4.98 -17.69
CA ALA E 132 -27.02 4.57 -18.91
C ALA E 132 -26.35 3.33 -19.50
N ILE E 133 -25.02 3.36 -19.58
CA ILE E 133 -24.27 2.21 -20.08
C ILE E 133 -24.50 0.99 -19.20
N ASP E 134 -24.33 1.14 -17.88
CA ASP E 134 -24.53 0.01 -16.98
C ASP E 134 -25.93 -0.57 -17.12
N LYS E 135 -26.91 0.27 -17.43
CA LYS E 135 -28.26 -0.23 -17.70
C LYS E 135 -28.30 -0.93 -19.06
N PHE E 136 -27.77 -0.28 -20.08
CA PHE E 136 -27.64 -0.88 -21.41
C PHE E 136 -27.04 -2.27 -21.32
N VAL E 137 -25.90 -2.39 -20.64
CA VAL E 137 -25.25 -3.69 -20.48
C VAL E 137 -26.15 -4.65 -19.70
N SER E 138 -26.87 -4.14 -18.70
CA SER E 138 -27.77 -4.99 -17.93
C SER E 138 -28.89 -5.54 -18.81
N VAL E 139 -29.39 -4.74 -19.74
CA VAL E 139 -30.45 -5.19 -20.64
C VAL E 139 -29.99 -6.39 -21.45
N PHE E 140 -28.74 -6.37 -21.89
CA PHE E 140 -28.21 -7.38 -22.80
C PHE E 140 -27.58 -8.57 -22.11
N LYS E 141 -27.39 -8.53 -20.78
CA LYS E 141 -26.51 -9.49 -20.12
C LYS E 141 -26.89 -10.94 -20.43
N ASP E 142 -28.16 -11.29 -20.29
CA ASP E 142 -28.55 -12.67 -20.50
C ASP E 142 -29.02 -13.06 -21.88
N GLU E 143 -28.99 -12.14 -22.83
CA GLU E 143 -29.44 -12.42 -24.17
C GLU E 143 -28.45 -13.16 -25.05
N THR E 144 -29.00 -13.89 -26.01
CA THR E 144 -28.24 -14.61 -27.01
C THR E 144 -28.90 -14.25 -28.32
N PHE E 145 -28.14 -14.19 -29.37
CA PHE E 145 -28.63 -13.71 -30.66
C PHE E 145 -28.17 -14.68 -31.75
N PRO E 146 -28.93 -15.76 -31.98
CA PRO E 146 -28.59 -16.68 -33.06
C PRO E 146 -28.71 -16.01 -34.41
N PRO E 147 -28.16 -16.61 -35.46
CA PRO E 147 -28.37 -16.07 -36.81
C PRO E 147 -29.85 -15.78 -37.06
N GLY E 148 -30.12 -14.63 -37.65
CA GLY E 148 -31.47 -14.23 -37.97
C GLY E 148 -32.19 -13.45 -36.88
N SER E 149 -31.75 -13.56 -35.63
CA SER E 149 -32.36 -12.83 -34.55
C SER E 149 -32.05 -11.34 -34.70
N SER E 150 -32.76 -10.51 -33.94
CA SER E 150 -32.67 -9.07 -34.14
C SER E 150 -32.58 -8.34 -32.82
N ILE E 151 -31.78 -7.27 -32.82
CA ILE E 151 -31.72 -6.30 -31.74
C ILE E 151 -32.36 -5.04 -32.30
N LEU E 152 -33.40 -4.55 -31.62
CA LEU E 152 -34.18 -3.44 -32.15
C LEU E 152 -34.03 -2.23 -31.24
N PHE E 153 -33.60 -1.12 -31.83
CA PHE E 153 -33.40 0.14 -31.13
C PHE E 153 -34.36 1.16 -31.72
N THR E 154 -35.10 1.84 -30.86
CA THR E 154 -35.84 3.03 -31.26
C THR E 154 -35.16 4.23 -30.62
N VAL E 155 -34.70 5.16 -31.45
CA VAL E 155 -34.06 6.39 -30.99
C VAL E 155 -35.06 7.51 -31.19
N SER E 156 -35.55 8.06 -30.08
CA SER E 156 -36.60 9.07 -30.12
C SER E 156 -36.19 10.30 -29.34
N SER E 162 -34.21 9.24 -25.38
CA SER E 162 -34.96 7.99 -25.28
C SER E 162 -34.38 6.93 -26.21
N LEU E 163 -33.87 5.84 -25.62
CA LEU E 163 -33.44 4.67 -26.37
C LEU E 163 -34.30 3.50 -25.92
N THR E 164 -35.10 2.97 -26.84
CA THR E 164 -35.91 1.79 -26.58
C THR E 164 -35.22 0.57 -27.17
N ILE E 165 -35.14 -0.49 -26.39
CA ILE E 165 -34.45 -1.71 -26.77
C ILE E 165 -35.48 -2.82 -26.84
N SER E 166 -35.53 -3.50 -27.97
CA SER E 166 -36.42 -4.64 -28.14
C SER E 166 -35.63 -5.78 -28.79
N PHE E 167 -36.12 -6.99 -28.57
CA PHE E 167 -35.46 -8.17 -29.08
C PHE E 167 -36.47 -9.02 -29.82
N SER E 168 -35.98 -9.70 -30.86
CA SER E 168 -36.79 -10.62 -31.63
C SER E 168 -35.90 -11.82 -31.93
N LYS E 169 -36.48 -13.01 -31.90
CA LYS E 169 -35.70 -14.19 -32.19
C LYS E 169 -35.54 -14.41 -33.68
N ASP E 170 -36.25 -13.62 -34.49
CA ASP E 170 -36.09 -13.59 -35.95
C ASP E 170 -36.06 -12.15 -36.46
N GLY E 171 -36.61 -11.89 -37.65
CA GLY E 171 -36.65 -10.55 -38.20
C GLY E 171 -37.94 -9.82 -37.93
N SER E 172 -38.87 -10.44 -37.21
CA SER E 172 -40.15 -9.85 -36.90
C SER E 172 -40.03 -8.85 -35.74
N ILE E 173 -40.95 -7.88 -35.74
CA ILE E 173 -40.97 -6.81 -34.74
C ILE E 173 -41.94 -7.23 -33.64
N PRO E 174 -41.50 -7.21 -32.39
CA PRO E 174 -42.43 -7.55 -31.30
C PRO E 174 -43.40 -6.42 -31.05
N GLU E 175 -44.51 -6.71 -30.38
CA GLU E 175 -45.51 -5.71 -30.13
C GLU E 175 -45.20 -4.88 -28.89
N VAL E 176 -44.31 -5.38 -28.06
CA VAL E 176 -43.93 -4.70 -26.83
C VAL E 176 -42.41 -4.68 -26.71
N GLU E 177 -41.85 -3.52 -26.34
CA GLU E 177 -40.40 -3.41 -26.22
C GLU E 177 -39.91 -4.21 -25.00
N THR E 178 -38.59 -4.23 -24.83
CA THR E 178 -37.98 -4.86 -23.65
C THR E 178 -37.60 -3.85 -22.58
N ALA E 179 -37.06 -2.70 -22.95
CA ALA E 179 -36.57 -1.73 -21.98
C ALA E 179 -36.46 -0.37 -22.65
N VAL E 180 -36.50 0.67 -21.81
CA VAL E 180 -36.34 2.04 -22.26
C VAL E 180 -35.31 2.73 -21.37
N ILE E 181 -34.35 3.41 -22.00
CA ILE E 181 -33.30 4.13 -21.29
C ILE E 181 -33.44 5.60 -21.64
N GLU E 182 -33.82 6.41 -20.64
CA GLU E 182 -33.96 7.85 -20.85
C GLU E 182 -32.59 8.49 -20.73
N ASN E 183 -31.87 8.45 -21.84
CA ASN E 183 -30.61 9.16 -21.96
C ASN E 183 -30.47 9.51 -23.42
N LYS E 184 -30.31 10.80 -23.72
CA LYS E 184 -30.31 11.23 -25.12
C LYS E 184 -28.94 11.02 -25.74
N LEU E 185 -27.87 11.08 -24.94
CA LEU E 185 -26.55 10.89 -25.50
C LEU E 185 -26.33 9.42 -25.86
N LEU E 186 -26.84 8.51 -25.04
CA LEU E 186 -26.81 7.08 -25.38
C LEU E 186 -27.70 6.80 -26.59
N SER E 187 -28.93 7.29 -26.57
CA SER E 187 -29.87 7.01 -27.66
C SER E 187 -29.30 7.44 -29.00
N GLN E 188 -28.66 8.60 -29.05
CA GLN E 188 -28.07 9.09 -30.30
C GLN E 188 -26.78 8.37 -30.62
N ALA E 189 -25.98 8.07 -29.59
CA ALA E 189 -24.69 7.42 -29.80
C ALA E 189 -24.85 6.09 -30.54
N VAL E 190 -25.87 5.31 -30.21
CA VAL E 190 -26.06 4.01 -30.85
C VAL E 190 -26.19 4.19 -32.35
N LEU E 191 -26.97 5.18 -32.78
CA LEU E 191 -27.15 5.42 -34.20
C LEU E 191 -25.89 6.06 -34.80
N GLU E 192 -25.25 6.99 -34.09
CA GLU E 192 -23.97 7.54 -34.55
C GLU E 192 -22.94 6.45 -34.83
N SER E 193 -22.86 5.45 -33.96
CA SER E 193 -21.83 4.43 -34.11
C SER E 193 -21.94 3.69 -35.44
N MET E 194 -23.07 3.79 -36.11
CA MET E 194 -23.30 3.06 -37.35
C MET E 194 -23.28 3.93 -38.60
N ILE E 195 -23.95 5.08 -38.58
CA ILE E 195 -24.11 5.90 -39.77
C ILE E 195 -23.50 7.28 -39.61
N GLY E 196 -22.69 7.46 -38.56
CA GLY E 196 -21.99 8.70 -38.31
C GLY E 196 -20.73 8.81 -39.15
N ALA E 197 -19.83 9.71 -38.73
CA ALA E 197 -18.63 9.97 -39.52
C ALA E 197 -17.72 8.74 -39.58
N HIS E 198 -17.53 8.05 -38.46
CA HIS E 198 -16.80 6.79 -38.42
C HIS E 198 -17.74 5.59 -38.22
N GLY E 199 -18.91 5.63 -38.81
CA GLY E 199 -19.92 4.61 -38.58
C GLY E 199 -19.47 3.25 -39.10
N VAL E 200 -19.84 2.20 -38.36
CA VAL E 200 -19.36 0.84 -38.64
C VAL E 200 -20.01 0.23 -39.89
N SER E 201 -20.93 0.95 -40.52
CA SER E 201 -21.58 0.47 -41.76
C SER E 201 -21.51 1.55 -42.83
N PRO E 202 -20.38 1.66 -43.53
CA PRO E 202 -20.34 2.55 -44.70
C PRO E 202 -21.45 2.27 -45.70
N ALA E 203 -21.93 1.02 -45.79
CA ALA E 203 -22.93 0.67 -46.77
C ALA E 203 -24.31 1.19 -46.38
N ALA E 204 -24.62 1.20 -45.08
CA ALA E 204 -25.89 1.78 -44.64
C ALA E 204 -25.89 3.29 -44.89
N LYS E 205 -24.73 3.92 -44.72
CA LYS E 205 -24.58 5.34 -45.05
C LYS E 205 -24.91 5.62 -46.51
N GLN E 206 -24.23 4.93 -47.44
CA GLN E 206 -24.48 5.17 -48.86
C GLN E 206 -25.92 4.84 -49.23
N SER E 207 -26.50 3.80 -48.61
CA SER E 207 -27.87 3.43 -48.94
C SER E 207 -28.86 4.50 -48.48
N LEU E 208 -28.65 5.02 -47.27
CA LEU E 208 -29.52 6.09 -46.77
C LEU E 208 -29.41 7.33 -47.64
N ALA E 209 -28.18 7.71 -48.01
CA ALA E 209 -27.96 8.87 -48.88
C ALA E 209 -28.64 8.68 -50.22
N SER E 210 -28.36 7.57 -50.91
CA SER E 210 -28.87 7.37 -52.25
C SER E 210 -30.39 7.32 -52.27
N ARG E 211 -31.00 6.65 -51.30
CA ARG E 211 -32.44 6.40 -51.35
C ARG E 211 -33.23 7.64 -50.95
N LEU E 212 -32.69 8.47 -50.06
CA LEU E 212 -33.37 9.70 -49.67
C LEU E 212 -33.29 10.79 -50.74
N SER E 213 -32.19 10.89 -51.48
CA SER E 213 -32.11 11.88 -52.54
C SER E 213 -33.20 11.63 -53.58
N LYS E 214 -33.29 10.39 -54.08
CA LYS E 214 -34.34 10.01 -55.01
C LYS E 214 -35.73 10.08 -54.40
N LEU E 215 -35.83 9.95 -53.07
CA LEU E 215 -37.13 10.13 -52.42
C LEU E 215 -37.53 11.60 -52.39
N PHE E 216 -36.58 12.48 -52.04
CA PHE E 216 -36.85 13.91 -52.06
C PHE E 216 -37.41 14.35 -53.40
N LYS E 217 -36.89 13.79 -54.49
CA LYS E 217 -37.42 14.08 -55.82
C LYS E 217 -38.89 13.66 -55.94
N VAL F 6 13.66 -39.21 9.59
CA VAL F 6 13.69 -39.24 8.14
C VAL F 6 15.11 -39.45 7.61
N THR F 7 15.34 -40.60 7.00
CA THR F 7 16.64 -40.98 6.48
C THR F 7 16.59 -41.00 4.96
N ALA F 8 17.77 -40.99 4.34
CA ALA F 8 17.82 -41.17 2.91
C ALA F 8 17.48 -42.62 2.55
N LEU F 9 17.16 -42.82 1.28
CA LEU F 9 16.86 -44.15 0.77
C LEU F 9 17.52 -44.30 -0.59
N GLU F 10 17.95 -45.52 -0.87
CA GLU F 10 18.59 -45.86 -2.13
C GLU F 10 17.77 -46.98 -2.77
N ILE F 11 17.28 -46.73 -3.98
CA ILE F 11 16.42 -47.68 -4.67
C ILE F 11 17.07 -48.03 -6.00
N GLU F 12 17.49 -49.29 -6.13
CA GLU F 12 18.03 -49.82 -7.36
C GLU F 12 19.14 -48.93 -7.89
N ASN F 13 20.01 -48.49 -6.99
CA ASN F 13 21.20 -47.70 -7.27
C ASN F 13 20.85 -46.24 -7.55
N TYR F 14 19.60 -45.82 -7.30
CA TYR F 14 19.22 -44.42 -7.39
C TYR F 14 18.94 -43.90 -5.99
N ALA F 15 19.47 -42.74 -5.68
CA ALA F 15 19.46 -42.20 -4.33
C ALA F 15 18.35 -41.20 -4.17
N PHE F 16 17.56 -41.36 -3.10
CA PHE F 16 16.52 -40.41 -2.76
C PHE F 16 16.90 -39.71 -1.46
N PRO F 17 17.27 -38.43 -1.48
CA PRO F 17 17.72 -37.76 -0.26
C PRO F 17 16.57 -37.55 0.71
N PRO F 18 16.86 -37.20 1.97
CA PRO F 18 15.78 -37.03 2.96
C PRO F 18 14.93 -35.80 2.69
N THR F 19 15.47 -34.81 1.99
CA THR F 19 14.76 -33.58 1.70
C THR F 19 14.85 -33.25 0.22
N VAL F 20 13.85 -32.52 -0.28
CA VAL F 20 13.89 -31.96 -1.63
C VAL F 20 13.18 -30.63 -1.58
N LYS F 21 13.43 -29.80 -2.58
CA LYS F 21 12.70 -28.55 -2.75
C LYS F 21 12.10 -28.59 -4.15
N PRO F 22 10.81 -28.86 -4.29
CA PRO F 22 10.21 -28.85 -5.63
C PRO F 22 10.35 -27.48 -6.26
N PRO F 23 10.32 -27.39 -7.58
CA PRO F 23 10.66 -26.12 -8.24
C PRO F 23 9.85 -24.91 -7.81
N GLY F 24 8.53 -24.98 -7.93
CA GLY F 24 7.70 -23.81 -7.66
C GLY F 24 7.29 -23.56 -6.22
N SER F 25 6.51 -24.47 -5.64
CA SER F 25 5.90 -24.20 -4.33
C SER F 25 6.96 -23.81 -3.31
N THR F 26 7.86 -24.74 -3.01
CA THR F 26 8.96 -24.53 -2.07
C THR F 26 8.50 -24.37 -0.62
N ASN F 27 7.75 -25.36 -0.14
CA ASN F 27 7.49 -25.55 1.28
C ASN F 27 8.58 -26.47 1.80
N ASN F 28 8.43 -27.03 3.00
CA ASN F 28 9.31 -28.10 3.46
C ASN F 28 8.75 -29.44 3.05
N PHE F 29 9.63 -30.33 2.61
CA PHE F 29 9.27 -31.70 2.28
C PHE F 29 10.22 -32.67 2.97
N PHE F 30 9.70 -33.86 3.27
CA PHE F 30 10.50 -34.92 3.84
C PHE F 30 10.27 -36.18 3.03
N LEU F 31 11.29 -37.01 2.94
CA LEU F 31 11.17 -38.26 2.21
C LEU F 31 10.28 -39.19 3.02
N GLY F 32 9.05 -39.38 2.55
CA GLY F 32 8.10 -40.23 3.25
C GLY F 32 8.40 -41.70 3.03
N GLY F 33 8.84 -42.02 1.83
CA GLY F 33 9.14 -43.39 1.47
C GLY F 33 9.56 -43.44 0.02
N ALA F 34 10.12 -44.59 -0.35
CA ALA F 34 10.56 -44.80 -1.72
C ALA F 34 10.44 -46.28 -2.00
N GLY F 35 10.26 -46.62 -3.27
CA GLY F 35 10.13 -48.00 -3.63
C GLY F 35 10.28 -48.20 -5.12
N GLU F 36 10.58 -49.44 -5.47
CA GLU F 36 10.69 -49.81 -6.87
C GLU F 36 9.29 -49.89 -7.47
N ARG F 37 9.26 -49.90 -8.80
CA ARG F 37 8.01 -50.12 -9.53
C ARG F 37 8.34 -51.04 -10.67
N GLY F 38 7.77 -52.25 -10.60
CA GLY F 38 8.07 -53.29 -11.56
C GLY F 38 6.79 -53.96 -12.01
N ILE F 39 6.94 -54.73 -13.08
CA ILE F 39 5.85 -55.53 -13.64
C ILE F 39 6.33 -56.97 -13.65
N GLN F 40 5.38 -57.91 -13.55
CA GLN F 40 5.69 -59.34 -13.55
C GLN F 40 5.46 -59.87 -14.96
N ILE F 41 6.55 -60.21 -15.64
CA ILE F 41 6.51 -60.75 -16.99
C ILE F 41 7.21 -62.11 -16.92
N GLN F 42 6.49 -63.15 -17.31
CA GLN F 42 6.95 -64.54 -17.18
C GLN F 42 7.26 -64.71 -15.70
N ASP F 43 8.43 -65.22 -15.31
CA ASP F 43 8.74 -65.42 -13.89
C ASP F 43 9.83 -64.46 -13.44
N LYS F 44 9.86 -63.26 -14.01
CA LYS F 44 10.88 -62.28 -13.69
C LYS F 44 10.18 -60.98 -13.29
N PHE F 45 10.75 -60.31 -12.31
CA PHE F 45 10.24 -59.03 -11.82
C PHE F 45 11.06 -57.95 -12.52
N VAL F 46 10.52 -57.41 -13.61
CA VAL F 46 11.24 -56.41 -14.39
C VAL F 46 10.96 -55.06 -13.75
N LYS F 47 12.02 -54.44 -13.23
CA LYS F 47 11.91 -53.15 -12.56
C LYS F 47 12.10 -52.04 -13.59
N PHE F 48 11.10 -51.19 -13.72
CA PHE F 48 11.14 -50.12 -14.71
C PHE F 48 11.48 -48.76 -14.12
N THR F 49 11.01 -48.47 -12.91
CA THR F 49 11.23 -47.15 -12.33
C THR F 49 11.44 -47.29 -10.84
N ALA F 50 12.04 -46.25 -10.25
CA ALA F 50 12.21 -46.14 -8.81
C ALA F 50 11.46 -44.90 -8.39
N ILE F 51 10.51 -45.05 -7.46
CA ILE F 51 9.59 -43.98 -7.13
C ILE F 51 9.83 -43.60 -5.67
N GLY F 52 10.03 -42.31 -5.43
CA GLY F 52 10.19 -41.78 -4.09
C GLY F 52 9.09 -40.78 -3.81
N VAL F 53 8.40 -40.96 -2.68
CA VAL F 53 7.22 -40.17 -2.35
C VAL F 53 7.57 -39.27 -1.18
N TYR F 54 7.63 -37.97 -1.46
CA TYR F 54 7.86 -36.95 -0.44
C TYR F 54 6.51 -36.37 -0.04
N LEU F 55 6.41 -36.00 1.23
CA LEU F 55 5.20 -35.41 1.78
C LEU F 55 5.57 -34.11 2.48
N GLN F 56 4.65 -33.15 2.42
CA GLN F 56 4.91 -31.85 3.02
C GLN F 56 5.15 -31.99 4.53
N ASP F 57 5.95 -31.07 5.07
CA ASP F 57 6.30 -31.14 6.49
C ASP F 57 5.06 -31.26 7.37
N ILE F 58 4.15 -30.30 7.29
CA ILE F 58 2.95 -30.28 8.12
C ILE F 58 2.08 -31.50 7.94
N ALA F 59 2.37 -32.34 6.94
CA ALA F 59 1.63 -33.58 6.78
C ALA F 59 1.79 -34.52 7.97
N VAL F 60 2.86 -34.38 8.76
CA VAL F 60 3.10 -35.35 9.84
C VAL F 60 2.13 -35.13 10.99
N PRO F 61 1.90 -33.91 11.51
CA PRO F 61 0.87 -33.79 12.57
C PRO F 61 -0.50 -34.24 12.12
N TYR F 62 -0.95 -33.79 10.94
CA TYR F 62 -2.25 -34.21 10.43
C TYR F 62 -2.37 -35.72 10.39
N LEU F 63 -1.37 -36.41 9.83
CA LEU F 63 -1.46 -37.86 9.76
C LEU F 63 -1.27 -38.49 11.14
N ALA F 64 -0.48 -37.85 12.02
CA ALA F 64 -0.28 -38.41 13.35
C ALA F 64 -1.56 -38.37 14.16
N GLU F 65 -2.32 -37.28 14.06
CA GLU F 65 -3.57 -37.16 14.80
C GLU F 65 -4.55 -38.26 14.44
N LYS F 66 -4.58 -38.64 13.16
CA LYS F 66 -5.64 -39.46 12.62
C LYS F 66 -5.27 -40.93 12.48
N TRP F 67 -3.98 -41.26 12.59
CA TRP F 67 -3.49 -42.62 12.42
C TRP F 67 -2.46 -43.03 13.47
N LYS F 68 -2.36 -42.29 14.58
CA LYS F 68 -1.44 -42.66 15.65
C LYS F 68 -1.89 -43.97 16.29
N ALA F 69 -0.92 -44.74 16.77
CA ALA F 69 -1.14 -45.91 17.60
C ALA F 69 -1.37 -47.17 16.78
N ARG F 70 -0.91 -47.20 15.54
CA ARG F 70 -0.91 -48.41 14.73
C ARG F 70 0.51 -48.59 14.21
N SER F 71 1.07 -49.76 14.39
CA SER F 71 2.43 -49.97 13.93
C SER F 71 2.44 -50.16 12.42
N ALA F 72 3.63 -49.98 11.84
CA ALA F 72 3.78 -49.94 10.38
C ALA F 72 3.18 -51.14 9.67
N HIS F 73 3.41 -52.35 10.18
CA HIS F 73 2.91 -53.53 9.49
C HIS F 73 1.42 -53.46 9.25
N GLU F 74 0.66 -53.01 10.25
CA GLU F 74 -0.78 -52.83 10.09
C GLU F 74 -1.09 -51.72 9.10
N LEU F 75 -0.42 -50.57 9.25
CA LEU F 75 -0.73 -49.38 8.46
C LEU F 75 -0.65 -49.64 6.96
N THR F 76 0.36 -50.37 6.51
CA THR F 76 0.47 -50.67 5.08
C THR F 76 -0.83 -51.29 4.57
N ASP F 77 -1.45 -52.13 5.39
CA ASP F 77 -2.64 -52.89 5.01
C ASP F 77 -3.91 -52.10 5.31
N THR F 78 -4.00 -50.89 4.75
CA THR F 78 -5.12 -50.00 5.04
C THR F 78 -5.34 -49.09 3.85
N VAL F 79 -6.52 -49.16 3.24
CA VAL F 79 -6.84 -48.35 2.06
C VAL F 79 -7.16 -46.93 2.50
N PRO F 80 -7.80 -46.72 3.66
CA PRO F 80 -8.05 -45.34 4.11
C PRO F 80 -6.79 -44.56 4.46
N PHE F 81 -5.69 -45.22 4.82
CA PHE F 81 -4.46 -44.50 5.16
C PHE F 81 -3.82 -43.87 3.93
N PHE F 82 -3.71 -44.63 2.85
CA PHE F 82 -3.07 -44.13 1.63
C PHE F 82 -3.97 -43.17 0.86
N ARG F 83 -5.28 -43.40 0.83
CA ARG F 83 -6.18 -42.44 0.22
C ARG F 83 -6.03 -41.07 0.89
N ASP F 84 -5.82 -41.07 2.22
CA ASP F 84 -5.62 -39.83 2.94
C ASP F 84 -4.28 -39.19 2.58
N ILE F 85 -3.23 -40.00 2.47
CA ILE F 85 -1.93 -39.48 2.02
C ILE F 85 -2.09 -38.79 0.67
N VAL F 86 -2.91 -39.37 -0.21
CA VAL F 86 -3.09 -38.83 -1.55
C VAL F 86 -3.95 -37.58 -1.53
N THR F 87 -5.06 -37.60 -0.78
CA THR F 87 -6.07 -36.54 -0.84
C THR F 87 -5.91 -35.57 0.32
N GLY F 88 -4.92 -35.77 1.18
CA GLY F 88 -4.71 -34.95 2.35
C GLY F 88 -4.57 -33.47 2.03
N PRO F 89 -4.72 -32.63 3.07
CA PRO F 89 -4.57 -31.17 2.91
C PRO F 89 -3.10 -30.74 3.05
N PHE F 90 -2.25 -31.28 2.18
CA PHE F 90 -0.84 -30.94 2.16
C PHE F 90 -0.28 -31.19 0.77
N GLU F 91 0.89 -30.61 0.51
CA GLU F 91 1.55 -30.84 -0.76
C GLU F 91 2.29 -32.16 -0.76
N LYS F 92 2.28 -32.84 -1.90
CA LYS F 92 3.05 -34.05 -2.09
C LYS F 92 3.95 -33.89 -3.30
N PHE F 93 5.12 -34.53 -3.26
CA PHE F 93 6.05 -34.48 -4.36
C PHE F 93 6.58 -35.89 -4.61
N MET F 94 6.46 -36.35 -5.85
CA MET F 94 6.87 -37.69 -6.23
C MET F 94 7.98 -37.59 -7.28
N ARG F 95 9.07 -38.32 -7.07
CA ARG F 95 10.11 -38.47 -8.07
C ARG F 95 10.02 -39.87 -8.67
N VAL F 96 9.93 -39.93 -9.99
CA VAL F 96 9.94 -41.19 -10.72
C VAL F 96 11.24 -41.24 -11.50
N THR F 97 12.16 -42.12 -11.10
CA THR F 97 13.43 -42.28 -11.80
C THR F 97 13.39 -43.55 -12.62
N MET F 98 13.71 -43.40 -13.89
CA MET F 98 13.65 -44.51 -14.83
C MET F 98 14.84 -45.43 -14.60
N ILE F 99 14.53 -46.70 -14.40
CA ILE F 99 15.54 -47.75 -14.37
C ILE F 99 15.84 -48.24 -15.77
N LEU F 100 14.80 -48.45 -16.54
CA LEU F 100 14.88 -48.75 -17.94
C LEU F 100 14.40 -47.56 -18.76
N PRO F 101 14.85 -47.42 -20.00
CA PRO F 101 14.44 -46.25 -20.79
C PRO F 101 12.96 -46.31 -21.14
N LEU F 102 12.32 -45.14 -21.06
CA LEU F 102 10.91 -44.99 -21.41
C LEU F 102 10.75 -43.72 -22.23
N THR F 103 9.86 -43.77 -23.21
CA THR F 103 9.43 -42.53 -23.86
C THR F 103 8.33 -41.88 -23.03
N GLY F 104 8.21 -40.57 -23.18
CA GLY F 104 7.10 -39.87 -22.53
C GLY F 104 5.77 -40.35 -23.06
N HIS F 105 5.74 -40.74 -24.34
CA HIS F 105 4.54 -41.32 -24.92
C HIS F 105 4.13 -42.59 -24.18
N GLN F 106 5.08 -43.51 -23.98
CA GLN F 106 4.81 -44.74 -23.25
C GLN F 106 4.33 -44.44 -21.84
N TYR F 107 4.98 -43.47 -21.17
CA TYR F 107 4.64 -43.18 -19.79
C TYR F 107 3.27 -42.55 -19.67
N SER F 108 2.96 -41.57 -20.53
CA SER F 108 1.70 -40.85 -20.40
C SER F 108 0.49 -41.70 -20.79
N GLU F 109 0.66 -42.58 -21.75
CA GLU F 109 -0.42 -43.45 -22.16
C GLU F 109 -0.84 -44.35 -21.00
N LYS F 110 0.11 -44.97 -20.31
CA LYS F 110 -0.21 -45.87 -19.19
C LYS F 110 -0.78 -45.07 -18.02
N VAL F 111 -0.19 -43.91 -17.71
CA VAL F 111 -0.75 -43.08 -16.65
C VAL F 111 -2.18 -42.69 -17.00
N SER F 112 -2.43 -42.43 -18.28
CA SER F 112 -3.74 -41.96 -18.70
C SER F 112 -4.81 -43.02 -18.45
N GLU F 113 -4.55 -44.25 -18.90
CA GLU F 113 -5.56 -45.30 -18.79
C GLU F 113 -5.92 -45.59 -17.33
N ASN F 114 -4.93 -45.66 -16.43
CA ASN F 114 -5.25 -45.82 -15.01
C ASN F 114 -6.16 -44.70 -14.54
N CYS F 115 -5.84 -43.46 -14.90
CA CYS F 115 -6.57 -42.33 -14.37
C CYS F 115 -8.02 -42.34 -14.82
N VAL F 116 -8.27 -42.67 -16.08
CA VAL F 116 -9.63 -42.67 -16.59
C VAL F 116 -10.45 -43.80 -15.95
N ALA F 117 -9.82 -44.94 -15.67
CA ALA F 117 -10.52 -46.04 -15.02
C ALA F 117 -11.00 -45.68 -13.62
N ILE F 118 -10.10 -45.14 -12.79
CA ILE F 118 -10.49 -44.75 -11.44
C ILE F 118 -11.62 -43.75 -11.49
N TRP F 119 -11.61 -42.87 -12.50
CA TRP F 119 -12.56 -41.77 -12.53
C TRP F 119 -13.93 -42.18 -13.03
N LYS F 120 -13.99 -43.12 -13.97
CA LYS F 120 -15.27 -43.52 -14.52
C LYS F 120 -16.01 -44.52 -13.63
N SER F 121 -15.26 -45.28 -12.84
CA SER F 121 -15.87 -46.17 -11.85
C SER F 121 -16.64 -45.36 -10.80
N LEU F 122 -16.07 -44.25 -10.37
CA LEU F 122 -16.64 -43.41 -9.33
C LEU F 122 -17.46 -42.25 -9.90
N GLY F 123 -17.66 -42.24 -11.21
CA GLY F 123 -18.48 -41.22 -11.86
C GLY F 123 -18.11 -39.78 -11.59
N ILE F 124 -16.82 -39.47 -11.50
CA ILE F 124 -16.37 -38.08 -11.47
C ILE F 124 -15.70 -37.68 -12.78
N TYR F 125 -15.69 -38.57 -13.77
CA TYR F 125 -14.99 -38.28 -15.03
C TYR F 125 -15.75 -37.22 -15.82
N THR F 126 -15.38 -35.96 -15.63
CA THR F 126 -15.96 -34.86 -16.40
C THR F 126 -15.14 -34.68 -17.67
N ASP F 127 -15.60 -33.80 -18.54
CA ASP F 127 -14.78 -33.41 -19.68
C ASP F 127 -13.58 -32.59 -19.23
N GLU F 128 -13.62 -32.04 -18.01
CA GLU F 128 -12.46 -31.36 -17.48
C GLU F 128 -11.30 -32.34 -17.31
N GLU F 129 -11.60 -33.52 -16.75
CA GLU F 129 -10.60 -34.58 -16.66
C GLU F 129 -10.07 -34.96 -18.03
N ALA F 130 -10.95 -34.98 -19.02
CA ALA F 130 -10.52 -35.26 -20.38
C ALA F 130 -9.61 -34.15 -20.89
N LYS F 131 -9.93 -32.89 -20.56
CA LYS F 131 -9.09 -31.78 -20.94
C LYS F 131 -7.75 -31.83 -20.21
N ALA F 132 -7.78 -32.12 -18.91
CA ALA F 132 -6.55 -32.25 -18.14
C ALA F 132 -5.67 -33.37 -18.68
N ILE F 133 -6.28 -34.52 -18.97
CA ILE F 133 -5.52 -35.64 -19.52
C ILE F 133 -4.84 -35.24 -20.82
N ASP F 134 -5.52 -34.43 -21.64
CA ASP F 134 -4.96 -34.05 -22.93
C ASP F 134 -3.72 -33.17 -22.76
N LYS F 135 -3.76 -32.23 -21.81
CA LYS F 135 -2.58 -31.42 -21.51
C LYS F 135 -1.46 -32.29 -20.97
N PHE F 136 -1.78 -33.14 -19.99
CA PHE F 136 -0.82 -34.09 -19.44
C PHE F 136 -0.08 -34.81 -20.55
N VAL F 137 -0.81 -35.37 -21.52
CA VAL F 137 -0.19 -36.08 -22.63
C VAL F 137 0.69 -35.14 -23.45
N SER F 138 0.24 -33.91 -23.65
CA SER F 138 1.02 -32.96 -24.45
C SER F 138 2.36 -32.64 -23.79
N VAL F 139 2.36 -32.53 -22.46
CA VAL F 139 3.59 -32.25 -21.74
C VAL F 139 4.63 -33.35 -22.00
N PHE F 140 4.18 -34.59 -22.05
CA PHE F 140 5.05 -35.75 -22.19
C PHE F 140 5.34 -36.10 -23.65
N LYS F 141 4.69 -35.42 -24.59
CA LYS F 141 4.66 -35.87 -25.98
C LYS F 141 6.04 -36.14 -26.55
N ASP F 142 6.94 -35.17 -26.49
CA ASP F 142 8.24 -35.30 -27.15
C ASP F 142 9.33 -35.73 -26.18
N GLU F 143 8.97 -36.08 -24.96
CA GLU F 143 9.96 -36.38 -23.94
C GLU F 143 10.45 -37.81 -24.07
N THR F 144 11.72 -38.00 -23.74
CA THR F 144 12.31 -39.32 -23.62
C THR F 144 13.10 -39.42 -22.32
N PHE F 145 13.12 -40.60 -21.73
CA PHE F 145 13.63 -40.78 -20.37
C PHE F 145 14.61 -41.94 -20.31
N PRO F 146 15.89 -41.69 -20.56
CA PRO F 146 16.90 -42.74 -20.41
C PRO F 146 17.04 -43.16 -18.95
N PRO F 147 17.70 -44.29 -18.69
CA PRO F 147 18.03 -44.63 -17.30
C PRO F 147 18.62 -43.45 -16.55
N GLY F 148 18.15 -43.28 -15.31
CA GLY F 148 18.62 -42.22 -14.44
C GLY F 148 17.88 -40.90 -14.55
N SER F 149 17.19 -40.66 -15.67
CA SER F 149 16.41 -39.43 -15.80
C SER F 149 15.17 -39.50 -14.91
N SER F 150 14.52 -38.35 -14.70
CA SER F 150 13.46 -38.28 -13.69
C SER F 150 12.26 -37.49 -14.18
N ILE F 151 11.10 -37.96 -13.76
CA ILE F 151 9.83 -37.27 -13.90
C ILE F 151 9.42 -36.82 -12.50
N LEU F 152 9.19 -35.53 -12.34
CA LEU F 152 8.92 -34.93 -11.04
C LEU F 152 7.51 -34.35 -11.03
N PHE F 153 6.70 -34.79 -10.06
CA PHE F 153 5.32 -34.33 -9.91
C PHE F 153 5.18 -33.64 -8.56
N THR F 154 4.60 -32.44 -8.55
CA THR F 154 4.16 -31.79 -7.32
C THR F 154 2.64 -31.78 -7.29
N VAL F 155 2.07 -32.35 -6.24
CA VAL F 155 0.62 -32.38 -6.03
C VAL F 155 0.31 -31.41 -4.90
N SER F 156 -0.43 -30.34 -5.22
CA SER F 156 -0.66 -29.28 -4.25
C SER F 156 -2.15 -29.02 -4.05
N PRO F 157 -2.55 -28.65 -2.82
CA PRO F 157 -3.81 -27.96 -2.52
C PRO F 157 -4.13 -26.82 -3.48
N SER F 162 -3.45 -28.71 -7.87
CA SER F 162 -2.46 -28.49 -8.91
C SER F 162 -1.53 -29.68 -9.10
N LEU F 163 -1.18 -29.96 -10.36
CA LEU F 163 -0.12 -30.90 -10.68
C LEU F 163 0.97 -30.13 -11.40
N THR F 164 2.15 -30.07 -10.79
CA THR F 164 3.31 -29.44 -11.41
C THR F 164 4.19 -30.55 -11.96
N ILE F 165 4.62 -30.40 -13.21
CA ILE F 165 5.40 -31.41 -13.90
C ILE F 165 6.78 -30.84 -14.19
N SER F 166 7.82 -31.55 -13.75
CA SER F 166 9.18 -31.15 -14.02
C SER F 166 9.98 -32.37 -14.48
N PHE F 167 11.06 -32.10 -15.20
CA PHE F 167 11.89 -33.14 -15.77
C PHE F 167 13.34 -32.90 -15.42
N SER F 168 14.08 -34.00 -15.23
CA SER F 168 15.49 -33.96 -14.91
C SER F 168 16.20 -35.08 -15.64
N LYS F 169 17.44 -34.80 -16.06
CA LYS F 169 18.25 -35.84 -16.70
C LYS F 169 18.90 -36.76 -15.70
N ASP F 170 18.85 -36.43 -14.41
CA ASP F 170 19.27 -37.34 -13.35
C ASP F 170 18.23 -37.29 -12.24
N GLY F 171 18.65 -37.41 -10.99
CA GLY F 171 17.78 -37.30 -9.85
C GLY F 171 17.73 -35.92 -9.26
N SER F 172 18.46 -34.96 -9.83
CA SER F 172 18.47 -33.60 -9.32
C SER F 172 17.20 -32.88 -9.71
N ILE F 173 16.81 -31.92 -8.88
CA ILE F 173 15.55 -31.21 -9.09
C ILE F 173 15.84 -29.94 -9.87
N PRO F 174 15.15 -29.68 -10.98
CA PRO F 174 15.36 -28.43 -11.69
C PRO F 174 14.88 -27.23 -10.88
N GLU F 175 15.36 -26.05 -11.27
CA GLU F 175 14.95 -24.82 -10.62
C GLU F 175 13.61 -24.31 -11.13
N VAL F 176 13.20 -24.73 -12.32
CA VAL F 176 11.97 -24.27 -12.93
C VAL F 176 11.23 -25.49 -13.45
N GLU F 177 9.93 -25.55 -13.17
CA GLU F 177 9.11 -26.66 -13.64
C GLU F 177 8.97 -26.58 -15.15
N THR F 178 8.30 -27.58 -15.71
CA THR F 178 7.95 -27.58 -17.12
C THR F 178 6.51 -27.14 -17.37
N ALA F 179 5.58 -27.56 -16.52
CA ALA F 179 4.18 -27.25 -16.74
C ALA F 179 3.39 -27.42 -15.45
N VAL F 180 2.26 -26.74 -15.38
CA VAL F 180 1.33 -26.84 -14.25
C VAL F 180 -0.06 -27.10 -14.80
N ILE F 181 -0.74 -28.09 -14.25
CA ILE F 181 -2.08 -28.48 -14.68
C ILE F 181 -3.01 -28.32 -13.49
N GLU F 182 -3.94 -27.37 -13.59
CA GLU F 182 -4.90 -27.09 -12.53
C GLU F 182 -6.06 -28.06 -12.67
N ASN F 183 -5.90 -29.24 -12.09
CA ASN F 183 -6.95 -30.24 -12.02
C ASN F 183 -6.73 -31.01 -10.72
N LYS F 184 -7.79 -31.13 -9.91
CA LYS F 184 -7.66 -31.81 -8.61
C LYS F 184 -7.69 -33.31 -8.80
N LEU F 185 -8.42 -33.75 -9.81
CA LEU F 185 -8.54 -35.16 -10.13
C LEU F 185 -7.29 -35.70 -10.82
N LEU F 186 -6.70 -34.92 -11.72
CA LEU F 186 -5.45 -35.35 -12.35
C LEU F 186 -4.32 -35.40 -11.33
N SER F 187 -4.15 -34.33 -10.55
CA SER F 187 -3.06 -34.28 -9.58
C SER F 187 -3.12 -35.46 -8.62
N GLN F 188 -4.33 -35.85 -8.19
CA GLN F 188 -4.46 -36.93 -7.23
C GLN F 188 -4.28 -38.30 -7.88
N ALA F 189 -4.83 -38.51 -9.08
CA ALA F 189 -4.74 -39.81 -9.72
C ALA F 189 -3.29 -40.22 -9.96
N VAL F 190 -2.44 -39.27 -10.37
CA VAL F 190 -1.05 -39.58 -10.66
C VAL F 190 -0.39 -40.19 -9.44
N LEU F 191 -0.63 -39.60 -8.27
CA LEU F 191 -0.08 -40.15 -7.03
C LEU F 191 -0.82 -41.42 -6.63
N GLU F 192 -2.14 -41.44 -6.77
CA GLU F 192 -2.92 -42.65 -6.47
C GLU F 192 -2.44 -43.83 -7.31
N SER F 193 -2.19 -43.60 -8.60
CA SER F 193 -1.76 -44.71 -9.45
C SER F 193 -0.47 -45.31 -8.94
N MET F 194 0.21 -44.64 -8.01
CA MET F 194 1.46 -45.08 -7.42
C MET F 194 1.31 -45.69 -6.03
N ILE F 195 0.55 -45.06 -5.12
CA ILE F 195 0.43 -45.53 -3.74
C ILE F 195 -1.00 -45.88 -3.37
N GLY F 196 -1.90 -45.97 -4.34
CA GLY F 196 -3.29 -46.29 -4.07
C GLY F 196 -3.56 -47.77 -3.90
N ALA F 197 -4.84 -48.11 -3.96
CA ALA F 197 -5.28 -49.50 -3.82
C ALA F 197 -4.80 -50.34 -5.00
N HIS F 198 -4.83 -49.76 -6.21
CA HIS F 198 -4.28 -50.37 -7.41
C HIS F 198 -2.88 -49.84 -7.71
N GLY F 199 -2.12 -49.52 -6.67
CA GLY F 199 -0.86 -48.84 -6.87
C GLY F 199 0.15 -49.74 -7.54
N VAL F 200 0.87 -49.18 -8.51
CA VAL F 200 1.85 -49.96 -9.27
C VAL F 200 3.16 -50.14 -8.52
N SER F 201 3.29 -49.56 -7.32
CA SER F 201 4.46 -49.76 -6.47
C SER F 201 4.01 -50.12 -5.06
N PRO F 202 3.60 -51.36 -4.84
CA PRO F 202 3.40 -51.83 -3.45
C PRO F 202 4.60 -51.59 -2.55
N ALA F 203 5.81 -51.53 -3.09
CA ALA F 203 7.01 -51.41 -2.26
C ALA F 203 7.14 -50.03 -1.63
N ALA F 204 6.77 -48.97 -2.35
CA ALA F 204 6.83 -47.63 -1.76
C ALA F 204 5.76 -47.47 -0.68
N LYS F 205 4.59 -48.05 -0.90
CA LYS F 205 3.56 -48.08 0.13
C LYS F 205 4.13 -48.67 1.41
N GLN F 206 4.78 -49.82 1.28
CA GLN F 206 5.38 -50.47 2.45
C GLN F 206 6.38 -49.54 3.14
N SER F 207 7.13 -48.76 2.35
CA SER F 207 8.09 -47.83 2.94
C SER F 207 7.40 -46.66 3.62
N LEU F 208 6.33 -46.12 3.00
CA LEU F 208 5.61 -45.01 3.61
C LEU F 208 5.02 -45.41 4.96
N ALA F 209 4.39 -46.57 5.02
CA ALA F 209 3.83 -47.05 6.28
C ALA F 209 4.91 -47.14 7.34
N SER F 210 6.03 -47.78 7.01
CA SER F 210 7.10 -47.99 7.97
C SER F 210 7.69 -46.67 8.47
N ARG F 211 7.95 -45.74 7.55
CA ARG F 211 8.69 -44.54 7.93
C ARG F 211 7.81 -43.50 8.64
N LEU F 212 6.52 -43.46 8.33
CA LEU F 212 5.66 -42.48 8.99
C LEU F 212 5.39 -42.86 10.45
N SER F 213 5.30 -44.16 10.73
CA SER F 213 5.04 -44.62 12.09
C SER F 213 6.11 -44.15 13.07
N LYS F 214 7.37 -44.37 12.73
CA LYS F 214 8.43 -43.95 13.64
C LYS F 214 8.38 -42.44 13.87
N LEU F 215 8.09 -41.67 12.82
CA LEU F 215 7.89 -40.24 12.99
C LEU F 215 6.74 -39.92 13.94
N PHE F 216 5.84 -40.88 14.20
CA PHE F 216 4.78 -40.67 15.18
C PHE F 216 5.36 -40.68 16.60
N VAL G 6 8.53 15.20 52.37
CA VAL G 6 8.35 15.04 50.93
C VAL G 6 9.71 14.87 50.26
N THR G 7 9.90 13.73 49.61
CA THR G 7 11.18 13.33 49.04
C THR G 7 11.15 13.45 47.52
N ALA G 8 12.33 13.47 46.93
CA ALA G 8 12.43 13.36 45.50
C ALA G 8 12.11 11.93 45.07
N LEU G 9 11.82 11.76 43.79
CA LEU G 9 11.48 10.46 43.25
C LEU G 9 12.17 10.32 41.90
N GLU G 10 12.58 9.10 41.57
CA GLU G 10 13.17 8.79 40.28
C GLU G 10 12.31 7.74 39.62
N ILE G 11 11.86 8.04 38.41
CA ILE G 11 10.97 7.16 37.68
C ILE G 11 11.72 6.78 36.41
N GLU G 12 12.08 5.51 36.30
CA GLU G 12 12.76 5.00 35.13
C GLU G 12 14.00 5.83 34.81
N ASN G 13 14.75 6.16 35.85
CA ASN G 13 16.04 6.85 35.80
C ASN G 13 15.93 8.34 35.53
N TYR G 14 14.73 8.92 35.58
CA TYR G 14 14.54 10.36 35.52
C TYR G 14 14.13 10.85 36.89
N ALA G 15 14.78 11.93 37.33
CA ALA G 15 14.66 12.39 38.71
C ALA G 15 13.64 13.51 38.79
N PHE G 16 12.72 13.40 39.75
CA PHE G 16 11.73 14.43 39.99
C PHE G 16 12.00 15.08 41.34
N PRO G 17 12.43 16.35 41.37
CA PRO G 17 12.77 16.97 42.63
C PRO G 17 11.54 17.13 43.51
N PRO G 18 11.73 17.36 44.81
CA PRO G 18 10.57 17.53 45.70
C PRO G 18 9.85 18.84 45.47
N THR G 19 10.54 19.83 44.91
CA THR G 19 9.96 21.15 44.65
C THR G 19 10.27 21.57 43.21
N VAL G 20 9.40 22.44 42.68
CA VAL G 20 9.61 23.05 41.37
C VAL G 20 9.06 24.47 41.40
N LYS G 21 9.49 25.27 40.42
CA LYS G 21 8.98 26.63 40.25
C LYS G 21 8.44 26.77 38.83
N PRO G 22 7.13 26.73 38.61
CA PRO G 22 6.60 26.90 37.25
C PRO G 22 6.94 28.28 36.73
N PRO G 23 6.92 28.49 35.41
CA PRO G 23 7.44 29.74 34.84
C PRO G 23 6.82 31.01 35.41
N GLY G 24 5.51 31.20 35.30
CA GLY G 24 4.87 32.39 35.81
C GLY G 24 4.05 32.16 37.07
N SER G 25 4.70 31.52 38.04
CA SER G 25 4.06 31.05 39.27
C SER G 25 4.28 31.99 40.46
N THR G 26 5.36 31.72 41.19
CA THR G 26 5.75 32.37 42.44
C THR G 26 4.99 31.76 43.61
N ASN G 27 4.23 30.70 43.35
CA ASN G 27 3.70 29.90 44.44
C ASN G 27 4.65 28.73 44.68
N ASN G 28 4.53 28.16 45.87
CA ASN G 28 5.30 26.97 46.20
C ASN G 28 4.57 25.71 45.78
N PHE G 29 5.32 24.76 45.25
CA PHE G 29 4.77 23.48 44.82
C PHE G 29 5.58 22.38 45.47
N PHE G 30 4.92 21.26 45.72
CA PHE G 30 5.57 20.09 46.31
C PHE G 30 5.23 18.87 45.46
N LEU G 31 6.18 17.94 45.39
CA LEU G 31 6.00 16.75 44.57
C LEU G 31 4.94 15.87 45.22
N GLY G 32 3.76 15.81 44.62
CA GLY G 32 2.70 14.98 45.14
C GLY G 32 2.93 13.52 44.82
N GLY G 33 3.47 13.25 43.64
CA GLY G 33 3.72 11.88 43.24
C GLY G 33 4.25 11.81 41.82
N ALA G 34 4.78 10.65 41.49
CA ALA G 34 5.32 10.39 40.15
C ALA G 34 5.23 8.90 39.87
N GLY G 35 5.14 8.57 38.59
CA GLY G 35 5.10 7.18 38.16
C GLY G 35 5.29 7.11 36.67
N GLU G 36 5.69 5.93 36.20
CA GLU G 36 5.83 5.81 34.76
C GLU G 36 4.44 5.72 34.12
N ARG G 37 4.43 5.85 32.81
CA ARG G 37 3.22 5.70 32.01
C ARG G 37 3.61 4.90 30.78
N GLY G 38 3.03 3.71 30.65
CA GLY G 38 3.43 2.77 29.63
C GLY G 38 2.24 2.22 28.88
N ILE G 39 2.56 1.57 27.77
CA ILE G 39 1.59 0.90 26.91
C ILE G 39 1.99 -0.57 26.80
N GLN G 40 1.01 -1.42 26.53
CA GLN G 40 1.26 -2.85 26.38
C GLN G 40 1.31 -3.13 24.88
N ILE G 41 2.51 -3.44 24.39
CA ILE G 41 2.72 -3.66 22.97
C ILE G 41 3.26 -5.07 22.83
N GLN G 42 2.46 -5.95 22.22
CA GLN G 42 2.92 -7.28 21.89
C GLN G 42 3.65 -7.92 23.08
N ASP G 43 2.89 -8.46 24.03
CA ASP G 43 3.44 -9.13 25.21
C ASP G 43 4.24 -8.30 26.22
N LYS G 44 4.54 -7.03 25.95
CA LYS G 44 5.42 -6.27 26.84
C LYS G 44 4.81 -4.95 27.26
N PHE G 45 5.20 -4.51 28.47
CA PHE G 45 4.78 -3.22 29.03
C PHE G 45 5.86 -2.20 28.68
N VAL G 46 5.65 -1.46 27.60
CA VAL G 46 6.62 -0.49 27.10
C VAL G 46 6.37 0.86 27.76
N LYS G 47 7.39 1.37 28.45
CA LYS G 47 7.31 2.64 29.16
C LYS G 47 7.71 3.80 28.25
N PHE G 48 6.80 4.76 28.07
CA PHE G 48 7.05 5.89 27.18
C PHE G 48 7.39 7.18 27.90
N THR G 49 6.79 7.46 29.06
CA THR G 49 7.05 8.72 29.72
C THR G 49 7.07 8.52 31.23
N ALA G 50 7.67 9.48 31.91
CA ALA G 50 7.69 9.54 33.37
C ALA G 50 6.99 10.83 33.78
N ILE G 51 5.97 10.70 34.62
CA ILE G 51 5.07 11.79 34.96
C ILE G 51 5.25 12.15 36.42
N GLY G 52 5.46 13.45 36.67
CA GLY G 52 5.54 13.97 38.01
C GLY G 52 4.47 15.02 38.21
N VAL G 53 3.68 14.87 39.27
CA VAL G 53 2.53 15.72 39.53
C VAL G 53 2.87 16.56 40.75
N TYR G 54 3.06 17.85 40.54
CA TYR G 54 3.30 18.76 41.64
C TYR G 54 2.01 19.47 41.99
N LEU G 55 1.85 19.77 43.27
CA LEU G 55 0.66 20.44 43.77
C LEU G 55 1.08 21.66 44.57
N GLN G 56 0.24 22.69 44.52
CA GLN G 56 0.52 23.90 45.26
C GLN G 56 0.50 23.59 46.75
N ASP G 57 1.30 24.34 47.52
CA ASP G 57 1.40 24.11 48.95
C ASP G 57 0.02 24.01 49.62
N ILE G 58 -0.82 25.01 49.39
CA ILE G 58 -2.14 25.07 50.01
C ILE G 58 -3.02 23.87 49.69
N ALA G 59 -2.64 23.06 48.71
CA ALA G 59 -3.44 21.87 48.39
C ALA G 59 -3.50 20.91 49.57
N VAL G 60 -2.56 20.99 50.50
CA VAL G 60 -2.46 20.04 51.60
C VAL G 60 -3.55 20.28 52.63
N PRO G 61 -3.70 21.49 53.18
CA PRO G 61 -4.81 21.70 54.13
C PRO G 61 -6.17 21.47 53.50
N TYR G 62 -6.41 22.02 52.31
CA TYR G 62 -7.71 21.85 51.67
C TYR G 62 -8.04 20.37 51.48
N LEU G 63 -7.10 19.59 50.94
CA LEU G 63 -7.36 18.16 50.76
C LEU G 63 -7.34 17.43 52.09
N ALA G 64 -6.56 17.91 53.05
CA ALA G 64 -6.45 17.21 54.33
C ALA G 64 -7.79 17.16 55.05
N GLU G 65 -8.60 18.21 54.92
CA GLU G 65 -9.87 18.24 55.64
C GLU G 65 -10.79 17.09 55.22
N LYS G 66 -10.89 16.80 53.92
CA LYS G 66 -11.90 15.84 53.47
C LYS G 66 -11.34 14.45 53.17
N TRP G 67 -10.01 14.26 53.18
CA TRP G 67 -9.44 12.96 52.83
C TRP G 67 -8.47 12.45 53.89
N LYS G 68 -8.46 13.08 55.06
CA LYS G 68 -7.71 12.60 56.20
C LYS G 68 -8.34 11.36 56.80
N ALA G 69 -7.51 10.47 57.34
CA ALA G 69 -7.91 9.31 58.13
C ALA G 69 -8.20 8.12 57.24
N ARG G 70 -7.64 8.11 56.04
CA ARG G 70 -7.82 7.04 55.08
C ARG G 70 -6.46 6.60 54.56
N SER G 71 -6.22 5.29 54.54
CA SER G 71 -4.94 4.76 54.12
C SER G 71 -4.77 4.83 52.60
N ALA G 72 -3.52 4.73 52.16
CA ALA G 72 -3.20 4.88 50.75
C ALA G 72 -4.02 3.95 49.87
N HIS G 73 -4.15 2.68 50.29
CA HIS G 73 -4.96 1.74 49.51
C HIS G 73 -6.37 2.26 49.32
N GLU G 74 -6.96 2.82 50.38
CA GLU G 74 -8.30 3.38 50.26
C GLU G 74 -8.32 4.53 49.26
N LEU G 75 -7.40 5.48 49.43
CA LEU G 75 -7.37 6.65 48.55
C LEU G 75 -7.15 6.25 47.09
N THR G 76 -6.30 5.25 46.84
CA THR G 76 -6.06 4.82 45.47
C THR G 76 -7.36 4.47 44.75
N ASP G 77 -8.27 3.78 45.42
CA ASP G 77 -9.53 3.37 44.83
C ASP G 77 -10.64 4.37 45.02
N THR G 78 -10.36 5.52 45.60
CA THR G 78 -11.40 6.51 45.89
C THR G 78 -11.30 7.46 44.71
N VAL G 79 -12.35 7.54 43.90
CA VAL G 79 -12.34 8.36 42.68
C VAL G 79 -12.61 9.83 43.00
N PRO G 80 -13.41 10.18 44.02
CA PRO G 80 -13.55 11.62 44.37
C PRO G 80 -12.27 12.28 44.93
N PHE G 81 -11.35 11.50 45.51
CA PHE G 81 -10.07 12.00 46.00
C PHE G 81 -9.23 12.54 44.86
N PHE G 82 -9.19 11.79 43.75
CA PHE G 82 -8.46 12.24 42.59
C PHE G 82 -9.22 13.33 41.86
N ARG G 83 -10.56 13.26 41.82
CA ARG G 83 -11.33 14.38 41.28
C ARG G 83 -11.07 15.65 42.08
N ASP G 84 -10.89 15.51 43.40
CA ASP G 84 -10.59 16.67 44.22
C ASP G 84 -9.21 17.21 43.88
N ILE G 85 -8.23 16.32 43.66
CA ILE G 85 -6.90 16.75 43.23
C ILE G 85 -6.99 17.49 41.90
N VAL G 86 -7.84 17.02 40.98
CA VAL G 86 -7.90 17.62 39.64
C VAL G 86 -8.55 18.99 39.71
N THR G 87 -9.67 19.10 40.39
CA THR G 87 -10.51 20.28 40.32
C THR G 87 -10.38 21.19 41.53
N GLY G 88 -9.56 20.83 42.52
CA GLY G 88 -9.41 21.61 43.73
C GLY G 88 -9.04 23.05 43.46
N PRO G 89 -9.22 23.93 44.46
CA PRO G 89 -8.89 25.36 44.31
C PRO G 89 -7.43 25.68 44.61
N PHE G 90 -6.54 25.08 43.83
CA PHE G 90 -5.11 25.31 43.96
C PHE G 90 -4.47 25.00 42.62
N GLU G 91 -3.24 25.47 42.44
CA GLU G 91 -2.53 25.23 41.20
C GLU G 91 -1.87 23.86 41.18
N LYS G 92 -1.87 23.24 40.02
CA LYS G 92 -1.18 21.98 39.79
C LYS G 92 -0.18 22.15 38.66
N PHE G 93 0.94 21.42 38.76
CA PHE G 93 1.99 21.47 37.77
C PHE G 93 2.42 20.04 37.48
N MET G 94 2.41 19.66 36.20
CA MET G 94 2.76 18.31 35.80
C MET G 94 3.97 18.37 34.90
N ARG G 95 4.98 17.56 35.19
CA ARG G 95 6.11 17.39 34.29
C ARG G 95 5.99 16.03 33.62
N VAL G 96 6.00 16.02 32.30
CA VAL G 96 6.01 14.79 31.52
C VAL G 96 7.37 14.71 30.85
N THR G 97 8.19 13.77 31.30
CA THR G 97 9.53 13.57 30.78
C THR G 97 9.56 12.35 29.87
N MET G 98 10.04 12.53 28.65
CA MET G 98 10.04 11.48 27.66
C MET G 98 11.13 10.47 27.96
N ILE G 99 10.74 9.20 28.07
CA ILE G 99 11.69 8.10 28.14
C ILE G 99 12.06 7.63 26.74
N LEU G 100 11.07 7.51 25.89
CA LEU G 100 11.23 7.22 24.47
C LEU G 100 10.89 8.47 23.68
N PRO G 101 11.43 8.61 22.46
CA PRO G 101 11.15 9.83 21.70
C PRO G 101 9.70 9.89 21.27
N LEU G 102 9.14 11.10 21.35
CA LEU G 102 7.79 11.34 20.87
C LEU G 102 7.77 12.64 20.09
N THR G 103 7.00 12.65 19.01
CA THR G 103 6.68 13.90 18.35
C THR G 103 5.53 14.58 19.07
N GLY G 104 5.44 15.90 18.92
CA GLY G 104 4.33 16.61 19.51
C GLY G 104 3.00 16.14 18.97
N HIS G 105 2.97 15.75 17.69
CA HIS G 105 1.76 15.16 17.12
C HIS G 105 1.34 13.89 17.85
N GLN G 106 2.28 12.95 18.02
CA GLN G 106 1.95 11.72 18.74
C GLN G 106 1.42 12.02 20.13
N TYR G 107 2.04 12.97 20.81
CA TYR G 107 1.65 13.25 22.18
C TYR G 107 0.28 13.92 22.25
N SER G 108 0.05 14.92 21.41
CA SER G 108 -1.20 15.67 21.51
C SER G 108 -2.40 14.84 21.08
N GLU G 109 -2.22 13.97 20.09
CA GLU G 109 -3.31 13.09 19.68
C GLU G 109 -3.77 12.21 20.84
N LYS G 110 -2.83 11.59 21.55
CA LYS G 110 -3.20 10.70 22.63
C LYS G 110 -3.90 11.46 23.75
N VAL G 111 -3.37 12.64 24.12
CA VAL G 111 -4.01 13.47 25.14
C VAL G 111 -5.37 13.94 24.68
N SER G 112 -5.48 14.37 23.41
CA SER G 112 -6.76 14.92 22.95
C SER G 112 -7.82 13.83 22.92
N GLU G 113 -7.48 12.65 22.39
CA GLU G 113 -8.44 11.55 22.37
C GLU G 113 -8.95 11.24 23.76
N ASN G 114 -8.04 11.18 24.74
CA ASN G 114 -8.50 11.00 26.11
C ASN G 114 -9.47 12.11 26.49
N CYS G 115 -9.12 13.36 26.17
CA CYS G 115 -9.90 14.51 26.63
C CYS G 115 -11.28 14.57 25.98
N VAL G 116 -11.36 14.35 24.66
CA VAL G 116 -12.66 14.41 24.00
C VAL G 116 -13.51 13.21 24.41
N ALA G 117 -12.88 12.04 24.58
CA ALA G 117 -13.63 10.85 24.95
C ALA G 117 -14.34 11.05 26.28
N ILE G 118 -13.59 11.49 27.30
CA ILE G 118 -14.22 11.75 28.58
C ILE G 118 -15.29 12.82 28.44
N TRP G 119 -15.07 13.80 27.55
CA TRP G 119 -16.04 14.87 27.33
C TRP G 119 -17.18 14.44 26.42
N LYS G 120 -16.88 13.64 25.39
CA LYS G 120 -17.91 13.21 24.45
C LYS G 120 -18.78 12.13 25.05
N SER G 121 -18.28 11.45 26.09
CA SER G 121 -19.11 10.53 26.83
C SER G 121 -20.29 11.26 27.46
N LEU G 122 -20.03 12.45 28.01
CA LEU G 122 -21.02 13.22 28.72
C LEU G 122 -21.65 14.31 27.86
N GLY G 123 -21.40 14.30 26.56
CA GLY G 123 -21.97 15.32 25.70
C GLY G 123 -21.68 16.73 26.17
N ILE G 124 -20.48 16.94 26.73
CA ILE G 124 -20.01 18.28 27.08
C ILE G 124 -19.03 18.80 26.06
N TYR G 125 -18.78 18.04 24.99
CA TYR G 125 -17.85 18.49 23.97
C TYR G 125 -18.57 19.61 23.23
N THR G 126 -18.47 20.80 23.79
CA THR G 126 -19.02 21.93 23.08
C THR G 126 -17.95 22.42 22.12
N ASP G 127 -18.33 23.30 21.21
CA ASP G 127 -17.32 23.81 20.31
C ASP G 127 -16.34 24.74 21.00
N GLU G 128 -16.63 25.22 22.21
CA GLU G 128 -15.61 25.92 22.97
C GLU G 128 -14.46 24.98 23.30
N GLU G 129 -14.78 23.77 23.75
CA GLU G 129 -13.75 22.75 23.97
C GLU G 129 -13.06 22.38 22.67
N ALA G 130 -13.80 22.34 21.57
CA ALA G 130 -13.20 22.02 20.27
C ALA G 130 -12.17 23.06 19.88
N LYS G 131 -12.46 24.33 20.16
CA LYS G 131 -11.49 25.40 19.89
C LYS G 131 -10.25 25.21 20.75
N ALA G 132 -10.45 24.88 22.02
CA ALA G 132 -9.35 24.66 22.96
C ALA G 132 -8.46 23.49 22.52
N ILE G 133 -9.08 22.36 22.18
CA ILE G 133 -8.31 21.19 21.74
C ILE G 133 -7.49 21.53 20.51
N ASP G 134 -8.12 22.20 19.54
CA ASP G 134 -7.40 22.59 18.33
C ASP G 134 -6.22 23.49 18.65
N LYS G 135 -6.39 24.41 19.61
CA LYS G 135 -5.26 25.23 20.03
C LYS G 135 -4.19 24.37 20.69
N PHE G 136 -4.60 23.50 21.61
CA PHE G 136 -3.69 22.54 22.22
C PHE G 136 -2.86 21.80 21.17
N VAL G 137 -3.53 21.25 20.15
CA VAL G 137 -2.82 20.51 19.11
C VAL G 137 -1.86 21.43 18.35
N SER G 138 -2.27 22.68 18.11
CA SER G 138 -1.40 23.61 17.39
C SER G 138 -0.13 23.91 18.16
N VAL G 139 -0.22 24.01 19.49
CA VAL G 139 0.96 24.29 20.30
C VAL G 139 2.01 23.20 20.11
N PHE G 140 1.57 21.95 20.01
CA PHE G 140 2.46 20.79 19.93
C PHE G 140 2.86 20.47 18.50
N LYS G 141 2.27 21.17 17.52
CA LYS G 141 2.31 20.75 16.12
C LYS G 141 3.73 20.47 15.66
N ASP G 142 4.64 21.41 15.87
CA ASP G 142 5.99 21.35 15.32
C ASP G 142 7.02 20.85 16.33
N GLU G 143 6.59 20.44 17.52
CA GLU G 143 7.50 20.07 18.57
C GLU G 143 7.92 18.61 18.42
N THR G 144 9.16 18.33 18.84
CA THR G 144 9.66 16.97 18.99
C THR G 144 10.30 16.85 20.35
N PHE G 145 10.22 15.64 20.92
CA PHE G 145 10.54 15.40 22.32
C PHE G 145 11.49 14.23 22.44
N PRO G 146 12.80 14.47 22.33
CA PRO G 146 13.77 13.40 22.52
C PRO G 146 13.72 12.88 23.95
N PRO G 147 14.28 11.69 24.19
CA PRO G 147 14.40 11.22 25.58
C PRO G 147 15.00 12.28 26.48
N GLY G 148 14.41 12.42 27.67
CA GLY G 148 14.87 13.39 28.65
C GLY G 148 14.21 14.74 28.57
N SER G 149 13.64 15.11 27.43
CA SER G 149 12.94 16.38 27.32
C SER G 149 11.64 16.34 28.13
N SER G 150 11.05 17.51 28.33
CA SER G 150 9.90 17.62 29.23
C SER G 150 8.80 18.47 28.63
N ILE G 151 7.56 18.07 28.91
CA ILE G 151 6.37 18.85 28.62
C ILE G 151 5.85 19.30 29.98
N LEU G 152 5.68 20.60 30.16
CA LEU G 152 5.31 21.15 31.46
C LEU G 152 3.95 21.82 31.36
N PHE G 153 3.04 21.40 32.23
CA PHE G 153 1.68 21.90 32.30
C PHE G 153 1.46 22.57 33.64
N THR G 154 0.93 23.78 33.63
CA THR G 154 0.39 24.40 34.83
C THR G 154 -1.13 24.46 34.70
N VAL G 155 -1.82 23.88 35.67
CA VAL G 155 -3.28 23.90 35.73
C VAL G 155 -3.61 24.92 36.81
N SER G 156 -4.22 26.04 36.41
CA SER G 156 -4.39 27.13 37.34
C SER G 156 -5.86 27.55 37.46
N PRO G 157 -6.29 28.01 38.64
CA PRO G 157 -7.64 28.58 38.81
C PRO G 157 -7.66 30.10 38.58
N GLY G 161 -9.18 30.68 34.88
CA GLY G 161 -8.62 29.35 34.84
C GLY G 161 -7.96 29.03 33.52
N SER G 162 -6.93 28.20 33.56
CA SER G 162 -5.99 28.17 32.47
C SER G 162 -5.16 26.90 32.50
N LEU G 163 -4.68 26.51 31.33
CA LEU G 163 -3.64 25.51 31.18
C LEU G 163 -2.45 26.18 30.53
N THR G 164 -1.34 26.22 31.25
CA THR G 164 -0.10 26.77 30.72
C THR G 164 0.78 25.63 30.25
N ILE G 165 1.33 25.77 29.04
CA ILE G 165 2.13 24.75 28.41
C ILE G 165 3.55 25.30 28.26
N SER G 166 4.52 24.57 28.78
CA SER G 166 5.91 24.94 28.66
C SER G 166 6.70 23.72 28.23
N PHE G 167 7.84 23.97 27.61
CA PHE G 167 8.68 22.91 27.06
C PHE G 167 10.11 23.10 27.53
N SER G 168 10.79 21.97 27.72
CA SER G 168 12.18 21.96 28.10
C SER G 168 12.85 20.85 27.32
N LYS G 169 14.09 21.08 26.90
CA LYS G 169 14.83 20.04 26.20
C LYS G 169 15.41 19.02 27.18
N ASP G 170 15.33 19.30 28.49
CA ASP G 170 15.66 18.34 29.53
C ASP G 170 14.60 18.38 30.62
N GLY G 171 14.98 18.16 31.88
CA GLY G 171 14.06 18.20 32.98
C GLY G 171 14.00 19.52 33.71
N SER G 172 14.77 20.51 33.28
CA SER G 172 14.78 21.82 33.91
C SER G 172 13.57 22.65 33.48
N ILE G 173 13.17 23.57 34.33
CA ILE G 173 11.98 24.37 34.08
C ILE G 173 12.38 25.68 33.39
N PRO G 174 11.79 26.02 32.24
CA PRO G 174 12.11 27.30 31.61
C PRO G 174 11.58 28.49 32.39
N GLU G 175 12.11 29.65 32.03
CA GLU G 175 11.78 30.92 32.67
C GLU G 175 10.50 31.54 32.12
N VAL G 176 10.12 31.16 30.91
CA VAL G 176 8.94 31.70 30.24
C VAL G 176 8.18 30.53 29.64
N GLU G 177 6.85 30.54 29.80
CA GLU G 177 6.06 29.47 29.23
C GLU G 177 6.07 29.57 27.71
N THR G 178 5.43 28.60 27.06
CA THR G 178 5.26 28.62 25.62
C THR G 178 3.88 29.13 25.19
N ALA G 179 2.84 28.76 25.91
CA ALA G 179 1.49 29.14 25.52
C ALA G 179 0.57 29.03 26.74
N VAL G 180 -0.52 29.78 26.68
CA VAL G 180 -1.55 29.75 27.72
C VAL G 180 -2.91 29.56 27.04
N ILE G 181 -3.68 28.59 27.53
CA ILE G 181 -4.99 28.29 26.99
C ILE G 181 -6.02 28.52 28.09
N GLU G 182 -6.89 29.50 27.90
CA GLU G 182 -7.90 29.82 28.90
C GLU G 182 -9.09 28.89 28.69
N ASN G 183 -8.98 27.69 29.27
CA ASN G 183 -10.11 26.77 29.28
C ASN G 183 -10.01 25.90 30.52
N LYS G 184 -11.11 25.80 31.27
CA LYS G 184 -11.07 25.08 32.54
C LYS G 184 -11.23 23.58 32.33
N LEU G 185 -11.97 23.16 31.30
CA LEU G 185 -12.14 21.72 31.06
C LEU G 185 -10.88 21.12 30.47
N LEU G 186 -10.23 21.83 29.54
CA LEU G 186 -8.97 21.35 29.01
C LEU G 186 -7.92 21.28 30.11
N SER G 187 -7.84 22.33 30.91
CA SER G 187 -6.85 22.37 31.99
C SER G 187 -7.01 21.18 32.91
N GLN G 188 -8.25 20.83 33.24
CA GLN G 188 -8.53 19.72 34.13
C GLN G 188 -8.41 18.39 33.40
N ALA G 189 -8.86 18.34 32.15
CA ALA G 189 -8.79 17.10 31.37
C ALA G 189 -7.36 16.60 31.24
N VAL G 190 -6.41 17.51 31.00
CA VAL G 190 -5.01 17.09 30.83
C VAL G 190 -4.52 16.37 32.07
N LEU G 191 -4.83 16.92 33.25
CA LEU G 191 -4.45 16.26 34.50
C LEU G 191 -5.31 15.03 34.74
N GLU G 192 -6.61 15.15 34.45
CA GLU G 192 -7.52 14.01 34.52
C GLU G 192 -6.99 12.86 33.67
N SER G 193 -6.47 13.16 32.49
CA SER G 193 -5.94 12.13 31.60
C SER G 193 -4.78 11.37 32.22
N MET G 194 -4.18 11.91 33.28
CA MET G 194 -3.05 11.25 33.95
C MET G 194 -3.47 10.55 35.23
N ILE G 195 -4.26 11.23 36.08
CA ILE G 195 -4.58 10.72 37.40
C ILE G 195 -6.09 10.59 37.63
N GLY G 196 -6.89 10.69 36.57
CA GLY G 196 -8.32 10.56 36.72
C GLY G 196 -8.73 9.10 36.83
N ALA G 197 -10.03 8.86 36.68
CA ALA G 197 -10.52 7.49 36.78
C ALA G 197 -9.95 6.64 35.66
N HIS G 198 -9.78 7.24 34.48
CA HIS G 198 -9.11 6.60 33.36
C HIS G 198 -7.67 7.07 33.23
N GLY G 199 -7.02 7.36 34.35
CA GLY G 199 -5.70 7.96 34.31
C GLY G 199 -4.66 7.00 33.74
N VAL G 200 -3.81 7.53 32.86
CA VAL G 200 -2.84 6.71 32.15
C VAL G 200 -1.60 6.37 32.97
N SER G 201 -1.49 6.86 34.20
CA SER G 201 -0.37 6.55 35.08
C SER G 201 -0.93 6.02 36.40
N PRO G 202 -1.31 4.74 36.44
CA PRO G 202 -1.69 4.13 37.71
C PRO G 202 -0.66 4.30 38.81
N ALA G 203 0.63 4.36 38.46
CA ALA G 203 1.67 4.48 39.48
C ALA G 203 1.70 5.88 40.07
N ALA G 204 1.41 6.91 39.27
CA ALA G 204 1.34 8.26 39.81
C ALA G 204 0.17 8.40 40.78
N LYS G 205 -0.96 7.76 40.48
CA LYS G 205 -2.07 7.74 41.42
C LYS G 205 -1.65 7.11 42.74
N GLN G 206 -1.09 5.89 42.70
CA GLN G 206 -0.63 5.24 43.93
C GLN G 206 0.42 6.08 44.64
N SER G 207 1.30 6.73 43.88
CA SER G 207 2.32 7.55 44.52
C SER G 207 1.68 8.74 45.21
N LEU G 208 0.69 9.35 44.56
CA LEU G 208 -0.05 10.43 45.19
C LEU G 208 -0.78 9.95 46.43
N ALA G 209 -1.41 8.77 46.34
CA ALA G 209 -2.14 8.22 47.48
C ALA G 209 -1.23 8.06 48.69
N SER G 210 -0.11 7.35 48.51
CA SER G 210 0.80 7.13 49.64
C SER G 210 1.37 8.44 50.16
N ARG G 211 1.74 9.34 49.25
CA ARG G 211 2.50 10.51 49.67
C ARG G 211 1.61 11.55 50.32
N LEU G 212 0.37 11.70 49.86
CA LEU G 212 -0.56 12.62 50.50
C LEU G 212 -1.14 12.05 51.79
N SER G 213 -1.42 10.75 51.82
CA SER G 213 -1.93 10.12 53.04
C SER G 213 -0.92 10.26 54.18
N LYS G 214 0.34 9.88 53.92
CA LYS G 214 1.39 10.05 54.92
C LYS G 214 1.55 11.53 55.27
N LEU G 215 1.41 12.40 54.28
CA LEU G 215 1.52 13.84 54.52
C LEU G 215 0.45 14.32 55.47
N PHE G 216 -0.77 13.79 55.35
CA PHE G 216 -1.87 14.28 56.18
C PHE G 216 -1.60 14.00 57.65
N LYS G 217 -1.09 12.81 57.97
CA LYS G 217 -0.50 12.55 59.29
C LYS G 217 0.39 13.71 59.73
N VAL H 6 31.38 -17.60 38.04
CA VAL H 6 31.40 -17.29 36.61
C VAL H 6 32.74 -17.69 36.01
N THR H 7 32.69 -18.63 35.07
CA THR H 7 33.89 -19.23 34.48
C THR H 7 33.82 -19.13 32.96
N ALA H 8 34.99 -19.17 32.32
CA ALA H 8 35.06 -19.30 30.87
C ALA H 8 34.75 -20.73 30.45
N LEU H 9 34.42 -20.92 29.18
CA LEU H 9 34.05 -22.26 28.71
C LEU H 9 34.69 -22.56 27.36
N GLU H 10 34.90 -23.86 27.13
CA GLU H 10 35.54 -24.35 25.91
C GLU H 10 34.59 -25.30 25.21
N ILE H 11 34.26 -25.02 23.95
CA ILE H 11 33.37 -25.88 23.16
C ILE H 11 34.14 -26.26 21.89
N GLU H 12 34.48 -27.54 21.75
CA GLU H 12 35.17 -28.02 20.55
C GLU H 12 36.41 -27.17 20.26
N ASN H 13 37.15 -26.84 21.33
CA ASN H 13 38.42 -26.12 21.25
C ASN H 13 38.28 -24.65 20.93
N TYR H 14 37.06 -24.11 20.96
CA TYR H 14 36.84 -22.67 20.82
C TYR H 14 36.46 -22.12 22.19
N ALA H 15 37.10 -21.03 22.57
CA ALA H 15 37.05 -20.53 23.94
C ALA H 15 36.05 -19.38 24.06
N PHE H 16 35.19 -19.47 25.06
CA PHE H 16 34.25 -18.40 25.35
C PHE H 16 34.60 -17.75 26.69
N PRO H 17 35.05 -16.50 26.71
CA PRO H 17 35.48 -15.88 27.97
C PRO H 17 34.31 -15.67 28.91
N PRO H 18 34.56 -15.36 30.19
CA PRO H 18 33.44 -15.15 31.11
C PRO H 18 32.66 -13.87 30.81
N THR H 19 33.29 -12.89 30.17
CA THR H 19 32.64 -11.65 29.80
C THR H 19 32.96 -11.26 28.35
N VAL H 20 32.06 -10.46 27.77
CA VAL H 20 32.24 -9.85 26.46
C VAL H 20 31.60 -8.47 26.52
N LYS H 21 31.97 -7.63 25.57
CA LYS H 21 31.33 -6.32 25.41
C LYS H 21 30.77 -6.25 23.99
N PRO H 22 29.46 -6.42 23.80
CA PRO H 22 28.91 -6.35 22.45
C PRO H 22 29.14 -5.00 21.83
N PRO H 23 29.09 -4.88 20.50
CA PRO H 23 29.45 -3.62 19.85
C PRO H 23 28.60 -2.46 20.35
N GLY H 24 29.26 -1.45 20.89
CA GLY H 24 28.52 -0.31 21.45
C GLY H 24 27.52 -0.74 22.50
N SER H 25 27.93 -1.61 23.41
CA SER H 25 27.03 -2.26 24.35
C SER H 25 26.88 -1.46 25.64
N THR H 26 27.96 -0.86 26.15
CA THR H 26 27.89 -0.14 27.42
C THR H 26 27.49 -1.04 28.58
N ASN H 27 26.55 -1.96 28.38
CA ASN H 27 26.20 -2.86 29.46
C ASN H 27 27.20 -4.01 29.50
N ASN H 28 27.35 -4.60 30.67
CA ASN H 28 28.21 -5.76 30.86
C ASN H 28 27.43 -7.05 30.69
N PHE H 29 28.11 -8.05 30.13
CA PHE H 29 27.56 -9.37 29.90
C PHE H 29 28.47 -10.41 30.53
N PHE H 30 27.88 -11.53 30.92
CA PHE H 30 28.61 -12.64 31.50
C PHE H 30 28.23 -13.92 30.75
N LEU H 31 29.18 -14.85 30.67
CA LEU H 31 28.92 -16.10 29.95
C LEU H 31 27.91 -16.93 30.72
N GLY H 32 26.70 -17.03 30.19
CA GLY H 32 25.66 -17.83 30.80
C GLY H 32 25.85 -19.31 30.51
N GLY H 33 26.31 -19.63 29.31
CA GLY H 33 26.49 -21.02 28.93
C GLY H 33 26.94 -21.11 27.49
N ALA H 34 27.39 -22.31 27.13
CA ALA H 34 27.83 -22.58 25.77
C ALA H 34 27.61 -24.05 25.47
N GLY H 35 27.45 -24.35 24.19
CA GLY H 35 27.30 -25.73 23.76
C GLY H 35 27.45 -25.82 22.26
N GLU H 36 27.77 -27.02 21.79
CA GLU H 36 27.89 -27.24 20.36
C GLU H 36 26.49 -27.31 19.74
N ARG H 37 26.47 -27.24 18.42
CA ARG H 37 25.24 -27.41 17.65
C ARG H 37 25.58 -28.27 16.45
N GLY H 38 24.97 -29.46 16.39
CA GLY H 38 25.29 -30.40 15.35
C GLY H 38 24.03 -30.95 14.70
N ILE H 39 24.24 -31.57 13.54
CA ILE H 39 23.15 -32.19 12.79
C ILE H 39 23.51 -33.66 12.56
N GLN H 40 22.86 -34.30 11.58
CA GLN H 40 23.07 -35.72 11.29
C GLN H 40 23.22 -35.96 9.79
N ILE H 41 24.41 -36.37 9.34
CA ILE H 41 24.68 -36.67 7.94
C ILE H 41 25.20 -38.10 7.81
N GLN H 42 24.45 -38.92 7.08
CA GLN H 42 24.86 -40.28 6.70
C GLN H 42 25.46 -41.04 7.88
N ASP H 43 24.58 -41.37 8.83
CA ASP H 43 24.92 -42.13 10.02
C ASP H 43 25.89 -41.40 10.96
N LYS H 44 26.24 -40.14 10.68
CA LYS H 44 27.27 -39.44 11.45
C LYS H 44 26.67 -38.17 12.05
N PHE H 45 27.13 -37.82 13.26
CA PHE H 45 26.72 -36.59 13.95
C PHE H 45 27.78 -35.54 13.71
N VAL H 46 27.56 -34.67 12.73
CA VAL H 46 28.53 -33.66 12.34
C VAL H 46 28.30 -32.39 13.15
N LYS H 47 29.35 -31.95 13.84
CA LYS H 47 29.29 -30.74 14.68
C LYS H 47 29.63 -29.52 13.83
N PHE H 48 28.69 -28.57 13.75
CA PHE H 48 28.87 -27.40 12.90
C PHE H 48 29.21 -26.11 13.65
N THR H 49 28.68 -25.87 14.85
CA THR H 49 28.92 -24.59 15.50
C THR H 49 29.09 -24.77 17.00
N ALA H 50 29.73 -23.77 17.60
CA ALA H 50 29.86 -23.67 19.05
C ALA H 50 29.19 -22.37 19.46
N ILE H 51 28.19 -22.47 20.34
CA ILE H 51 27.32 -21.34 20.65
C ILE H 51 27.53 -20.98 22.11
N GLY H 52 27.80 -19.71 22.37
CA GLY H 52 27.93 -19.21 23.72
C GLY H 52 26.92 -18.12 23.94
N VAL H 53 26.12 -18.24 25.01
CA VAL H 53 25.00 -17.35 25.26
C VAL H 53 25.37 -16.50 26.47
N TYR H 54 25.58 -15.22 26.22
CA TYR H 54 25.90 -14.25 27.25
C TYR H 54 24.65 -13.48 27.65
N LEU H 55 24.61 -13.07 28.91
CA LEU H 55 23.50 -12.30 29.42
C LEU H 55 24.02 -11.03 30.06
N GLN H 56 23.17 -10.03 30.02
CA GLN H 56 23.46 -8.72 30.58
C GLN H 56 23.59 -8.79 32.10
N ASP H 57 24.24 -7.78 32.66
CA ASP H 57 24.58 -7.69 34.09
C ASP H 57 23.45 -7.76 35.10
N ILE H 58 22.36 -7.04 34.90
CA ILE H 58 21.28 -7.05 35.87
C ILE H 58 20.33 -8.23 35.70
N ALA H 59 20.66 -9.09 34.74
CA ALA H 59 19.83 -10.25 34.46
C ALA H 59 19.71 -11.24 35.60
N VAL H 60 20.77 -11.48 36.36
CA VAL H 60 20.64 -12.46 37.43
C VAL H 60 19.66 -12.07 38.53
N PRO H 61 19.72 -10.85 39.06
CA PRO H 61 18.71 -10.51 40.08
C PRO H 61 17.30 -10.63 39.53
N TYR H 62 17.06 -10.13 38.31
CA TYR H 62 15.76 -10.35 37.69
C TYR H 62 15.45 -11.83 37.64
N LEU H 63 16.39 -12.63 37.13
CA LEU H 63 16.18 -14.06 37.08
C LEU H 63 16.26 -14.66 38.47
N ALA H 64 16.90 -13.99 39.43
CA ALA H 64 17.01 -14.63 40.73
C ALA H 64 15.63 -14.90 41.36
N GLU H 65 14.71 -13.95 41.27
CA GLU H 65 13.42 -14.12 41.94
C GLU H 65 12.68 -15.35 41.45
N LYS H 66 12.86 -15.69 40.17
CA LYS H 66 11.98 -16.64 39.50
C LYS H 66 12.51 -18.07 39.45
N TRP H 67 13.81 -18.23 39.55
CA TRP H 67 14.37 -19.55 39.45
C TRP H 67 15.30 -19.93 40.59
N LYS H 68 15.42 -19.02 41.56
CA LYS H 68 16.27 -19.25 42.72
C LYS H 68 15.75 -20.46 43.51
N ALA H 69 16.66 -21.26 44.05
CA ALA H 69 16.33 -22.46 44.81
C ALA H 69 16.02 -23.73 43.97
N ARG H 70 16.45 -23.76 42.72
CA ARG H 70 16.24 -24.93 41.88
C ARG H 70 17.52 -25.54 41.25
N SER H 71 17.65 -26.85 41.30
CA SER H 71 18.81 -27.58 40.76
C SER H 71 18.86 -27.58 39.24
N ALA H 72 20.06 -27.72 38.66
CA ALA H 72 20.20 -27.73 37.22
C ALA H 72 19.26 -28.73 36.55
N HIS H 73 19.17 -29.95 37.08
CA HIS H 73 18.31 -30.95 36.45
C HIS H 73 16.87 -30.45 36.36
N GLU H 74 16.37 -29.83 37.44
CA GLU H 74 15.01 -29.29 37.42
C GLU H 74 14.86 -28.13 36.45
N LEU H 75 15.72 -27.10 36.56
CA LEU H 75 15.57 -25.93 35.71
C LEU H 75 15.65 -26.30 34.23
N THR H 76 16.52 -27.26 33.89
CA THR H 76 16.57 -27.72 32.52
C THR H 76 15.18 -28.11 32.05
N ASP H 77 14.35 -28.62 32.96
CA ASP H 77 13.01 -29.12 32.64
C ASP H 77 11.91 -28.08 32.69
N THR H 78 12.17 -26.84 33.09
CA THR H 78 11.12 -25.83 33.21
C THR H 78 11.22 -24.91 32.00
N VAL H 79 10.16 -24.86 31.20
CA VAL H 79 10.20 -24.10 29.96
C VAL H 79 10.05 -22.61 30.28
N PRO H 80 9.35 -22.21 31.35
CA PRO H 80 9.33 -20.77 31.66
C PRO H 80 10.72 -20.24 31.99
N PHE H 81 11.66 -21.10 32.39
CA PHE H 81 13.01 -20.65 32.67
C PHE H 81 13.72 -20.21 31.40
N PHE H 82 13.64 -21.03 30.35
CA PHE H 82 14.29 -20.69 29.09
C PHE H 82 13.52 -19.64 28.31
N ARG H 83 12.18 -19.75 28.27
CA ARG H 83 11.40 -18.70 27.64
C ARG H 83 11.66 -17.36 28.32
N ASP H 84 11.94 -17.39 29.63
CA ASP H 84 12.31 -16.17 30.34
C ASP H 84 13.67 -15.65 29.87
N ILE H 85 14.64 -16.55 29.69
CA ILE H 85 15.94 -16.14 29.18
C ILE H 85 15.81 -15.45 27.84
N VAL H 86 14.95 -15.98 26.97
CA VAL H 86 14.81 -15.44 25.63
C VAL H 86 14.07 -14.12 25.62
N THR H 87 12.95 -14.06 26.31
CA THR H 87 12.05 -12.91 26.21
C THR H 87 12.21 -11.94 27.37
N GLY H 88 13.08 -12.25 28.32
CA GLY H 88 13.25 -11.44 29.50
C GLY H 88 13.60 -9.99 29.19
N PRO H 89 13.42 -9.12 30.19
CA PRO H 89 13.75 -7.69 30.04
C PRO H 89 15.23 -7.42 30.33
N PHE H 90 16.09 -8.06 29.55
CA PHE H 90 17.53 -7.87 29.68
C PHE H 90 18.12 -8.12 28.31
N GLU H 91 19.32 -7.62 28.11
CA GLU H 91 19.97 -7.83 26.82
C GLU H 91 20.59 -9.23 26.78
N LYS H 92 20.50 -9.85 25.62
CA LYS H 92 21.12 -11.14 25.36
C LYS H 92 22.10 -10.98 24.21
N PHE H 93 23.19 -11.72 24.29
CA PHE H 93 24.21 -11.69 23.26
C PHE H 93 24.69 -13.11 22.99
N MET H 94 24.67 -13.50 21.72
CA MET H 94 25.02 -14.85 21.31
C MET H 94 26.19 -14.79 20.34
N ARG H 95 27.20 -15.62 20.58
CA ARG H 95 28.28 -15.84 19.63
C ARG H 95 28.08 -17.19 18.98
N VAL H 96 28.05 -17.22 17.66
CA VAL H 96 28.04 -18.46 16.91
C VAL H 96 29.38 -18.52 16.18
N THR H 97 30.26 -19.41 16.65
CA THR H 97 31.56 -19.61 16.02
C THR H 97 31.54 -20.88 15.22
N MET H 98 31.94 -20.77 13.96
CA MET H 98 31.86 -21.90 13.06
C MET H 98 32.97 -22.89 13.40
N ILE H 99 32.58 -24.15 13.59
CA ILE H 99 33.56 -25.20 13.73
C ILE H 99 33.99 -25.64 12.35
N LEU H 100 33.03 -25.80 11.47
CA LEU H 100 33.20 -26.07 10.06
C LEU H 100 32.82 -24.87 9.21
N PRO H 101 33.35 -24.76 8.00
CA PRO H 101 33.07 -23.58 7.18
C PRO H 101 31.63 -23.52 6.75
N LEU H 102 31.07 -22.31 6.77
CA LEU H 102 29.72 -22.06 6.29
C LEU H 102 29.74 -20.80 5.45
N THR H 103 28.98 -20.80 4.35
CA THR H 103 28.70 -19.55 3.67
C THR H 103 27.52 -18.87 4.36
N GLY H 104 27.44 -17.55 4.18
CA GLY H 104 26.33 -16.82 4.75
C GLY H 104 24.98 -17.28 4.23
N HIS H 105 24.93 -17.68 2.96
CA HIS H 105 23.69 -18.22 2.41
C HIS H 105 23.27 -19.49 3.15
N GLN H 106 24.21 -20.43 3.33
CA GLN H 106 23.89 -21.65 4.07
C GLN H 106 23.37 -21.32 5.47
N TYR H 107 24.01 -20.37 6.15
CA TYR H 107 23.61 -20.07 7.52
C TYR H 107 22.24 -19.40 7.56
N SER H 108 22.02 -18.42 6.69
CA SER H 108 20.77 -17.66 6.75
C SER H 108 19.58 -18.50 6.31
N GLU H 109 19.76 -19.43 5.38
CA GLU H 109 18.66 -20.30 5.00
C GLU H 109 18.12 -21.08 6.19
N LYS H 110 18.99 -21.74 6.93
CA LYS H 110 18.52 -22.61 8.01
C LYS H 110 17.87 -21.82 9.14
N VAL H 111 18.46 -20.70 9.55
CA VAL H 111 17.80 -19.90 10.59
C VAL H 111 16.44 -19.41 10.10
N SER H 112 16.37 -18.97 8.84
CA SER H 112 15.17 -18.29 8.34
C SER H 112 13.99 -19.25 8.23
N GLU H 113 14.18 -20.37 7.52
CA GLU H 113 13.10 -21.32 7.29
C GLU H 113 12.55 -21.83 8.62
N ASN H 114 13.44 -22.16 9.56
CA ASN H 114 13.00 -22.46 10.91
C ASN H 114 12.14 -21.33 11.46
N CYS H 115 12.58 -20.08 11.28
CA CYS H 115 11.79 -18.98 11.80
C CYS H 115 10.48 -18.85 11.04
N VAL H 116 10.53 -19.07 9.72
CA VAL H 116 9.31 -19.04 8.91
C VAL H 116 8.43 -20.25 9.21
N ALA H 117 9.05 -21.40 9.51
CA ALA H 117 8.27 -22.57 9.86
C ALA H 117 7.46 -22.28 11.11
N ILE H 118 8.10 -21.74 12.15
CA ILE H 118 7.40 -21.39 13.37
C ILE H 118 6.34 -20.33 13.10
N TRP H 119 6.65 -19.37 12.21
CA TRP H 119 5.73 -18.26 11.96
C TRP H 119 4.60 -18.59 10.98
N LYS H 120 4.88 -19.38 9.93
CA LYS H 120 3.78 -19.72 9.02
C LYS H 120 2.86 -20.77 9.61
N SER H 121 3.34 -21.54 10.59
CA SER H 121 2.47 -22.49 11.29
C SER H 121 1.38 -21.76 12.06
N LEU H 122 1.75 -20.67 12.76
CA LEU H 122 0.82 -19.94 13.61
C LEU H 122 0.24 -18.71 12.91
N GLY H 123 0.47 -18.56 11.62
CA GLY H 123 -0.08 -17.43 10.89
C GLY H 123 0.28 -16.07 11.46
N ILE H 124 1.50 -15.91 11.96
CA ILE H 124 2.01 -14.59 12.32
C ILE H 124 2.99 -14.07 11.29
N TYR H 125 3.22 -14.82 10.22
CA TYR H 125 4.20 -14.41 9.22
C TYR H 125 3.55 -13.31 8.39
N THR H 126 3.70 -12.07 8.85
CA THR H 126 3.21 -10.90 8.14
C THR H 126 4.29 -10.41 7.19
N ASP H 127 3.97 -9.37 6.41
CA ASP H 127 5.01 -8.80 5.56
C ASP H 127 6.10 -8.09 6.37
N GLU H 128 5.80 -7.74 7.60
CA GLU H 128 6.81 -7.12 8.42
C GLU H 128 7.84 -8.19 8.78
N GLU H 129 7.38 -9.33 9.26
CA GLU H 129 8.28 -10.41 9.60
C GLU H 129 8.99 -10.88 8.33
N ALA H 130 8.28 -10.97 7.24
CA ALA H 130 8.89 -11.36 5.97
C ALA H 130 9.95 -10.36 5.55
N LYS H 131 9.69 -9.07 5.76
CA LYS H 131 10.67 -8.04 5.47
C LYS H 131 11.88 -8.19 6.40
N ALA H 132 11.63 -8.49 7.67
CA ALA H 132 12.73 -8.72 8.61
C ALA H 132 13.59 -9.89 8.15
N ILE H 133 12.97 -10.99 7.77
CA ILE H 133 13.70 -12.16 7.28
C ILE H 133 14.49 -11.81 6.03
N ASP H 134 13.85 -11.13 5.08
CA ASP H 134 14.52 -10.80 3.83
C ASP H 134 15.74 -9.89 4.07
N LYS H 135 15.62 -8.96 5.02
CA LYS H 135 16.80 -8.17 5.42
C LYS H 135 17.85 -9.07 6.08
N PHE H 136 17.40 -9.91 7.01
CA PHE H 136 18.28 -10.88 7.65
C PHE H 136 19.10 -11.63 6.61
N VAL H 137 18.44 -12.16 5.60
CA VAL H 137 19.14 -12.87 4.53
C VAL H 137 20.06 -11.91 3.79
N SER H 138 19.62 -10.66 3.61
CA SER H 138 20.43 -9.67 2.91
C SER H 138 21.72 -9.37 3.67
N VAL H 139 21.63 -9.30 5.01
CA VAL H 139 22.82 -9.03 5.81
C VAL H 139 23.87 -10.12 5.58
N PHE H 140 23.42 -11.37 5.48
CA PHE H 140 24.31 -12.53 5.40
C PHE H 140 24.69 -12.90 3.97
N LYS H 141 24.08 -12.28 2.97
CA LYS H 141 24.13 -12.80 1.61
C LYS H 141 25.57 -13.01 1.15
N ASP H 142 26.40 -12.01 1.32
CA ASP H 142 27.78 -12.07 0.86
C ASP H 142 28.83 -12.65 1.80
N GLU H 143 28.47 -12.89 3.06
CA GLU H 143 29.42 -13.40 4.04
C GLU H 143 29.88 -14.85 3.90
N THR H 144 31.12 -15.10 4.32
CA THR H 144 31.72 -16.41 4.35
C THR H 144 32.23 -16.57 5.76
N PHE H 145 32.14 -17.78 6.28
CA PHE H 145 32.46 -18.05 7.69
C PHE H 145 33.42 -19.22 7.79
N PRO H 146 34.72 -18.97 7.72
CA PRO H 146 35.70 -20.04 7.93
C PRO H 146 35.64 -20.54 9.35
N PRO H 147 36.22 -21.71 9.63
CA PRO H 147 36.37 -22.14 11.03
C PRO H 147 36.95 -21.03 11.88
N GLY H 148 36.39 -20.85 13.07
CA GLY H 148 36.86 -19.84 13.99
C GLY H 148 36.19 -18.49 13.85
N SER H 149 35.60 -18.19 12.70
CA SER H 149 34.88 -16.94 12.54
C SER H 149 33.61 -16.96 13.38
N SER H 150 33.00 -15.79 13.57
CA SER H 150 31.91 -15.66 14.51
C SER H 150 30.77 -14.85 13.92
N ILE H 151 29.55 -15.26 14.27
CA ILE H 151 28.34 -14.51 14.00
C ILE H 151 27.84 -14.02 15.36
N LEU H 152 27.67 -12.72 15.50
CA LEU H 152 27.34 -12.12 16.78
C LEU H 152 25.96 -11.47 16.72
N PHE H 153 25.09 -11.89 17.63
CA PHE H 153 23.73 -11.39 17.72
C PHE H 153 23.55 -10.69 19.06
N THR H 154 23.03 -9.48 19.03
CA THR H 154 22.57 -8.80 20.25
C THR H 154 21.05 -8.72 20.22
N VAL H 155 20.41 -9.27 21.25
CA VAL H 155 18.96 -9.21 21.40
C VAL H 155 18.70 -8.24 22.54
N SER H 156 18.11 -7.09 22.22
CA SER H 156 17.96 -6.05 23.24
C SER H 156 16.51 -5.58 23.34
N PRO H 157 16.08 -5.19 24.55
CA PRO H 157 14.74 -4.62 24.76
C PRO H 157 14.51 -3.35 23.93
N SER H 162 15.06 -5.26 19.03
CA SER H 162 16.21 -5.04 18.15
C SER H 162 17.16 -6.23 18.11
N LEU H 163 17.43 -6.72 16.92
CA LEU H 163 18.45 -7.72 16.69
C LEU H 163 19.61 -7.03 15.97
N THR H 164 20.76 -6.97 16.64
CA THR H 164 21.96 -6.41 16.04
C THR H 164 22.84 -7.56 15.57
N ILE H 165 23.34 -7.44 14.35
CA ILE H 165 24.13 -8.48 13.71
C ILE H 165 25.52 -7.92 13.48
N SER H 166 26.53 -8.64 13.96
CA SER H 166 27.92 -8.28 13.78
C SER H 166 28.69 -9.52 13.36
N PHE H 167 29.81 -9.28 12.70
CA PHE H 167 30.62 -10.37 12.19
C PHE H 167 32.06 -10.16 12.64
N SER H 168 32.74 -11.28 12.88
CA SER H 168 34.15 -11.28 13.25
C SER H 168 34.79 -12.45 12.55
N LYS H 169 36.03 -12.27 12.11
CA LYS H 169 36.74 -13.34 11.45
C LYS H 169 37.37 -14.31 12.45
N ASP H 170 37.36 -13.99 13.74
CA ASP H 170 37.74 -14.92 14.80
C ASP H 170 36.72 -14.85 15.93
N GLY H 171 37.18 -15.00 17.18
CA GLY H 171 36.32 -14.91 18.34
C GLY H 171 36.26 -13.54 18.99
N SER H 172 36.96 -12.57 18.43
CA SER H 172 36.98 -11.21 18.97
C SER H 172 35.73 -10.44 18.58
N ILE H 173 35.39 -9.47 19.40
CA ILE H 173 34.19 -8.65 19.23
C ILE H 173 34.57 -7.40 18.49
N PRO H 174 33.94 -7.05 17.36
CA PRO H 174 34.23 -5.77 16.71
C PRO H 174 33.69 -4.62 17.54
N GLU H 175 34.20 -3.41 17.27
CA GLU H 175 33.68 -2.25 17.99
C GLU H 175 32.40 -1.71 17.38
N VAL H 176 32.10 -2.05 16.14
CA VAL H 176 30.94 -1.52 15.44
C VAL H 176 30.18 -2.68 14.81
N GLU H 177 28.87 -2.67 14.97
CA GLU H 177 28.04 -3.72 14.42
C GLU H 177 28.01 -3.63 12.89
N THR H 178 27.33 -4.60 12.28
CA THR H 178 27.11 -4.61 10.84
C THR H 178 25.72 -4.11 10.46
N ALA H 179 24.69 -4.51 11.20
CA ALA H 179 23.33 -4.16 10.84
C ALA H 179 22.46 -4.31 12.07
N VAL H 180 21.33 -3.60 12.07
CA VAL H 180 20.35 -3.68 13.13
C VAL H 180 18.98 -3.88 12.49
N ILE H 181 18.28 -4.90 12.94
CA ILE H 181 16.97 -5.19 12.43
C ILE H 181 16.01 -5.00 13.57
N GLU H 182 15.27 -3.91 13.53
CA GLU H 182 14.33 -3.60 14.58
C GLU H 182 13.02 -4.34 14.41
N ASN H 183 13.02 -5.58 14.87
CA ASN H 183 11.81 -6.41 14.80
C ASN H 183 11.98 -7.33 15.99
N LYS H 184 10.99 -7.35 16.88
CA LYS H 184 11.22 -8.03 18.14
C LYS H 184 11.01 -9.52 18.00
N LEU H 185 10.16 -9.91 17.06
CA LEU H 185 9.94 -11.34 16.83
C LEU H 185 11.11 -11.98 16.11
N LEU H 186 11.75 -11.25 15.18
CA LEU H 186 12.99 -11.77 14.60
C LEU H 186 14.07 -11.92 15.67
N SER H 187 14.27 -10.87 16.46
CA SER H 187 15.33 -10.89 17.48
C SER H 187 15.15 -12.06 18.45
N GLN H 188 13.91 -12.32 18.86
CA GLN H 188 13.67 -13.39 19.81
C GLN H 188 13.75 -14.76 19.14
N ALA H 189 13.26 -14.86 17.91
CA ALA H 189 13.28 -16.14 17.21
C ALA H 189 14.71 -16.67 17.07
N VAL H 190 15.66 -15.78 16.79
CA VAL H 190 17.06 -16.21 16.62
C VAL H 190 17.55 -16.91 17.89
N LEU H 191 17.28 -16.31 19.04
CA LEU H 191 17.73 -16.88 20.31
C LEU H 191 16.91 -18.11 20.70
N GLU H 192 15.58 -18.06 20.54
CA GLU H 192 14.77 -19.25 20.81
C GLU H 192 15.26 -20.44 20.02
N SER H 193 15.63 -20.20 18.77
CA SER H 193 16.10 -21.27 17.91
C SER H 193 17.34 -21.94 18.48
N MET H 194 18.00 -21.34 19.46
CA MET H 194 19.20 -21.93 20.05
C MET H 194 18.91 -22.63 21.37
N ILE H 195 18.13 -21.99 22.25
CA ILE H 195 17.92 -22.48 23.60
C ILE H 195 16.45 -22.73 23.90
N GLY H 196 15.59 -22.73 22.88
CA GLY H 196 14.17 -22.99 23.04
C GLY H 196 13.81 -24.46 23.14
N ALA H 197 12.52 -24.74 22.98
CA ALA H 197 12.01 -26.10 23.11
C ALA H 197 12.54 -27.02 22.02
N HIS H 198 12.61 -26.53 20.79
CA HIS H 198 13.26 -27.25 19.70
C HIS H 198 14.65 -26.73 19.43
N GLY H 199 15.35 -26.30 20.50
CA GLY H 199 16.61 -25.63 20.31
C GLY H 199 17.65 -26.57 19.73
N VAL H 200 18.43 -26.04 18.78
CA VAL H 200 19.41 -26.84 18.07
C VAL H 200 20.65 -27.10 18.90
N SER H 201 20.72 -26.56 20.12
CA SER H 201 21.82 -26.80 21.04
C SER H 201 21.25 -27.21 22.39
N PRO H 202 20.85 -28.48 22.55
CA PRO H 202 20.51 -28.96 23.90
C PRO H 202 21.62 -28.72 24.90
N ALA H 203 22.87 -28.72 24.45
CA ALA H 203 24.00 -28.57 25.37
C ALA H 203 24.11 -27.15 25.90
N ALA H 204 23.80 -26.16 25.06
CA ALA H 204 23.78 -24.79 25.55
C ALA H 204 22.63 -24.58 26.52
N LYS H 205 21.48 -25.20 26.24
CA LYS H 205 20.38 -25.20 27.19
C LYS H 205 20.84 -25.80 28.51
N GLN H 206 21.41 -27.00 28.43
CA GLN H 206 21.88 -27.71 29.61
C GLN H 206 22.93 -26.90 30.35
N SER H 207 23.79 -26.19 29.61
CA SER H 207 24.87 -25.42 30.24
C SER H 207 24.34 -24.19 30.98
N LEU H 208 23.39 -23.46 30.39
CA LEU H 208 22.79 -22.33 31.09
C LEU H 208 22.10 -22.76 32.36
N ALA H 209 21.43 -23.92 32.34
CA ALA H 209 20.75 -24.41 33.53
C ALA H 209 21.69 -24.49 34.72
N SER H 210 22.85 -25.14 34.55
CA SER H 210 23.78 -25.32 35.65
C SER H 210 24.35 -24.00 36.16
N ARG H 211 24.74 -23.10 35.24
CA ARG H 211 25.58 -21.98 35.65
C ARG H 211 24.82 -20.85 36.33
N LEU H 212 23.57 -20.58 35.95
CA LEU H 212 22.83 -19.53 36.63
C LEU H 212 22.36 -19.99 38.01
N SER H 213 21.98 -21.27 38.12
CA SER H 213 21.61 -21.81 39.43
C SER H 213 22.78 -21.72 40.40
N LYS H 214 23.96 -22.20 39.99
CA LYS H 214 25.16 -22.08 40.82
C LYS H 214 25.50 -20.61 41.05
#